data_1OVP
# 
_entry.id   1OVP 
# 
_audit_conform.dict_name       mmcif_pdbx.dic 
_audit_conform.dict_version    5.387 
_audit_conform.dict_location   http://mmcif.pdb.org/dictionaries/ascii/mmcif_pdbx.dic 
# 
loop_
_database_2.database_id 
_database_2.database_code 
_database_2.pdbx_database_accession 
_database_2.pdbx_DOI 
PDB   1OVP         pdb_00001ovp 10.2210/pdb1ovp/pdb 
RCSB  RCSB018712   ?            ?                   
WWPDB D_1000018712 ?            ?                   
# 
loop_
_pdbx_audit_revision_history.ordinal 
_pdbx_audit_revision_history.data_content_type 
_pdbx_audit_revision_history.major_revision 
_pdbx_audit_revision_history.minor_revision 
_pdbx_audit_revision_history.revision_date 
1 'Structure model' 1 0 2003-09-09 
2 'Structure model' 1 1 2008-04-29 
3 'Structure model' 1 2 2011-07-13 
4 'Structure model' 1 3 2020-07-29 
5 'Structure model' 1 4 2024-03-13 
# 
loop_
_pdbx_audit_revision_details.ordinal 
_pdbx_audit_revision_details.revision_ordinal 
_pdbx_audit_revision_details.data_content_type 
_pdbx_audit_revision_details.provider 
_pdbx_audit_revision_details.type 
_pdbx_audit_revision_details.description 
_pdbx_audit_revision_details.details 
1 1 'Structure model' repository 'Initial release' ?                          ? 
2 4 'Structure model' repository Remediation       'Carbohydrate remediation' ? 
# 
loop_
_pdbx_audit_revision_group.ordinal 
_pdbx_audit_revision_group.revision_ordinal 
_pdbx_audit_revision_group.data_content_type 
_pdbx_audit_revision_group.group 
1 2 'Structure model' 'Version format compliance' 
2 3 'Structure model' 'Version format compliance' 
3 4 'Structure model' 'Data collection'           
4 4 'Structure model' 'Derived calculations'      
5 4 'Structure model' 'Structure summary'         
6 5 'Structure model' 'Data collection'           
7 5 'Structure model' 'Database references'       
8 5 'Structure model' 'Structure summary'         
# 
loop_
_pdbx_audit_revision_category.ordinal 
_pdbx_audit_revision_category.revision_ordinal 
_pdbx_audit_revision_category.data_content_type 
_pdbx_audit_revision_category.category 
1  4 'Structure model' chem_comp                 
2  4 'Structure model' diffrn_source             
3  4 'Structure model' entity                    
4  4 'Structure model' pdbx_chem_comp_identifier 
5  4 'Structure model' pdbx_entity_nonpoly       
6  4 'Structure model' pdbx_struct_conn_angle    
7  4 'Structure model' struct_conn               
8  4 'Structure model' struct_site               
9  4 'Structure model' struct_site_gen           
10 5 'Structure model' chem_comp                 
11 5 'Structure model' chem_comp_atom            
12 5 'Structure model' chem_comp_bond            
13 5 'Structure model' database_2                
# 
loop_
_pdbx_audit_revision_item.ordinal 
_pdbx_audit_revision_item.revision_ordinal 
_pdbx_audit_revision_item.data_content_type 
_pdbx_audit_revision_item.item 
1  4 'Structure model' '_chem_comp.name'                             
2  4 'Structure model' '_chem_comp.type'                             
3  4 'Structure model' '_diffrn_source.pdbx_synchrotron_site'        
4  4 'Structure model' '_entity.pdbx_description'                    
5  4 'Structure model' '_pdbx_entity_nonpoly.name'                   
6  4 'Structure model' '_pdbx_struct_conn_angle.ptnr1_auth_comp_id'  
7  4 'Structure model' '_pdbx_struct_conn_angle.ptnr1_auth_seq_id'   
8  4 'Structure model' '_pdbx_struct_conn_angle.ptnr1_label_asym_id' 
9  4 'Structure model' '_pdbx_struct_conn_angle.ptnr1_label_atom_id' 
10 4 'Structure model' '_pdbx_struct_conn_angle.ptnr1_label_comp_id' 
11 4 'Structure model' '_pdbx_struct_conn_angle.ptnr1_label_seq_id'  
12 4 'Structure model' '_pdbx_struct_conn_angle.ptnr1_symmetry'      
13 4 'Structure model' '_pdbx_struct_conn_angle.ptnr2_auth_seq_id'   
14 4 'Structure model' '_pdbx_struct_conn_angle.ptnr2_label_asym_id' 
15 4 'Structure model' '_pdbx_struct_conn_angle.ptnr3_auth_comp_id'  
16 4 'Structure model' '_pdbx_struct_conn_angle.ptnr3_auth_seq_id'   
17 4 'Structure model' '_pdbx_struct_conn_angle.ptnr3_label_asym_id' 
18 4 'Structure model' '_pdbx_struct_conn_angle.ptnr3_label_atom_id' 
19 4 'Structure model' '_pdbx_struct_conn_angle.ptnr3_label_comp_id' 
20 4 'Structure model' '_pdbx_struct_conn_angle.ptnr3_label_seq_id'  
21 4 'Structure model' '_pdbx_struct_conn_angle.ptnr3_symmetry'      
22 4 'Structure model' '_pdbx_struct_conn_angle.value'               
23 4 'Structure model' '_struct_conn.pdbx_dist_value'                
24 4 'Structure model' '_struct_conn.ptnr1_auth_comp_id'             
25 4 'Structure model' '_struct_conn.ptnr1_auth_seq_id'              
26 4 'Structure model' '_struct_conn.ptnr1_label_asym_id'            
27 4 'Structure model' '_struct_conn.ptnr1_label_atom_id'            
28 4 'Structure model' '_struct_conn.ptnr1_label_comp_id'            
29 4 'Structure model' '_struct_conn.ptnr1_label_seq_id'             
30 4 'Structure model' '_struct_conn.ptnr1_symmetry'                 
31 4 'Structure model' '_struct_conn.ptnr2_auth_comp_id'             
32 4 'Structure model' '_struct_conn.ptnr2_auth_seq_id'              
33 4 'Structure model' '_struct_conn.ptnr2_label_asym_id'            
34 4 'Structure model' '_struct_conn.ptnr2_label_atom_id'            
35 4 'Structure model' '_struct_conn.ptnr2_label_comp_id'            
36 4 'Structure model' '_struct_conn.ptnr2_label_seq_id'             
37 4 'Structure model' '_struct_conn.ptnr2_symmetry'                 
38 5 'Structure model' '_chem_comp.pdbx_synonyms'                    
39 5 'Structure model' '_database_2.pdbx_DOI'                        
40 5 'Structure model' '_database_2.pdbx_database_accession'         
# 
_pdbx_database_status.status_code                     REL 
_pdbx_database_status.entry_id                        1OVP 
_pdbx_database_status.recvd_initial_deposition_date   2003-03-27 
_pdbx_database_status.deposit_site                    RCSB 
_pdbx_database_status.process_site                    PDBJ 
_pdbx_database_status.status_code_sf                  REL 
_pdbx_database_status.SG_entry                        . 
_pdbx_database_status.pdb_format_compatible           Y 
_pdbx_database_status.status_code_mr                  ? 
_pdbx_database_status.status_code_cs                  ? 
_pdbx_database_status.status_code_nmr_data            ? 
_pdbx_database_status.methods_development_category    ? 
# 
loop_
_pdbx_database_related.db_name 
_pdbx_database_related.db_id 
_pdbx_database_related.details 
_pdbx_database_related.content_type 
PDB 1gzt 'LecB fucose complex'                   unspecified 
PDB 1our 'LecB mannose complex'                  unspecified 
PDB 1ous 'LecB metal-free'                       unspecified 
PDB 1oux 'LecB ligand-free'                      unspecified 
PDB 1ovs 'LecB complexed with core trimannoside' unspecified 
# 
loop_
_audit_author.name 
_audit_author.pdbx_ordinal 
'Loris, R.'     1 
'Tielker, D.'   2 
'Jaeger, K.-E.' 3 
'Wyns, L.'      4 
# 
_citation.id                        primary 
_citation.title                     'Structural Basis of Carbohydrate Recognition by the Lectin LecB from Pseudomonas aeruginosa' 
_citation.journal_abbrev            J.MOL.BIOL. 
_citation.journal_volume            331 
_citation.page_first                861 
_citation.page_last                 870 
_citation.year                      2003 
_citation.journal_id_ASTM           JMOBAK 
_citation.country                   UK 
_citation.journal_id_ISSN           0022-2836 
_citation.journal_id_CSD            0070 
_citation.book_publisher            ? 
_citation.pdbx_database_id_PubMed   12909014 
_citation.pdbx_database_id_DOI      '10.1016/S0022-2836(03)00754-X' 
# 
loop_
_citation_author.citation_id 
_citation_author.name 
_citation_author.ordinal 
_citation_author.identifier_ORCID 
primary 'Loris, R.'     1 ? 
primary 'Tielker, D.'   2 ? 
primary 'Jaeger, K.-E.' 3 ? 
primary 'Wyns, L.'      4 ? 
# 
loop_
_entity.id 
_entity.type 
_entity.src_method 
_entity.pdbx_description 
_entity.formula_weight 
_entity.pdbx_number_of_molecules 
_entity.pdbx_ec 
_entity.pdbx_mutation 
_entity.pdbx_fragment 
_entity.details 
1 polymer     man 'hypothetical protein LecB' 11734.707 1   ? ? ? ? 
2 non-polymer man beta-D-fructopyranose       180.156   1   ? ? ? ? 
3 non-polymer syn 'CALCIUM ION'               40.078    2   ? ? ? ? 
4 water       nat water                       18.015    184 ? ? ? ? 
# 
_entity_name_com.entity_id   1 
_entity_name_com.name        LecB 
# 
_entity_poly.entity_id                      1 
_entity_poly.type                           'polypeptide(L)' 
_entity_poly.nstd_linkage                   no 
_entity_poly.nstd_monomer                   no 
_entity_poly.pdbx_seq_one_letter_code       
;ATQGVFTLPANTRFGVTAFANSSGTQTVNVLVNNETAATFSGQSTNNAVIGTQVLNSGSSGKVQVQVSVNGRPSDLVSAQ
VILTNELNFALVGSEDGTDNDYNDAVVVINWPLG
;
_entity_poly.pdbx_seq_one_letter_code_can   
;ATQGVFTLPANTRFGVTAFANSSGTQTVNVLVNNETAATFSGQSTNNAVIGTQVLNSGSSGKVQVQVSVNGRPSDLVSAQ
VILTNELNFALVGSEDGTDNDYNDAVVVINWPLG
;
_entity_poly.pdbx_strand_id                 A 
_entity_poly.pdbx_target_identifier         ? 
# 
loop_
_pdbx_entity_nonpoly.entity_id 
_pdbx_entity_nonpoly.name 
_pdbx_entity_nonpoly.comp_id 
2 beta-D-fructopyranose BDF 
3 'CALCIUM ION'         CA  
4 water                 HOH 
# 
loop_
_entity_poly_seq.entity_id 
_entity_poly_seq.num 
_entity_poly_seq.mon_id 
_entity_poly_seq.hetero 
1 1   ALA n 
1 2   THR n 
1 3   GLN n 
1 4   GLY n 
1 5   VAL n 
1 6   PHE n 
1 7   THR n 
1 8   LEU n 
1 9   PRO n 
1 10  ALA n 
1 11  ASN n 
1 12  THR n 
1 13  ARG n 
1 14  PHE n 
1 15  GLY n 
1 16  VAL n 
1 17  THR n 
1 18  ALA n 
1 19  PHE n 
1 20  ALA n 
1 21  ASN n 
1 22  SER n 
1 23  SER n 
1 24  GLY n 
1 25  THR n 
1 26  GLN n 
1 27  THR n 
1 28  VAL n 
1 29  ASN n 
1 30  VAL n 
1 31  LEU n 
1 32  VAL n 
1 33  ASN n 
1 34  ASN n 
1 35  GLU n 
1 36  THR n 
1 37  ALA n 
1 38  ALA n 
1 39  THR n 
1 40  PHE n 
1 41  SER n 
1 42  GLY n 
1 43  GLN n 
1 44  SER n 
1 45  THR n 
1 46  ASN n 
1 47  ASN n 
1 48  ALA n 
1 49  VAL n 
1 50  ILE n 
1 51  GLY n 
1 52  THR n 
1 53  GLN n 
1 54  VAL n 
1 55  LEU n 
1 56  ASN n 
1 57  SER n 
1 58  GLY n 
1 59  SER n 
1 60  SER n 
1 61  GLY n 
1 62  LYS n 
1 63  VAL n 
1 64  GLN n 
1 65  VAL n 
1 66  GLN n 
1 67  VAL n 
1 68  SER n 
1 69  VAL n 
1 70  ASN n 
1 71  GLY n 
1 72  ARG n 
1 73  PRO n 
1 74  SER n 
1 75  ASP n 
1 76  LEU n 
1 77  VAL n 
1 78  SER n 
1 79  ALA n 
1 80  GLN n 
1 81  VAL n 
1 82  ILE n 
1 83  LEU n 
1 84  THR n 
1 85  ASN n 
1 86  GLU n 
1 87  LEU n 
1 88  ASN n 
1 89  PHE n 
1 90  ALA n 
1 91  LEU n 
1 92  VAL n 
1 93  GLY n 
1 94  SER n 
1 95  GLU n 
1 96  ASP n 
1 97  GLY n 
1 98  THR n 
1 99  ASP n 
1 100 ASN n 
1 101 ASP n 
1 102 TYR n 
1 103 ASN n 
1 104 ASP n 
1 105 ALA n 
1 106 VAL n 
1 107 VAL n 
1 108 VAL n 
1 109 ILE n 
1 110 ASN n 
1 111 TRP n 
1 112 PRO n 
1 113 LEU n 
1 114 GLY n 
# 
_entity_src_gen.entity_id                          1 
_entity_src_gen.pdbx_src_id                        1 
_entity_src_gen.pdbx_alt_source_flag               sample 
_entity_src_gen.pdbx_seq_type                      ? 
_entity_src_gen.pdbx_beg_seq_num                   ? 
_entity_src_gen.pdbx_end_seq_num                   ? 
_entity_src_gen.gene_src_common_name               ? 
_entity_src_gen.gene_src_genus                     Pseudomonas 
_entity_src_gen.pdbx_gene_src_gene                 LecB 
_entity_src_gen.gene_src_species                   ? 
_entity_src_gen.gene_src_strain                    ? 
_entity_src_gen.gene_src_tissue                    ? 
_entity_src_gen.gene_src_tissue_fraction           ? 
_entity_src_gen.gene_src_details                   ? 
_entity_src_gen.pdbx_gene_src_fragment             ? 
_entity_src_gen.pdbx_gene_src_scientific_name      'Pseudomonas aeruginosa' 
_entity_src_gen.pdbx_gene_src_ncbi_taxonomy_id     287 
_entity_src_gen.pdbx_gene_src_variant              ? 
_entity_src_gen.pdbx_gene_src_cell_line            ? 
_entity_src_gen.pdbx_gene_src_atcc                 ? 
_entity_src_gen.pdbx_gene_src_organ                ? 
_entity_src_gen.pdbx_gene_src_organelle            ? 
_entity_src_gen.pdbx_gene_src_cell                 ? 
_entity_src_gen.pdbx_gene_src_cellular_location    ? 
_entity_src_gen.host_org_common_name               ? 
_entity_src_gen.pdbx_host_org_scientific_name      'Escherichia coli' 
_entity_src_gen.pdbx_host_org_ncbi_taxonomy_id     562 
_entity_src_gen.host_org_genus                     Escherichia 
_entity_src_gen.pdbx_host_org_gene                 ? 
_entity_src_gen.pdbx_host_org_organ                ? 
_entity_src_gen.host_org_species                   ? 
_entity_src_gen.pdbx_host_org_tissue               ? 
_entity_src_gen.pdbx_host_org_tissue_fraction      ? 
_entity_src_gen.pdbx_host_org_strain               ? 
_entity_src_gen.pdbx_host_org_variant              ? 
_entity_src_gen.pdbx_host_org_cell_line            ? 
_entity_src_gen.pdbx_host_org_atcc                 ? 
_entity_src_gen.pdbx_host_org_culture_collection   ? 
_entity_src_gen.pdbx_host_org_cell                 ? 
_entity_src_gen.pdbx_host_org_organelle            ? 
_entity_src_gen.pdbx_host_org_cellular_location    ? 
_entity_src_gen.pdbx_host_org_vector_type          plasmid 
_entity_src_gen.pdbx_host_org_vector               ? 
_entity_src_gen.host_org_details                   ? 
_entity_src_gen.expression_system_id               ? 
_entity_src_gen.plasmid_name                       pET22a 
_entity_src_gen.plasmid_details                    ? 
_entity_src_gen.pdbx_description                   ? 
# 
loop_
_chem_comp.id 
_chem_comp.type 
_chem_comp.mon_nstd_flag 
_chem_comp.name 
_chem_comp.pdbx_synonyms 
_chem_comp.formula 
_chem_comp.formula_weight 
ALA 'L-peptide linking'          y ALANINE               ?                                       'C3 H7 N O2'     89.093  
ARG 'L-peptide linking'          y ARGININE              ?                                       'C6 H15 N4 O2 1' 175.209 
ASN 'L-peptide linking'          y ASPARAGINE            ?                                       'C4 H8 N2 O3'    132.118 
ASP 'L-peptide linking'          y 'ASPARTIC ACID'       ?                                       'C4 H7 N O4'     133.103 
BDF 'D-saccharide, beta linking' . beta-D-fructopyranose 'beta-D-fructose; D-fructose; fructose' 'C6 H12 O6'      180.156 
CA  non-polymer                  . 'CALCIUM ION'         ?                                       'Ca 2'           40.078  
GLN 'L-peptide linking'          y GLUTAMINE             ?                                       'C5 H10 N2 O3'   146.144 
GLU 'L-peptide linking'          y 'GLUTAMIC ACID'       ?                                       'C5 H9 N O4'     147.129 
GLY 'peptide linking'            y GLYCINE               ?                                       'C2 H5 N O2'     75.067  
HOH non-polymer                  . WATER                 ?                                       'H2 O'           18.015  
ILE 'L-peptide linking'          y ISOLEUCINE            ?                                       'C6 H13 N O2'    131.173 
LEU 'L-peptide linking'          y LEUCINE               ?                                       'C6 H13 N O2'    131.173 
LYS 'L-peptide linking'          y LYSINE                ?                                       'C6 H15 N2 O2 1' 147.195 
PHE 'L-peptide linking'          y PHENYLALANINE         ?                                       'C9 H11 N O2'    165.189 
PRO 'L-peptide linking'          y PROLINE               ?                                       'C5 H9 N O2'     115.130 
SER 'L-peptide linking'          y SERINE                ?                                       'C3 H7 N O3'     105.093 
THR 'L-peptide linking'          y THREONINE             ?                                       'C4 H9 N O3'     119.119 
TRP 'L-peptide linking'          y TRYPTOPHAN            ?                                       'C11 H12 N2 O2'  204.225 
TYR 'L-peptide linking'          y TYROSINE              ?                                       'C9 H11 N O3'    181.189 
VAL 'L-peptide linking'          y VALINE                ?                                       'C5 H11 N O2'    117.146 
# 
loop_
_pdbx_chem_comp_identifier.comp_id 
_pdbx_chem_comp_identifier.type 
_pdbx_chem_comp_identifier.program 
_pdbx_chem_comp_identifier.program_version 
_pdbx_chem_comp_identifier.identifier 
BDF 'CONDENSED IUPAC CARBOHYDRATE SYMBOL' GMML     1.0 DFrupb             
BDF 'COMMON NAME'                         GMML     1.0 b-D-fructopyranose 
BDF 'IUPAC CARBOHYDRATE SYMBOL'           PDB-CARE 1.0 b-D-Frup           
BDF 'SNFG CARBOHYDRATE SYMBOL'            GMML     1.0 Fru                
# 
loop_
_pdbx_poly_seq_scheme.asym_id 
_pdbx_poly_seq_scheme.entity_id 
_pdbx_poly_seq_scheme.seq_id 
_pdbx_poly_seq_scheme.mon_id 
_pdbx_poly_seq_scheme.ndb_seq_num 
_pdbx_poly_seq_scheme.pdb_seq_num 
_pdbx_poly_seq_scheme.auth_seq_num 
_pdbx_poly_seq_scheme.pdb_mon_id 
_pdbx_poly_seq_scheme.auth_mon_id 
_pdbx_poly_seq_scheme.pdb_strand_id 
_pdbx_poly_seq_scheme.pdb_ins_code 
_pdbx_poly_seq_scheme.hetero 
A 1 1   ALA 1   1   1   ALA ALA A . n 
A 1 2   THR 2   2   2   THR THR A . n 
A 1 3   GLN 3   3   3   GLN GLN A . n 
A 1 4   GLY 4   4   4   GLY GLY A . n 
A 1 5   VAL 5   5   5   VAL VAL A . n 
A 1 6   PHE 6   6   6   PHE PHE A . n 
A 1 7   THR 7   7   7   THR THR A . n 
A 1 8   LEU 8   8   8   LEU LEU A . n 
A 1 9   PRO 9   9   9   PRO PRO A . n 
A 1 10  ALA 10  10  10  ALA ALA A . n 
A 1 11  ASN 11  11  11  ASN ASN A . n 
A 1 12  THR 12  12  12  THR THR A . n 
A 1 13  ARG 13  13  13  ARG ARG A . n 
A 1 14  PHE 14  14  14  PHE PHE A . n 
A 1 15  GLY 15  15  15  GLY GLY A . n 
A 1 16  VAL 16  16  16  VAL VAL A . n 
A 1 17  THR 17  17  17  THR THR A . n 
A 1 18  ALA 18  18  18  ALA ALA A . n 
A 1 19  PHE 19  19  19  PHE PHE A . n 
A 1 20  ALA 20  20  20  ALA ALA A . n 
A 1 21  ASN 21  21  21  ASN ASN A . n 
A 1 22  SER 22  22  22  SER SER A . n 
A 1 23  SER 23  23  23  SER SER A . n 
A 1 24  GLY 24  24  24  GLY GLY A . n 
A 1 25  THR 25  25  25  THR THR A . n 
A 1 26  GLN 26  26  26  GLN GLN A . n 
A 1 27  THR 27  27  27  THR THR A . n 
A 1 28  VAL 28  28  28  VAL VAL A . n 
A 1 29  ASN 29  29  29  ASN ASN A . n 
A 1 30  VAL 30  30  30  VAL VAL A . n 
A 1 31  LEU 31  31  31  LEU LEU A . n 
A 1 32  VAL 32  32  32  VAL VAL A . n 
A 1 33  ASN 33  33  33  ASN ASN A . n 
A 1 34  ASN 34  34  34  ASN ASN A . n 
A 1 35  GLU 35  35  35  GLU GLU A . n 
A 1 36  THR 36  36  36  THR THR A . n 
A 1 37  ALA 37  37  37  ALA ALA A . n 
A 1 38  ALA 38  38  38  ALA ALA A . n 
A 1 39  THR 39  39  39  THR THR A . n 
A 1 40  PHE 40  40  40  PHE PHE A . n 
A 1 41  SER 41  41  41  SER SER A . n 
A 1 42  GLY 42  42  42  GLY GLY A . n 
A 1 43  GLN 43  43  43  GLN GLN A . n 
A 1 44  SER 44  44  44  SER SER A . n 
A 1 45  THR 45  45  45  THR THR A . n 
A 1 46  ASN 46  46  46  ASN ASN A . n 
A 1 47  ASN 47  47  47  ASN ASN A . n 
A 1 48  ALA 48  48  48  ALA ALA A . n 
A 1 49  VAL 49  49  49  VAL VAL A . n 
A 1 50  ILE 50  50  50  ILE ILE A . n 
A 1 51  GLY 51  51  51  GLY GLY A . n 
A 1 52  THR 52  52  52  THR THR A . n 
A 1 53  GLN 53  53  53  GLN GLN A . n 
A 1 54  VAL 54  54  54  VAL VAL A . n 
A 1 55  LEU 55  55  55  LEU LEU A . n 
A 1 56  ASN 56  56  56  ASN ASN A . n 
A 1 57  SER 57  57  57  SER SER A . n 
A 1 58  GLY 58  58  58  GLY GLY A . n 
A 1 59  SER 59  59  59  SER SER A . n 
A 1 60  SER 60  60  60  SER SER A . n 
A 1 61  GLY 61  61  61  GLY GLY A . n 
A 1 62  LYS 62  62  62  LYS LYS A . n 
A 1 63  VAL 63  63  63  VAL VAL A . n 
A 1 64  GLN 64  64  64  GLN GLN A . n 
A 1 65  VAL 65  65  65  VAL VAL A . n 
A 1 66  GLN 66  66  66  GLN GLN A . n 
A 1 67  VAL 67  67  67  VAL VAL A . n 
A 1 68  SER 68  68  68  SER SER A . n 
A 1 69  VAL 69  69  69  VAL VAL A . n 
A 1 70  ASN 70  70  70  ASN ASN A . n 
A 1 71  GLY 71  71  71  GLY GLY A . n 
A 1 72  ARG 72  72  72  ARG ARG A . n 
A 1 73  PRO 73  73  73  PRO PRO A . n 
A 1 74  SER 74  74  74  SER SER A . n 
A 1 75  ASP 75  75  75  ASP ASP A . n 
A 1 76  LEU 76  76  76  LEU LEU A . n 
A 1 77  VAL 77  77  77  VAL VAL A . n 
A 1 78  SER 78  78  78  SER SER A . n 
A 1 79  ALA 79  79  79  ALA ALA A . n 
A 1 80  GLN 80  80  80  GLN GLN A . n 
A 1 81  VAL 81  81  81  VAL VAL A . n 
A 1 82  ILE 82  82  82  ILE ILE A . n 
A 1 83  LEU 83  83  83  LEU LEU A . n 
A 1 84  THR 84  84  84  THR THR A . n 
A 1 85  ASN 85  85  85  ASN ASN A . n 
A 1 86  GLU 86  86  86  GLU GLU A . n 
A 1 87  LEU 87  87  87  LEU LEU A . n 
A 1 88  ASN 88  88  88  ASN ASN A . n 
A 1 89  PHE 89  89  89  PHE PHE A . n 
A 1 90  ALA 90  90  90  ALA ALA A . n 
A 1 91  LEU 91  91  91  LEU LEU A . n 
A 1 92  VAL 92  92  92  VAL VAL A . n 
A 1 93  GLY 93  93  93  GLY GLY A . n 
A 1 94  SER 94  94  94  SER SER A . n 
A 1 95  GLU 95  95  95  GLU GLU A . n 
A 1 96  ASP 96  96  96  ASP ASP A . n 
A 1 97  GLY 97  97  97  GLY GLY A . n 
A 1 98  THR 98  98  98  THR THR A . n 
A 1 99  ASP 99  99  99  ASP ASP A . n 
A 1 100 ASN 100 100 100 ASN ASN A . n 
A 1 101 ASP 101 101 101 ASP ASP A . n 
A 1 102 TYR 102 102 102 TYR TYR A . n 
A 1 103 ASN 103 103 103 ASN ASN A . n 
A 1 104 ASP 104 104 104 ASP ASP A . n 
A 1 105 ALA 105 105 105 ALA ALA A . n 
A 1 106 VAL 106 106 106 VAL VAL A . n 
A 1 107 VAL 107 107 107 VAL VAL A . n 
A 1 108 VAL 108 108 108 VAL VAL A . n 
A 1 109 ILE 109 109 109 ILE ILE A . n 
A 1 110 ASN 110 110 110 ASN ASN A . n 
A 1 111 TRP 111 111 111 TRP TRP A . n 
A 1 112 PRO 112 112 112 PRO PRO A . n 
A 1 113 LEU 113 113 113 LEU LEU A . n 
A 1 114 GLY 114 114 114 GLY GLY A . n 
# 
loop_
_pdbx_nonpoly_scheme.asym_id 
_pdbx_nonpoly_scheme.entity_id 
_pdbx_nonpoly_scheme.mon_id 
_pdbx_nonpoly_scheme.ndb_seq_num 
_pdbx_nonpoly_scheme.pdb_seq_num 
_pdbx_nonpoly_scheme.auth_seq_num 
_pdbx_nonpoly_scheme.pdb_mon_id 
_pdbx_nonpoly_scheme.auth_mon_id 
_pdbx_nonpoly_scheme.pdb_strand_id 
_pdbx_nonpoly_scheme.pdb_ins_code 
B 2 BDF 1   115 115 BDF FRU A . 
C 3 CA  1   116 116 CA  CA  A . 
D 3 CA  1   117 117 CA  CA  A . 
E 4 HOH 1   201 201 HOH HOH A . 
E 4 HOH 2   202 202 HOH HOH A . 
E 4 HOH 3   203 203 HOH HOH A . 
E 4 HOH 4   204 204 HOH HOH A . 
E 4 HOH 5   205 205 HOH HOH A . 
E 4 HOH 6   206 206 HOH HOH A . 
E 4 HOH 7   207 207 HOH HOH A . 
E 4 HOH 8   208 208 HOH HOH A . 
E 4 HOH 9   209 209 HOH HOH A . 
E 4 HOH 10  210 210 HOH HOH A . 
E 4 HOH 11  211 211 HOH HOH A . 
E 4 HOH 12  212 212 HOH HOH A . 
E 4 HOH 13  213 213 HOH HOH A . 
E 4 HOH 14  214 214 HOH HOH A . 
E 4 HOH 15  215 215 HOH HOH A . 
E 4 HOH 16  216 216 HOH HOH A . 
E 4 HOH 17  217 217 HOH HOH A . 
E 4 HOH 18  218 218 HOH HOH A . 
E 4 HOH 19  219 219 HOH HOH A . 
E 4 HOH 20  220 220 HOH HOH A . 
E 4 HOH 21  221 221 HOH HOH A . 
E 4 HOH 22  222 222 HOH HOH A . 
E 4 HOH 23  223 223 HOH HOH A . 
E 4 HOH 24  224 224 HOH HOH A . 
E 4 HOH 25  225 225 HOH HOH A . 
E 4 HOH 26  226 226 HOH HOH A . 
E 4 HOH 27  227 227 HOH HOH A . 
E 4 HOH 28  228 228 HOH HOH A . 
E 4 HOH 29  229 229 HOH HOH A . 
E 4 HOH 30  230 230 HOH HOH A . 
E 4 HOH 31  231 231 HOH HOH A . 
E 4 HOH 32  232 232 HOH HOH A . 
E 4 HOH 33  233 233 HOH HOH A . 
E 4 HOH 34  234 234 HOH HOH A . 
E 4 HOH 35  235 235 HOH HOH A . 
E 4 HOH 36  236 236 HOH HOH A . 
E 4 HOH 37  237 237 HOH HOH A . 
E 4 HOH 38  238 238 HOH HOH A . 
E 4 HOH 39  239 239 HOH HOH A . 
E 4 HOH 40  240 240 HOH HOH A . 
E 4 HOH 41  241 241 HOH HOH A . 
E 4 HOH 42  242 242 HOH HOH A . 
E 4 HOH 43  243 243 HOH HOH A . 
E 4 HOH 44  244 244 HOH HOH A . 
E 4 HOH 45  245 245 HOH HOH A . 
E 4 HOH 46  246 246 HOH HOH A . 
E 4 HOH 47  247 247 HOH HOH A . 
E 4 HOH 48  248 248 HOH HOH A . 
E 4 HOH 49  249 249 HOH HOH A . 
E 4 HOH 50  250 250 HOH HOH A . 
E 4 HOH 51  251 251 HOH HOH A . 
E 4 HOH 52  252 252 HOH HOH A . 
E 4 HOH 53  253 253 HOH HOH A . 
E 4 HOH 54  254 254 HOH HOH A . 
E 4 HOH 55  255 255 HOH HOH A . 
E 4 HOH 56  256 256 HOH HOH A . 
E 4 HOH 57  257 257 HOH HOH A . 
E 4 HOH 58  258 258 HOH HOH A . 
E 4 HOH 59  259 259 HOH HOH A . 
E 4 HOH 60  260 260 HOH HOH A . 
E 4 HOH 61  261 261 HOH HOH A . 
E 4 HOH 62  262 262 HOH HOH A . 
E 4 HOH 63  263 263 HOH HOH A . 
E 4 HOH 64  264 264 HOH HOH A . 
E 4 HOH 65  265 265 HOH HOH A . 
E 4 HOH 66  266 266 HOH HOH A . 
E 4 HOH 67  267 267 HOH HOH A . 
E 4 HOH 68  268 268 HOH HOH A . 
E 4 HOH 69  269 269 HOH HOH A . 
E 4 HOH 70  270 270 HOH HOH A . 
E 4 HOH 71  271 271 HOH HOH A . 
E 4 HOH 72  272 272 HOH HOH A . 
E 4 HOH 73  273 273 HOH HOH A . 
E 4 HOH 74  274 274 HOH HOH A . 
E 4 HOH 75  275 275 HOH HOH A . 
E 4 HOH 76  276 276 HOH HOH A . 
E 4 HOH 77  277 277 HOH HOH A . 
E 4 HOH 78  278 278 HOH HOH A . 
E 4 HOH 79  279 279 HOH HOH A . 
E 4 HOH 80  280 280 HOH HOH A . 
E 4 HOH 81  281 281 HOH HOH A . 
E 4 HOH 82  282 282 HOH HOH A . 
E 4 HOH 83  283 283 HOH HOH A . 
E 4 HOH 84  284 284 HOH HOH A . 
E 4 HOH 85  285 285 HOH HOH A . 
E 4 HOH 86  286 286 HOH HOH A . 
E 4 HOH 87  287 287 HOH HOH A . 
E 4 HOH 88  288 288 HOH HOH A . 
E 4 HOH 89  289 289 HOH HOH A . 
E 4 HOH 90  290 290 HOH HOH A . 
E 4 HOH 91  291 291 HOH HOH A . 
E 4 HOH 92  292 292 HOH HOH A . 
E 4 HOH 93  293 293 HOH HOH A . 
E 4 HOH 94  294 294 HOH HOH A . 
E 4 HOH 95  295 295 HOH HOH A . 
E 4 HOH 96  296 296 HOH HOH A . 
E 4 HOH 97  297 297 HOH HOH A . 
E 4 HOH 98  298 298 HOH HOH A . 
E 4 HOH 99  299 299 HOH HOH A . 
E 4 HOH 100 300 300 HOH HOH A . 
E 4 HOH 101 301 301 HOH HOH A . 
E 4 HOH 102 302 302 HOH HOH A . 
E 4 HOH 103 303 303 HOH HOH A . 
E 4 HOH 104 304 304 HOH HOH A . 
E 4 HOH 105 305 305 HOH HOH A . 
E 4 HOH 106 306 306 HOH HOH A . 
E 4 HOH 107 307 307 HOH HOH A . 
E 4 HOH 108 308 308 HOH HOH A . 
E 4 HOH 109 309 309 HOH HOH A . 
E 4 HOH 110 310 310 HOH HOH A . 
E 4 HOH 111 311 311 HOH HOH A . 
E 4 HOH 112 312 312 HOH HOH A . 
E 4 HOH 113 313 313 HOH HOH A . 
E 4 HOH 114 314 314 HOH HOH A . 
E 4 HOH 115 315 315 HOH HOH A . 
E 4 HOH 116 316 316 HOH HOH A . 
E 4 HOH 117 317 317 HOH HOH A . 
E 4 HOH 118 318 318 HOH HOH A . 
E 4 HOH 119 319 319 HOH HOH A . 
E 4 HOH 120 320 320 HOH HOH A . 
E 4 HOH 121 321 321 HOH HOH A . 
E 4 HOH 122 322 322 HOH HOH A . 
E 4 HOH 123 323 323 HOH HOH A . 
E 4 HOH 124 324 324 HOH HOH A . 
E 4 HOH 125 325 325 HOH HOH A . 
E 4 HOH 126 326 326 HOH HOH A . 
E 4 HOH 127 327 327 HOH HOH A . 
E 4 HOH 128 328 328 HOH HOH A . 
E 4 HOH 129 329 329 HOH HOH A . 
E 4 HOH 130 330 330 HOH HOH A . 
E 4 HOH 131 331 331 HOH HOH A . 
E 4 HOH 132 332 332 HOH HOH A . 
E 4 HOH 133 333 333 HOH HOH A . 
E 4 HOH 134 334 334 HOH HOH A . 
E 4 HOH 135 335 335 HOH HOH A . 
E 4 HOH 136 336 336 HOH HOH A . 
E 4 HOH 137 337 337 HOH HOH A . 
E 4 HOH 138 338 338 HOH HOH A . 
E 4 HOH 139 339 339 HOH HOH A . 
E 4 HOH 140 340 340 HOH HOH A . 
E 4 HOH 141 341 341 HOH HOH A . 
E 4 HOH 142 342 342 HOH HOH A . 
E 4 HOH 143 343 343 HOH HOH A . 
E 4 HOH 144 344 344 HOH HOH A . 
E 4 HOH 145 345 345 HOH HOH A . 
E 4 HOH 146 346 346 HOH HOH A . 
E 4 HOH 147 347 347 HOH HOH A . 
E 4 HOH 148 348 348 HOH HOH A . 
E 4 HOH 149 349 349 HOH HOH A . 
E 4 HOH 150 350 350 HOH HOH A . 
E 4 HOH 151 351 351 HOH HOH A . 
E 4 HOH 152 352 352 HOH HOH A . 
E 4 HOH 153 353 353 HOH HOH A . 
E 4 HOH 154 354 354 HOH HOH A . 
E 4 HOH 155 355 355 HOH HOH A . 
E 4 HOH 156 356 356 HOH HOH A . 
E 4 HOH 157 357 357 HOH HOH A . 
E 4 HOH 158 358 358 HOH HOH A . 
E 4 HOH 159 359 359 HOH HOH A . 
E 4 HOH 160 360 360 HOH HOH A . 
E 4 HOH 161 361 361 HOH HOH A . 
E 4 HOH 162 362 362 HOH HOH A . 
E 4 HOH 163 363 363 HOH HOH A . 
E 4 HOH 164 364 364 HOH HOH A . 
E 4 HOH 165 365 365 HOH HOH A . 
E 4 HOH 166 366 366 HOH HOH A . 
E 4 HOH 167 367 367 HOH HOH A . 
E 4 HOH 168 368 368 HOH HOH A . 
E 4 HOH 169 369 369 HOH HOH A . 
E 4 HOH 170 370 370 HOH HOH A . 
E 4 HOH 171 371 371 HOH HOH A . 
E 4 HOH 172 372 372 HOH HOH A . 
E 4 HOH 173 373 373 HOH HOH A . 
E 4 HOH 174 374 374 HOH HOH A . 
E 4 HOH 175 375 375 HOH HOH A . 
E 4 HOH 176 376 376 HOH HOH A . 
E 4 HOH 177 377 377 HOH HOH A . 
E 4 HOH 178 378 378 HOH HOH A . 
E 4 HOH 179 379 379 HOH HOH A . 
E 4 HOH 180 380 380 HOH HOH A . 
E 4 HOH 181 381 381 HOH HOH A . 
E 4 HOH 182 382 382 HOH HOH A . 
E 4 HOH 183 383 383 HOH HOH A . 
E 4 HOH 184 384 384 HOH HOH A . 
# 
loop_
_software.name 
_software.classification 
_software.version 
_software.citation_id 
_software.pdbx_ordinal 
DENZO     'data reduction' .   ? 1 
SCALEPACK 'data scaling'   .   ? 2 
AMoRE     phasing          .   ? 3 
CNS       refinement       1.0 ? 4 
# 
_cell.entry_id           1OVP 
_cell.length_a           53.06 
_cell.length_b           69.05 
_cell.length_c           74.09 
_cell.angle_alpha        90.0 
_cell.angle_beta         90.0 
_cell.angle_gamma        90.0 
_cell.pdbx_unique_axis   ? 
_cell.Z_PDB              8 
# 
_symmetry.entry_id                         1OVP 
_symmetry.space_group_name_H-M             'I 2 2 2' 
_symmetry.pdbx_full_space_group_name_H-M   ? 
_symmetry.Int_Tables_number                23 
_symmetry.cell_setting                     ? 
# 
_exptl.entry_id          1OVP 
_exptl.method            'X-RAY DIFFRACTION' 
_exptl.crystals_number   1 
# 
_exptl_crystal.id                    1 
_exptl_crystal.density_meas          ? 
_exptl_crystal.density_Matthews      2.36 
_exptl_crystal.density_percent_sol   47.57 
_exptl_crystal.description           ? 
# 
_exptl_crystal_grow.crystal_id      1 
_exptl_crystal_grow.method          'VAPOR DIFFUSION, HANGING DROP' 
_exptl_crystal_grow.temp            293 
_exptl_crystal_grow.temp_details    ? 
_exptl_crystal_grow.pH              8.0 
_exptl_crystal_grow.pdbx_details    'PEG8000, ammonium sulphate, pH 8.0, VAPOR DIFFUSION, HANGING DROP, temperature 293K' 
_exptl_crystal_grow.pdbx_pH_range   . 
# 
_diffrn.id                     1 
_diffrn.ambient_temp           100 
_diffrn.ambient_temp_details   ? 
_diffrn.crystal_id             1 
# 
_diffrn_detector.diffrn_id              1 
_diffrn_detector.detector               CCD 
_diffrn_detector.type                   MARRESEARCH 
_diffrn_detector.pdbx_collection_date   2002-08-21 
_diffrn_detector.details                mirrors 
# 
_diffrn_radiation.diffrn_id                        1 
_diffrn_radiation.wavelength_id                    1 
_diffrn_radiation.pdbx_monochromatic_or_laue_m_l   M 
_diffrn_radiation.monochromator                    Si 
_diffrn_radiation.pdbx_diffrn_protocol             'SINGLE WAVELENGTH' 
_diffrn_radiation.pdbx_scattering_type             x-ray 
# 
_diffrn_radiation_wavelength.id           1 
_diffrn_radiation_wavelength.wavelength   0.9 
_diffrn_radiation_wavelength.wt           1.0 
# 
_diffrn_source.diffrn_id                   1 
_diffrn_source.source                      SYNCHROTRON 
_diffrn_source.type                        'EMBL/DESY, HAMBURG BEAMLINE BW7A' 
_diffrn_source.pdbx_synchrotron_site       'EMBL/DESY, HAMBURG' 
_diffrn_source.pdbx_synchrotron_beamline   BW7A 
_diffrn_source.pdbx_wavelength             ? 
_diffrn_source.pdbx_wavelength_list        0.9 
# 
_reflns.entry_id                     1OVP 
_reflns.observed_criterion_sigma_F   -3 
_reflns.observed_criterion_sigma_I   -3 
_reflns.d_resolution_high            1.4 
_reflns.d_resolution_low             15.0 
_reflns.number_all                   26791 
_reflns.number_obs                   26791 
_reflns.percent_possible_obs         98.4 
_reflns.pdbx_Rmerge_I_obs            0.063 
_reflns.pdbx_Rsym_value              ? 
_reflns.pdbx_netI_over_sigmaI        ? 
_reflns.B_iso_Wilson_estimate        ? 
_reflns.pdbx_redundancy              8.5 
_reflns.R_free_details               ? 
_reflns.limit_h_max                  ? 
_reflns.limit_h_min                  ? 
_reflns.limit_k_max                  ? 
_reflns.limit_k_min                  ? 
_reflns.limit_l_max                  ? 
_reflns.limit_l_min                  ? 
_reflns.observed_criterion_F_max     ? 
_reflns.observed_criterion_F_min     ? 
_reflns.pdbx_diffrn_id               1 
_reflns.pdbx_ordinal                 1 
# 
_reflns_shell.d_res_high             1.4 
_reflns_shell.d_res_low              1.45 
_reflns_shell.percent_possible_all   99.7 
_reflns_shell.Rmerge_I_obs           0.087 
_reflns_shell.pdbx_Rsym_value        ? 
_reflns_shell.meanI_over_sigI_obs    ? 
_reflns_shell.pdbx_redundancy        ? 
_reflns_shell.percent_possible_obs   ? 
_reflns_shell.number_unique_all      2657 
_reflns_shell.pdbx_diffrn_id         ? 
_reflns_shell.pdbx_ordinal           1 
# 
_refine.entry_id                                 1OVP 
_refine.ls_d_res_high                            1.4 
_refine.ls_d_res_low                             15.0 
_refine.pdbx_ls_sigma_F                          0.0 
_refine.pdbx_ls_sigma_I                          ? 
_refine.ls_number_reflns_all                     26791 
_refine.ls_number_reflns_obs                     26791 
_refine.ls_number_reflns_R_free                  2130 
_refine.ls_percent_reflns_obs                    ? 
_refine.ls_R_factor_all                          0.1833 
_refine.ls_R_factor_obs                          0.1833 
_refine.ls_R_factor_R_work                       0.1821 
_refine.ls_R_factor_R_free                       0.1971 
_refine.ls_redundancy_reflns_obs                 ? 
_refine.pdbx_data_cutoff_high_absF               ? 
_refine.pdbx_data_cutoff_low_absF                ? 
_refine.ls_number_parameters                     ? 
_refine.ls_number_restraints                     ? 
_refine.ls_percent_reflns_R_free                 ? 
_refine.ls_R_factor_R_free_error                 ? 
_refine.ls_R_factor_R_free_error_details         ? 
_refine.pdbx_method_to_determine_struct          'MOLECULAR REPLACEMENT' 
_refine.pdbx_starting_model                      ? 
_refine.pdbx_ls_cross_valid_method               ? 
_refine.pdbx_R_Free_selection_details            random 
_refine.pdbx_stereochem_target_val_spec_case     ? 
_refine.pdbx_stereochemistry_target_values       'Engh & Huber' 
_refine.solvent_model_details                    ? 
_refine.solvent_model_param_bsol                 ? 
_refine.solvent_model_param_ksol                 ? 
_refine.occupancy_max                            ? 
_refine.occupancy_min                            ? 
_refine.pdbx_isotropic_thermal_model             ? 
_refine.B_iso_mean                               ? 
_refine.aniso_B[1][1]                            ? 
_refine.aniso_B[1][2]                            ? 
_refine.aniso_B[1][3]                            ? 
_refine.aniso_B[2][2]                            ? 
_refine.aniso_B[2][3]                            ? 
_refine.aniso_B[3][3]                            ? 
_refine.details                                  ? 
_refine.B_iso_min                                ? 
_refine.B_iso_max                                ? 
_refine.correlation_coeff_Fo_to_Fc               ? 
_refine.correlation_coeff_Fo_to_Fc_free          ? 
_refine.pdbx_solvent_vdw_probe_radii             ? 
_refine.pdbx_solvent_ion_probe_radii             ? 
_refine.pdbx_solvent_shrinkage_radii             ? 
_refine.overall_SU_R_Cruickshank_DPI             ? 
_refine.overall_SU_R_free                        ? 
_refine.overall_SU_B                             ? 
_refine.overall_SU_ML                            ? 
_refine.pdbx_overall_ESU_R                       ? 
_refine.pdbx_overall_ESU_R_Free                  ? 
_refine.pdbx_data_cutoff_high_rms_absF           ? 
_refine.pdbx_refine_id                           'X-RAY DIFFRACTION' 
_refine.pdbx_diffrn_id                           1 
_refine.pdbx_TLS_residual_ADP_flag               ? 
_refine.pdbx_overall_phase_error                 ? 
_refine.pdbx_overall_SU_R_free_Cruickshank_DPI   ? 
_refine.pdbx_overall_SU_R_Blow_DPI               ? 
_refine.pdbx_overall_SU_R_free_Blow_DPI          ? 
# 
_refine_hist.pdbx_refine_id                   'X-RAY DIFFRACTION' 
_refine_hist.cycle_id                         LAST 
_refine_hist.pdbx_number_atoms_protein        827 
_refine_hist.pdbx_number_atoms_nucleic_acid   0 
_refine_hist.pdbx_number_atoms_ligand         14 
_refine_hist.number_atoms_solvent             184 
_refine_hist.number_atoms_total               1025 
_refine_hist.d_res_high                       1.4 
_refine_hist.d_res_low                        15.0 
# 
loop_
_refine_ls_restr.type 
_refine_ls_restr.dev_ideal 
_refine_ls_restr.dev_ideal_target 
_refine_ls_restr.weight 
_refine_ls_restr.number 
_refine_ls_restr.pdbx_refine_id 
_refine_ls_restr.pdbx_restraint_function 
c_bond_d  0.102007 ? ? ? 'X-RAY DIFFRACTION' ? 
c_angle_d 1.56138  ? ? ? 'X-RAY DIFFRACTION' ? 
# 
_struct.entry_id                  1OVP 
_struct.title                     'LecB (PA-LII) in complex with fructose' 
_struct.pdbx_model_details        ? 
_struct.pdbx_CASP_flag            ? 
_struct.pdbx_model_type_details   ? 
# 
_struct_keywords.entry_id        1OVP 
_struct_keywords.pdbx_keywords   'SUGAR BINDING PROTEIN' 
_struct_keywords.text            'lectin, carbohydrate, SUGAR BINDING PROTEIN' 
# 
loop_
_struct_asym.id 
_struct_asym.pdbx_blank_PDB_chainid_flag 
_struct_asym.pdbx_modified 
_struct_asym.entity_id 
_struct_asym.details 
A N N 1 ? 
B N N 2 ? 
C N N 3 ? 
D N N 3 ? 
E N N 4 ? 
# 
_struct_ref.id                         1 
_struct_ref.db_name                    UNP 
_struct_ref.db_code                    Q9HYN5_PSEAE 
_struct_ref.entity_id                  1 
_struct_ref.pdbx_seq_one_letter_code   
;ATQGVFTLPANTRFGVTAFANSSGTQTVNVLVNNETAATFSGQSTNNAVIGTQVLNSGSSGKVQVQVSVNGRPSDLVSAQ
VILTNELNFALVGSEDGTDNDYNDAVVVINWPLG
;
_struct_ref.pdbx_align_begin           2 
_struct_ref.pdbx_db_accession          Q9HYN5 
_struct_ref.pdbx_db_isoform            ? 
# 
_struct_ref_seq.align_id                      1 
_struct_ref_seq.ref_id                        1 
_struct_ref_seq.pdbx_PDB_id_code              1OVP 
_struct_ref_seq.pdbx_strand_id                A 
_struct_ref_seq.seq_align_beg                 1 
_struct_ref_seq.pdbx_seq_align_beg_ins_code   ? 
_struct_ref_seq.seq_align_end                 114 
_struct_ref_seq.pdbx_seq_align_end_ins_code   ? 
_struct_ref_seq.pdbx_db_accession             Q9HYN5 
_struct_ref_seq.db_align_beg                  2 
_struct_ref_seq.pdbx_db_align_beg_ins_code    ? 
_struct_ref_seq.db_align_end                  115 
_struct_ref_seq.pdbx_db_align_end_ins_code    ? 
_struct_ref_seq.pdbx_auth_seq_align_beg       1 
_struct_ref_seq.pdbx_auth_seq_align_end       114 
# 
_pdbx_struct_assembly.id                   1 
_pdbx_struct_assembly.details              author_defined_assembly 
_pdbx_struct_assembly.method_details       ? 
_pdbx_struct_assembly.oligomeric_details   tetrameric 
_pdbx_struct_assembly.oligomeric_count     4 
# 
_pdbx_struct_assembly_gen.assembly_id       1 
_pdbx_struct_assembly_gen.oper_expression   1,2,3,4 
_pdbx_struct_assembly_gen.asym_id_list      A,B,C,D,E 
# 
loop_
_pdbx_struct_oper_list.id 
_pdbx_struct_oper_list.type 
_pdbx_struct_oper_list.name 
_pdbx_struct_oper_list.symmetry_operation 
_pdbx_struct_oper_list.matrix[1][1] 
_pdbx_struct_oper_list.matrix[1][2] 
_pdbx_struct_oper_list.matrix[1][3] 
_pdbx_struct_oper_list.vector[1] 
_pdbx_struct_oper_list.matrix[2][1] 
_pdbx_struct_oper_list.matrix[2][2] 
_pdbx_struct_oper_list.matrix[2][3] 
_pdbx_struct_oper_list.vector[2] 
_pdbx_struct_oper_list.matrix[3][1] 
_pdbx_struct_oper_list.matrix[3][2] 
_pdbx_struct_oper_list.matrix[3][3] 
_pdbx_struct_oper_list.vector[3] 
1 'identity operation'         1_555 x,y,z       1.0000000000  0.0000000000  0.0000000000  0.0000000000  0.0000000000  1.0000000000  0.0000000000  0.0000000000  0.0000000000  0.0000000000  1.0000000000  0.0000000000   
2 'crystal symmetry operation' 2_655 -x+1,-y,z   -0.6128465066 0.4784953208  -0.6288572074 24.4907261742 0.4784953208  -0.4086124084 -0.7772246314 -9.6168447861 -0.6288572074 -0.7772246314 0.0214589149  7.7601956471   
3 'crystal symmetry operation' 3_656 -x+1,y,-z+1 0.5234728968  -0.1249751531 0.8428269914  9.3165076255  -0.1249751531 -0.9897479050 -0.0691396824 1.3182068481  0.8428269914  -0.0691396824 -0.5337249918 -16.6448202301 
4 'crystal symmetry operation' 4_556 x,-y,-z+1   -0.9106263902 -0.3535201678 -0.2139697840 29.8791079991 -0.3535201678 0.3983603134  0.8463643138  7.2391891123  -0.2139697840 0.8463643138  -0.4877339232 0.5197200656 
# 
loop_
_struct_conn.id 
_struct_conn.conn_type_id 
_struct_conn.pdbx_leaving_atom_flag 
_struct_conn.pdbx_PDB_id 
_struct_conn.ptnr1_label_asym_id 
_struct_conn.ptnr1_label_comp_id 
_struct_conn.ptnr1_label_seq_id 
_struct_conn.ptnr1_label_atom_id 
_struct_conn.pdbx_ptnr1_label_alt_id 
_struct_conn.pdbx_ptnr1_PDB_ins_code 
_struct_conn.pdbx_ptnr1_standard_comp_id 
_struct_conn.ptnr1_symmetry 
_struct_conn.ptnr2_label_asym_id 
_struct_conn.ptnr2_label_comp_id 
_struct_conn.ptnr2_label_seq_id 
_struct_conn.ptnr2_label_atom_id 
_struct_conn.pdbx_ptnr2_label_alt_id 
_struct_conn.pdbx_ptnr2_PDB_ins_code 
_struct_conn.ptnr1_auth_asym_id 
_struct_conn.ptnr1_auth_comp_id 
_struct_conn.ptnr1_auth_seq_id 
_struct_conn.ptnr2_auth_asym_id 
_struct_conn.ptnr2_auth_comp_id 
_struct_conn.ptnr2_auth_seq_id 
_struct_conn.ptnr2_symmetry 
_struct_conn.pdbx_ptnr3_label_atom_id 
_struct_conn.pdbx_ptnr3_label_seq_id 
_struct_conn.pdbx_ptnr3_label_comp_id 
_struct_conn.pdbx_ptnr3_label_asym_id 
_struct_conn.pdbx_ptnr3_label_alt_id 
_struct_conn.pdbx_ptnr3_PDB_ins_code 
_struct_conn.details 
_struct_conn.pdbx_dist_value 
_struct_conn.pdbx_value_order 
_struct_conn.pdbx_role 
metalc1  metalc ? ? A ASN 21  O   ? ? ? 1_555 D CA . CA ? ? A ASN 21  A CA 117 1_555 ? ? ? ? ? ? ? 2.347 ? ? 
metalc2  metalc ? ? A GLU 95  OE1 ? ? ? 1_555 C CA . CA ? ? A GLU 95  A CA 116 1_555 ? ? ? ? ? ? ? 2.447 ? ? 
metalc3  metalc ? ? A GLU 95  OE2 ? ? ? 1_555 C CA . CA ? ? A GLU 95  A CA 116 1_555 ? ? ? ? ? ? ? 2.358 ? ? 
metalc4  metalc ? ? A ASP 99  OD1 ? ? ? 1_555 C CA . CA ? ? A ASP 99  A CA 116 1_555 ? ? ? ? ? ? ? 2.354 ? ? 
metalc5  metalc ? ? A ASP 101 OD1 ? ? ? 1_555 C CA . CA ? ? A ASP 101 A CA 116 1_555 ? ? ? ? ? ? ? 2.350 ? ? 
metalc6  metalc ? ? A ASP 101 OD2 ? ? ? 1_555 D CA . CA ? ? A ASP 101 A CA 117 1_555 ? ? ? ? ? ? ? 2.356 ? ? 
metalc7  metalc ? ? A ASP 101 OD1 ? ? ? 1_555 D CA . CA ? ? A ASP 101 A CA 117 1_555 ? ? ? ? ? ? ? 3.077 ? ? 
metalc8  metalc ? ? A ASN 103 OD1 ? ? ? 1_555 D CA . CA ? ? A ASN 103 A CA 117 1_555 ? ? ? ? ? ? ? 2.336 ? ? 
metalc9  metalc ? ? A ASP 104 OD2 ? ? ? 1_555 C CA . CA ? ? A ASP 104 A CA 116 1_555 ? ? ? ? ? ? ? 2.423 ? ? 
metalc10 metalc ? ? A ASP 104 OD1 ? ? ? 1_555 C CA . CA ? ? A ASP 104 A CA 116 1_555 ? ? ? ? ? ? ? 2.596 ? ? 
metalc11 metalc ? ? A ASP 104 OD1 ? ? ? 1_555 D CA . CA ? ? A ASP 104 A CA 117 1_555 ? ? ? ? ? ? ? 2.372 ? ? 
metalc12 metalc ? ? A GLY 114 O   ? ? ? 3_656 D CA . CA ? ? A GLY 114 A CA 117 1_555 ? ? ? ? ? ? ? 2.423 ? ? 
metalc13 metalc ? ? B BDF .   O3  ? ? ? 1_555 C CA . CA ? ? A BDF 115 A CA 116 1_555 ? ? ? ? ? ? ? 2.598 ? ? 
metalc14 metalc ? ? B BDF .   O4  ? ? ? 1_555 C CA . CA ? ? A BDF 115 A CA 116 1_555 ? ? ? ? ? ? ? 2.550 ? ? 
metalc15 metalc ? ? B BDF .   O4  ? ? ? 1_555 D CA . CA ? ? A BDF 115 A CA 117 1_555 ? ? ? ? ? ? ? 2.460 ? ? 
metalc16 metalc ? ? B BDF .   O5  ? ? ? 1_555 D CA . CA ? ? A BDF 115 A CA 117 1_555 ? ? ? ? ? ? ? 2.420 ? ? 
# 
_struct_conn_type.id          metalc 
_struct_conn_type.criteria    ? 
_struct_conn_type.reference   ? 
# 
loop_
_pdbx_struct_conn_angle.id 
_pdbx_struct_conn_angle.ptnr1_label_atom_id 
_pdbx_struct_conn_angle.ptnr1_label_alt_id 
_pdbx_struct_conn_angle.ptnr1_label_asym_id 
_pdbx_struct_conn_angle.ptnr1_label_comp_id 
_pdbx_struct_conn_angle.ptnr1_label_seq_id 
_pdbx_struct_conn_angle.ptnr1_auth_atom_id 
_pdbx_struct_conn_angle.ptnr1_auth_asym_id 
_pdbx_struct_conn_angle.ptnr1_auth_comp_id 
_pdbx_struct_conn_angle.ptnr1_auth_seq_id 
_pdbx_struct_conn_angle.ptnr1_PDB_ins_code 
_pdbx_struct_conn_angle.ptnr1_symmetry 
_pdbx_struct_conn_angle.ptnr2_label_atom_id 
_pdbx_struct_conn_angle.ptnr2_label_alt_id 
_pdbx_struct_conn_angle.ptnr2_label_asym_id 
_pdbx_struct_conn_angle.ptnr2_label_comp_id 
_pdbx_struct_conn_angle.ptnr2_label_seq_id 
_pdbx_struct_conn_angle.ptnr2_auth_atom_id 
_pdbx_struct_conn_angle.ptnr2_auth_asym_id 
_pdbx_struct_conn_angle.ptnr2_auth_comp_id 
_pdbx_struct_conn_angle.ptnr2_auth_seq_id 
_pdbx_struct_conn_angle.ptnr2_PDB_ins_code 
_pdbx_struct_conn_angle.ptnr2_symmetry 
_pdbx_struct_conn_angle.ptnr3_label_atom_id 
_pdbx_struct_conn_angle.ptnr3_label_alt_id 
_pdbx_struct_conn_angle.ptnr3_label_asym_id 
_pdbx_struct_conn_angle.ptnr3_label_comp_id 
_pdbx_struct_conn_angle.ptnr3_label_seq_id 
_pdbx_struct_conn_angle.ptnr3_auth_atom_id 
_pdbx_struct_conn_angle.ptnr3_auth_asym_id 
_pdbx_struct_conn_angle.ptnr3_auth_comp_id 
_pdbx_struct_conn_angle.ptnr3_auth_seq_id 
_pdbx_struct_conn_angle.ptnr3_PDB_ins_code 
_pdbx_struct_conn_angle.ptnr3_symmetry 
_pdbx_struct_conn_angle.value 
_pdbx_struct_conn_angle.value_esd 
1  O   ? A ASN 21  ? A ASN 21  ? 1_555 CA ? D CA . ? A CA 117 ? 1_555 OD2 ? A ASP 101 ? A ASP 101 ? 1_555 154.0 ? 
2  O   ? A ASN 21  ? A ASN 21  ? 1_555 CA ? D CA . ? A CA 117 ? 1_555 OD1 ? A ASP 101 ? A ASP 101 ? 1_555 143.5 ? 
3  OD2 ? A ASP 101 ? A ASP 101 ? 1_555 CA ? D CA . ? A CA 117 ? 1_555 OD1 ? A ASP 101 ? A ASP 101 ? 1_555 45.3  ? 
4  O   ? A ASN 21  ? A ASN 21  ? 1_555 CA ? D CA . ? A CA 117 ? 1_555 OD1 ? A ASN 103 ? A ASN 103 ? 1_555 88.1  ? 
5  OD2 ? A ASP 101 ? A ASP 101 ? 1_555 CA ? D CA . ? A CA 117 ? 1_555 OD1 ? A ASN 103 ? A ASN 103 ? 1_555 73.6  ? 
6  OD1 ? A ASP 101 ? A ASP 101 ? 1_555 CA ? D CA . ? A CA 117 ? 1_555 OD1 ? A ASN 103 ? A ASN 103 ? 1_555 68.9  ? 
7  O   ? A ASN 21  ? A ASN 21  ? 1_555 CA ? D CA . ? A CA 117 ? 1_555 OD1 ? A ASP 104 ? A ASP 104 ? 1_555 81.8  ? 
8  OD2 ? A ASP 101 ? A ASP 101 ? 1_555 CA ? D CA . ? A CA 117 ? 1_555 OD1 ? A ASP 104 ? A ASP 104 ? 1_555 115.8 ? 
9  OD1 ? A ASP 101 ? A ASP 101 ? 1_555 CA ? D CA . ? A CA 117 ? 1_555 OD1 ? A ASP 104 ? A ASP 104 ? 1_555 70.7  ? 
10 OD1 ? A ASN 103 ? A ASN 103 ? 1_555 CA ? D CA . ? A CA 117 ? 1_555 OD1 ? A ASP 104 ? A ASP 104 ? 1_555 90.3  ? 
11 O   ? A ASN 21  ? A ASN 21  ? 1_555 CA ? D CA . ? A CA 117 ? 1_555 O   ? A GLY 114 ? A GLY 114 ? 3_656 79.8  ? 
12 OD2 ? A ASP 101 ? A ASP 101 ? 1_555 CA ? D CA . ? A CA 117 ? 1_555 O   ? A GLY 114 ? A GLY 114 ? 3_656 80.7  ? 
13 OD1 ? A ASP 101 ? A ASP 101 ? 1_555 CA ? D CA . ? A CA 117 ? 1_555 O   ? A GLY 114 ? A GLY 114 ? 3_656 124.2 ? 
14 OD1 ? A ASN 103 ? A ASN 103 ? 1_555 CA ? D CA . ? A CA 117 ? 1_555 O   ? A GLY 114 ? A GLY 114 ? 3_656 86.0  ? 
15 OD1 ? A ASP 104 ? A ASP 104 ? 1_555 CA ? D CA . ? A CA 117 ? 1_555 O   ? A GLY 114 ? A GLY 114 ? 3_656 161.4 ? 
16 O   ? A ASN 21  ? A ASN 21  ? 1_555 CA ? D CA . ? A CA 117 ? 1_555 O4  ? B BDF .   ? A BDF 115 ? 1_555 132.0 ? 
17 OD2 ? A ASP 101 ? A ASP 101 ? 1_555 CA ? D CA . ? A CA 117 ? 1_555 O4  ? B BDF .   ? A BDF 115 ? 1_555 72.8  ? 
18 OD1 ? A ASP 101 ? A ASP 101 ? 1_555 CA ? D CA . ? A CA 117 ? 1_555 O4  ? B BDF .   ? A BDF 115 ? 1_555 65.4  ? 
19 OD1 ? A ASN 103 ? A ASN 103 ? 1_555 CA ? D CA . ? A CA 117 ? 1_555 O4  ? B BDF .   ? A BDF 115 ? 1_555 134.2 ? 
20 OD1 ? A ASP 104 ? A ASP 104 ? 1_555 CA ? D CA . ? A CA 117 ? 1_555 O4  ? B BDF .   ? A BDF 115 ? 1_555 77.5  ? 
21 O   ? A GLY 114 ? A GLY 114 ? 3_656 CA ? D CA . ? A CA 117 ? 1_555 O4  ? B BDF .   ? A BDF 115 ? 1_555 117.7 ? 
22 O   ? A ASN 21  ? A ASN 21  ? 1_555 CA ? D CA . ? A CA 117 ? 1_555 O5  ? B BDF .   ? A BDF 115 ? 1_555 74.3  ? 
23 OD2 ? A ASP 101 ? A ASP 101 ? 1_555 CA ? D CA . ? A CA 117 ? 1_555 O5  ? B BDF .   ? A BDF 115 ? 1_555 117.9 ? 
24 OD1 ? A ASP 101 ? A ASP 101 ? 1_555 CA ? D CA . ? A CA 117 ? 1_555 O5  ? B BDF .   ? A BDF 115 ? 1_555 132.9 ? 
25 OD1 ? A ASN 103 ? A ASN 103 ? 1_555 CA ? D CA . ? A CA 117 ? 1_555 O5  ? B BDF .   ? A BDF 115 ? 1_555 157.9 ? 
26 OD1 ? A ASP 104 ? A ASP 104 ? 1_555 CA ? D CA . ? A CA 117 ? 1_555 O5  ? B BDF .   ? A BDF 115 ? 1_555 100.0 ? 
27 O   ? A GLY 114 ? A GLY 114 ? 3_656 CA ? D CA . ? A CA 117 ? 1_555 O5  ? B BDF .   ? A BDF 115 ? 1_555 78.0  ? 
28 O4  ? B BDF .   ? A BDF 115 ? 1_555 CA ? D CA . ? A CA 117 ? 1_555 O5  ? B BDF .   ? A BDF 115 ? 1_555 67.5  ? 
29 OE1 ? A GLU 95  ? A GLU 95  ? 1_555 CA ? C CA . ? A CA 116 ? 1_555 OE2 ? A GLU 95  ? A GLU 95  ? 1_555 54.4  ? 
30 OE1 ? A GLU 95  ? A GLU 95  ? 1_555 CA ? C CA . ? A CA 116 ? 1_555 OD1 ? A ASP 99  ? A ASP 99  ? 1_555 84.4  ? 
31 OE2 ? A GLU 95  ? A GLU 95  ? 1_555 CA ? C CA . ? A CA 116 ? 1_555 OD1 ? A ASP 99  ? A ASP 99  ? 1_555 81.5  ? 
32 OE1 ? A GLU 95  ? A GLU 95  ? 1_555 CA ? C CA . ? A CA 116 ? 1_555 OD1 ? A ASP 101 ? A ASP 101 ? 1_555 76.6  ? 
33 OE2 ? A GLU 95  ? A GLU 95  ? 1_555 CA ? C CA . ? A CA 116 ? 1_555 OD1 ? A ASP 101 ? A ASP 101 ? 1_555 130.1 ? 
34 OD1 ? A ASP 99  ? A ASP 99  ? 1_555 CA ? C CA . ? A CA 116 ? 1_555 OD1 ? A ASP 101 ? A ASP 101 ? 1_555 85.3  ? 
35 OE1 ? A GLU 95  ? A GLU 95  ? 1_555 CA ? C CA . ? A CA 116 ? 1_555 OD2 ? A ASP 104 ? A ASP 104 ? 1_555 83.9  ? 
36 OE2 ? A GLU 95  ? A GLU 95  ? 1_555 CA ? C CA . ? A CA 116 ? 1_555 OD2 ? A ASP 104 ? A ASP 104 ? 1_555 79.2  ? 
37 OD1 ? A ASP 99  ? A ASP 99  ? 1_555 CA ? C CA . ? A CA 116 ? 1_555 OD2 ? A ASP 104 ? A ASP 104 ? 1_555 160.7 ? 
38 OD1 ? A ASP 101 ? A ASP 101 ? 1_555 CA ? C CA . ? A CA 116 ? 1_555 OD2 ? A ASP 104 ? A ASP 104 ? 1_555 106.8 ? 
39 OE1 ? A GLU 95  ? A GLU 95  ? 1_555 CA ? C CA . ? A CA 116 ? 1_555 OD1 ? A ASP 104 ? A ASP 104 ? 1_555 120.0 ? 
40 OE2 ? A GLU 95  ? A GLU 95  ? 1_555 CA ? C CA . ? A CA 116 ? 1_555 OD1 ? A ASP 104 ? A ASP 104 ? 1_555 129.6 ? 
41 OD1 ? A ASP 99  ? A ASP 99  ? 1_555 CA ? C CA . ? A CA 116 ? 1_555 OD1 ? A ASP 104 ? A ASP 104 ? 1_555 147.4 ? 
42 OD1 ? A ASP 101 ? A ASP 101 ? 1_555 CA ? C CA . ? A CA 116 ? 1_555 OD1 ? A ASP 104 ? A ASP 104 ? 1_555 80.6  ? 
43 OD2 ? A ASP 104 ? A ASP 104 ? 1_555 CA ? C CA . ? A CA 116 ? 1_555 OD1 ? A ASP 104 ? A ASP 104 ? 1_555 51.5  ? 
44 OE1 ? A GLU 95  ? A GLU 95  ? 1_555 CA ? C CA . ? A CA 116 ? 1_555 O3  ? B BDF .   ? A BDF 115 ? 1_555 137.0 ? 
45 OE2 ? A GLU 95  ? A GLU 95  ? 1_555 CA ? C CA . ? A CA 116 ? 1_555 O3  ? B BDF .   ? A BDF 115 ? 1_555 82.6  ? 
46 OD1 ? A ASP 99  ? A ASP 99  ? 1_555 CA ? C CA . ? A CA 116 ? 1_555 O3  ? B BDF .   ? A BDF 115 ? 1_555 90.2  ? 
47 OD1 ? A ASP 101 ? A ASP 101 ? 1_555 CA ? C CA . ? A CA 116 ? 1_555 O3  ? B BDF .   ? A BDF 115 ? 1_555 145.5 ? 
48 OD2 ? A ASP 104 ? A ASP 104 ? 1_555 CA ? C CA . ? A CA 116 ? 1_555 O3  ? B BDF .   ? A BDF 115 ? 1_555 88.0  ? 
49 OD1 ? A ASP 104 ? A ASP 104 ? 1_555 CA ? C CA . ? A CA 116 ? 1_555 O3  ? B BDF .   ? A BDF 115 ? 1_555 85.3  ? 
50 OE1 ? A GLU 95  ? A GLU 95  ? 1_555 CA ? C CA . ? A CA 116 ? 1_555 O4  ? B BDF .   ? A BDF 115 ? 1_555 147.8 ? 
51 OE2 ? A GLU 95  ? A GLU 95  ? 1_555 CA ? C CA . ? A CA 116 ? 1_555 O4  ? B BDF .   ? A BDF 115 ? 1_555 143.7 ? 
52 OD1 ? A ASP 99  ? A ASP 99  ? 1_555 CA ? C CA . ? A CA 116 ? 1_555 O4  ? B BDF .   ? A BDF 115 ? 1_555 76.2  ? 
53 OD1 ? A ASP 101 ? A ASP 101 ? 1_555 CA ? C CA . ? A CA 116 ? 1_555 O4  ? B BDF .   ? A BDF 115 ? 1_555 76.4  ? 
54 OD2 ? A ASP 104 ? A ASP 104 ? 1_555 CA ? C CA . ? A CA 116 ? 1_555 O4  ? B BDF .   ? A BDF 115 ? 1_555 120.7 ? 
55 OD1 ? A ASP 104 ? A ASP 104 ? 1_555 CA ? C CA . ? A CA 116 ? 1_555 O4  ? B BDF .   ? A BDF 115 ? 1_555 72.0  ? 
56 O3  ? B BDF .   ? A BDF 115 ? 1_555 CA ? C CA . ? A CA 116 ? 1_555 O4  ? B BDF .   ? A BDF 115 ? 1_555 69.3  ? 
# 
_struct_mon_prot_cis.pdbx_id                1 
_struct_mon_prot_cis.label_comp_id          TRP 
_struct_mon_prot_cis.label_seq_id           111 
_struct_mon_prot_cis.label_asym_id          A 
_struct_mon_prot_cis.label_alt_id           . 
_struct_mon_prot_cis.pdbx_PDB_ins_code      ? 
_struct_mon_prot_cis.auth_comp_id           TRP 
_struct_mon_prot_cis.auth_seq_id            111 
_struct_mon_prot_cis.auth_asym_id           A 
_struct_mon_prot_cis.pdbx_label_comp_id_2   PRO 
_struct_mon_prot_cis.pdbx_label_seq_id_2    112 
_struct_mon_prot_cis.pdbx_label_asym_id_2   A 
_struct_mon_prot_cis.pdbx_PDB_ins_code_2    ? 
_struct_mon_prot_cis.pdbx_auth_comp_id_2    PRO 
_struct_mon_prot_cis.pdbx_auth_seq_id_2     112 
_struct_mon_prot_cis.pdbx_auth_asym_id_2    A 
_struct_mon_prot_cis.pdbx_PDB_model_num     1 
_struct_mon_prot_cis.pdbx_omega_angle       2.39 
# 
_struct_sheet.id               A 
_struct_sheet.type             ? 
_struct_sheet.number_strands   10 
_struct_sheet.details          ? 
# 
loop_
_struct_sheet_order.sheet_id 
_struct_sheet_order.range_id_1 
_struct_sheet_order.range_id_2 
_struct_sheet_order.offset 
_struct_sheet_order.sense 
A 1 2  ? anti-parallel 
A 2 3  ? anti-parallel 
A 3 4  ? anti-parallel 
A 4 5  ? anti-parallel 
A 5 6  ? anti-parallel 
A 6 7  ? anti-parallel 
A 7 8  ? anti-parallel 
A 8 9  ? anti-parallel 
A 9 10 ? anti-parallel 
# 
loop_
_struct_sheet_range.sheet_id 
_struct_sheet_range.id 
_struct_sheet_range.beg_label_comp_id 
_struct_sheet_range.beg_label_asym_id 
_struct_sheet_range.beg_label_seq_id 
_struct_sheet_range.pdbx_beg_PDB_ins_code 
_struct_sheet_range.end_label_comp_id 
_struct_sheet_range.end_label_asym_id 
_struct_sheet_range.end_label_seq_id 
_struct_sheet_range.pdbx_end_PDB_ins_code 
_struct_sheet_range.beg_auth_comp_id 
_struct_sheet_range.beg_auth_asym_id 
_struct_sheet_range.beg_auth_seq_id 
_struct_sheet_range.end_auth_comp_id 
_struct_sheet_range.end_auth_asym_id 
_struct_sheet_range.end_auth_seq_id 
A 1  VAL A 5   ? THR A 7   ? VAL A 5   THR A 7   
A 2  LYS A 62  ? VAL A 69  ? LYS A 62  VAL A 69  
A 3  ARG A 72  ? PRO A 73  ? ARG A 72  PRO A 73  
A 4  LYS A 62  ? VAL A 69  ? LYS A 62  VAL A 69  
A 5  ARG A 13  ? VAL A 32  ? ARG A 13  VAL A 32  
A 6  GLU A 35  ? ASN A 56  ? GLU A 35  ASN A 56  
A 7  ARG A 13  ? VAL A 32  ? ARG A 13  VAL A 32  
A 8  ALA A 105 ? TRP A 111 ? ALA A 105 TRP A 111 
A 9  LEU A 87  ? GLU A 95  ? LEU A 87  GLU A 95  
A 10 ASP A 75  ? LEU A 83  ? ASP A 75  LEU A 83  
# 
loop_
_pdbx_struct_sheet_hbond.sheet_id 
_pdbx_struct_sheet_hbond.range_id_1 
_pdbx_struct_sheet_hbond.range_id_2 
_pdbx_struct_sheet_hbond.range_1_label_atom_id 
_pdbx_struct_sheet_hbond.range_1_label_comp_id 
_pdbx_struct_sheet_hbond.range_1_label_asym_id 
_pdbx_struct_sheet_hbond.range_1_label_seq_id 
_pdbx_struct_sheet_hbond.range_1_PDB_ins_code 
_pdbx_struct_sheet_hbond.range_1_auth_atom_id 
_pdbx_struct_sheet_hbond.range_1_auth_comp_id 
_pdbx_struct_sheet_hbond.range_1_auth_asym_id 
_pdbx_struct_sheet_hbond.range_1_auth_seq_id 
_pdbx_struct_sheet_hbond.range_2_label_atom_id 
_pdbx_struct_sheet_hbond.range_2_label_comp_id 
_pdbx_struct_sheet_hbond.range_2_label_asym_id 
_pdbx_struct_sheet_hbond.range_2_label_seq_id 
_pdbx_struct_sheet_hbond.range_2_PDB_ins_code 
_pdbx_struct_sheet_hbond.range_2_auth_atom_id 
_pdbx_struct_sheet_hbond.range_2_auth_comp_id 
_pdbx_struct_sheet_hbond.range_2_auth_asym_id 
_pdbx_struct_sheet_hbond.range_2_auth_seq_id 
A 1 2  N PHE A 6   ? N PHE A 6   O VAL A 63  ? O VAL A 63  
A 2 3  N VAL A 69  ? N VAL A 69  O ARG A 72  ? O ARG A 72  
A 3 4  O ARG A 72  ? O ARG A 72  N VAL A 69  ? N VAL A 69  
A 4 5  O SER A 68  ? O SER A 68  N THR A 27  ? N THR A 27  
A 5 6  N VAL A 32  ? N VAL A 32  O GLU A 35  ? O GLU A 35  
A 6 7  O LEU A 55  ? O LEU A 55  N PHE A 14  ? N PHE A 14  
A 7 8  N PHE A 19  ? N PHE A 19  O VAL A 106 ? O VAL A 106 
A 8 9  O TRP A 111 ? O TRP A 111 N ASN A 88  ? N ASN A 88  
A 9 10 O GLU A 95  ? O GLU A 95  N ASP A 75  ? N ASP A 75  
# 
_pdbx_validate_torsion.id              1 
_pdbx_validate_torsion.PDB_model_num   1 
_pdbx_validate_torsion.auth_comp_id    GLU 
_pdbx_validate_torsion.auth_asym_id    A 
_pdbx_validate_torsion.auth_seq_id     86 
_pdbx_validate_torsion.PDB_ins_code    ? 
_pdbx_validate_torsion.label_alt_id    ? 
_pdbx_validate_torsion.phi             -144.41 
_pdbx_validate_torsion.psi             -46.83 
# 
_pdbx_struct_special_symmetry.id              1 
_pdbx_struct_special_symmetry.PDB_model_num   1 
_pdbx_struct_special_symmetry.auth_asym_id    A 
_pdbx_struct_special_symmetry.auth_comp_id    HOH 
_pdbx_struct_special_symmetry.auth_seq_id     311 
_pdbx_struct_special_symmetry.PDB_ins_code    ? 
_pdbx_struct_special_symmetry.label_asym_id   E 
_pdbx_struct_special_symmetry.label_comp_id   HOH 
_pdbx_struct_special_symmetry.label_seq_id    . 
# 
loop_
_chem_comp_atom.comp_id 
_chem_comp_atom.atom_id 
_chem_comp_atom.type_symbol 
_chem_comp_atom.pdbx_aromatic_flag 
_chem_comp_atom.pdbx_stereo_config 
_chem_comp_atom.pdbx_ordinal 
ALA N    N  N N 1   
ALA CA   C  N S 2   
ALA C    C  N N 3   
ALA O    O  N N 4   
ALA CB   C  N N 5   
ALA OXT  O  N N 6   
ALA H    H  N N 7   
ALA H2   H  N N 8   
ALA HA   H  N N 9   
ALA HB1  H  N N 10  
ALA HB2  H  N N 11  
ALA HB3  H  N N 12  
ALA HXT  H  N N 13  
ARG N    N  N N 14  
ARG CA   C  N S 15  
ARG C    C  N N 16  
ARG O    O  N N 17  
ARG CB   C  N N 18  
ARG CG   C  N N 19  
ARG CD   C  N N 20  
ARG NE   N  N N 21  
ARG CZ   C  N N 22  
ARG NH1  N  N N 23  
ARG NH2  N  N N 24  
ARG OXT  O  N N 25  
ARG H    H  N N 26  
ARG H2   H  N N 27  
ARG HA   H  N N 28  
ARG HB2  H  N N 29  
ARG HB3  H  N N 30  
ARG HG2  H  N N 31  
ARG HG3  H  N N 32  
ARG HD2  H  N N 33  
ARG HD3  H  N N 34  
ARG HE   H  N N 35  
ARG HH11 H  N N 36  
ARG HH12 H  N N 37  
ARG HH21 H  N N 38  
ARG HH22 H  N N 39  
ARG HXT  H  N N 40  
ASN N    N  N N 41  
ASN CA   C  N S 42  
ASN C    C  N N 43  
ASN O    O  N N 44  
ASN CB   C  N N 45  
ASN CG   C  N N 46  
ASN OD1  O  N N 47  
ASN ND2  N  N N 48  
ASN OXT  O  N N 49  
ASN H    H  N N 50  
ASN H2   H  N N 51  
ASN HA   H  N N 52  
ASN HB2  H  N N 53  
ASN HB3  H  N N 54  
ASN HD21 H  N N 55  
ASN HD22 H  N N 56  
ASN HXT  H  N N 57  
ASP N    N  N N 58  
ASP CA   C  N S 59  
ASP C    C  N N 60  
ASP O    O  N N 61  
ASP CB   C  N N 62  
ASP CG   C  N N 63  
ASP OD1  O  N N 64  
ASP OD2  O  N N 65  
ASP OXT  O  N N 66  
ASP H    H  N N 67  
ASP H2   H  N N 68  
ASP HA   H  N N 69  
ASP HB2  H  N N 70  
ASP HB3  H  N N 71  
ASP HD2  H  N N 72  
ASP HXT  H  N N 73  
BDF C1   C  N N 74  
BDF C2   C  N R 75  
BDF C3   C  N S 76  
BDF C4   C  N R 77  
BDF C5   C  N R 78  
BDF C6   C  N N 79  
BDF O1   O  N N 80  
BDF O2   O  N N 81  
BDF O3   O  N N 82  
BDF O4   O  N N 83  
BDF O5   O  N N 84  
BDF O6   O  N N 85  
BDF H11  H  N N 86  
BDF H12  H  N N 87  
BDF H3   H  N N 88  
BDF H4   H  N N 89  
BDF H5   H  N N 90  
BDF H61  H  N N 91  
BDF H62  H  N N 92  
BDF HO1  H  N N 93  
BDF HO2  H  N N 94  
BDF HO3  H  N N 95  
BDF HO4  H  N N 96  
BDF HO5  H  N N 97  
CA  CA   CA N N 98  
GLN N    N  N N 99  
GLN CA   C  N S 100 
GLN C    C  N N 101 
GLN O    O  N N 102 
GLN CB   C  N N 103 
GLN CG   C  N N 104 
GLN CD   C  N N 105 
GLN OE1  O  N N 106 
GLN NE2  N  N N 107 
GLN OXT  O  N N 108 
GLN H    H  N N 109 
GLN H2   H  N N 110 
GLN HA   H  N N 111 
GLN HB2  H  N N 112 
GLN HB3  H  N N 113 
GLN HG2  H  N N 114 
GLN HG3  H  N N 115 
GLN HE21 H  N N 116 
GLN HE22 H  N N 117 
GLN HXT  H  N N 118 
GLU N    N  N N 119 
GLU CA   C  N S 120 
GLU C    C  N N 121 
GLU O    O  N N 122 
GLU CB   C  N N 123 
GLU CG   C  N N 124 
GLU CD   C  N N 125 
GLU OE1  O  N N 126 
GLU OE2  O  N N 127 
GLU OXT  O  N N 128 
GLU H    H  N N 129 
GLU H2   H  N N 130 
GLU HA   H  N N 131 
GLU HB2  H  N N 132 
GLU HB3  H  N N 133 
GLU HG2  H  N N 134 
GLU HG3  H  N N 135 
GLU HE2  H  N N 136 
GLU HXT  H  N N 137 
GLY N    N  N N 138 
GLY CA   C  N N 139 
GLY C    C  N N 140 
GLY O    O  N N 141 
GLY OXT  O  N N 142 
GLY H    H  N N 143 
GLY H2   H  N N 144 
GLY HA2  H  N N 145 
GLY HA3  H  N N 146 
GLY HXT  H  N N 147 
HOH O    O  N N 148 
HOH H1   H  N N 149 
HOH H2   H  N N 150 
ILE N    N  N N 151 
ILE CA   C  N S 152 
ILE C    C  N N 153 
ILE O    O  N N 154 
ILE CB   C  N S 155 
ILE CG1  C  N N 156 
ILE CG2  C  N N 157 
ILE CD1  C  N N 158 
ILE OXT  O  N N 159 
ILE H    H  N N 160 
ILE H2   H  N N 161 
ILE HA   H  N N 162 
ILE HB   H  N N 163 
ILE HG12 H  N N 164 
ILE HG13 H  N N 165 
ILE HG21 H  N N 166 
ILE HG22 H  N N 167 
ILE HG23 H  N N 168 
ILE HD11 H  N N 169 
ILE HD12 H  N N 170 
ILE HD13 H  N N 171 
ILE HXT  H  N N 172 
LEU N    N  N N 173 
LEU CA   C  N S 174 
LEU C    C  N N 175 
LEU O    O  N N 176 
LEU CB   C  N N 177 
LEU CG   C  N N 178 
LEU CD1  C  N N 179 
LEU CD2  C  N N 180 
LEU OXT  O  N N 181 
LEU H    H  N N 182 
LEU H2   H  N N 183 
LEU HA   H  N N 184 
LEU HB2  H  N N 185 
LEU HB3  H  N N 186 
LEU HG   H  N N 187 
LEU HD11 H  N N 188 
LEU HD12 H  N N 189 
LEU HD13 H  N N 190 
LEU HD21 H  N N 191 
LEU HD22 H  N N 192 
LEU HD23 H  N N 193 
LEU HXT  H  N N 194 
LYS N    N  N N 195 
LYS CA   C  N S 196 
LYS C    C  N N 197 
LYS O    O  N N 198 
LYS CB   C  N N 199 
LYS CG   C  N N 200 
LYS CD   C  N N 201 
LYS CE   C  N N 202 
LYS NZ   N  N N 203 
LYS OXT  O  N N 204 
LYS H    H  N N 205 
LYS H2   H  N N 206 
LYS HA   H  N N 207 
LYS HB2  H  N N 208 
LYS HB3  H  N N 209 
LYS HG2  H  N N 210 
LYS HG3  H  N N 211 
LYS HD2  H  N N 212 
LYS HD3  H  N N 213 
LYS HE2  H  N N 214 
LYS HE3  H  N N 215 
LYS HZ1  H  N N 216 
LYS HZ2  H  N N 217 
LYS HZ3  H  N N 218 
LYS HXT  H  N N 219 
PHE N    N  N N 220 
PHE CA   C  N S 221 
PHE C    C  N N 222 
PHE O    O  N N 223 
PHE CB   C  N N 224 
PHE CG   C  Y N 225 
PHE CD1  C  Y N 226 
PHE CD2  C  Y N 227 
PHE CE1  C  Y N 228 
PHE CE2  C  Y N 229 
PHE CZ   C  Y N 230 
PHE OXT  O  N N 231 
PHE H    H  N N 232 
PHE H2   H  N N 233 
PHE HA   H  N N 234 
PHE HB2  H  N N 235 
PHE HB3  H  N N 236 
PHE HD1  H  N N 237 
PHE HD2  H  N N 238 
PHE HE1  H  N N 239 
PHE HE2  H  N N 240 
PHE HZ   H  N N 241 
PHE HXT  H  N N 242 
PRO N    N  N N 243 
PRO CA   C  N S 244 
PRO C    C  N N 245 
PRO O    O  N N 246 
PRO CB   C  N N 247 
PRO CG   C  N N 248 
PRO CD   C  N N 249 
PRO OXT  O  N N 250 
PRO H    H  N N 251 
PRO HA   H  N N 252 
PRO HB2  H  N N 253 
PRO HB3  H  N N 254 
PRO HG2  H  N N 255 
PRO HG3  H  N N 256 
PRO HD2  H  N N 257 
PRO HD3  H  N N 258 
PRO HXT  H  N N 259 
SER N    N  N N 260 
SER CA   C  N S 261 
SER C    C  N N 262 
SER O    O  N N 263 
SER CB   C  N N 264 
SER OG   O  N N 265 
SER OXT  O  N N 266 
SER H    H  N N 267 
SER H2   H  N N 268 
SER HA   H  N N 269 
SER HB2  H  N N 270 
SER HB3  H  N N 271 
SER HG   H  N N 272 
SER HXT  H  N N 273 
THR N    N  N N 274 
THR CA   C  N S 275 
THR C    C  N N 276 
THR O    O  N N 277 
THR CB   C  N R 278 
THR OG1  O  N N 279 
THR CG2  C  N N 280 
THR OXT  O  N N 281 
THR H    H  N N 282 
THR H2   H  N N 283 
THR HA   H  N N 284 
THR HB   H  N N 285 
THR HG1  H  N N 286 
THR HG21 H  N N 287 
THR HG22 H  N N 288 
THR HG23 H  N N 289 
THR HXT  H  N N 290 
TRP N    N  N N 291 
TRP CA   C  N S 292 
TRP C    C  N N 293 
TRP O    O  N N 294 
TRP CB   C  N N 295 
TRP CG   C  Y N 296 
TRP CD1  C  Y N 297 
TRP CD2  C  Y N 298 
TRP NE1  N  Y N 299 
TRP CE2  C  Y N 300 
TRP CE3  C  Y N 301 
TRP CZ2  C  Y N 302 
TRP CZ3  C  Y N 303 
TRP CH2  C  Y N 304 
TRP OXT  O  N N 305 
TRP H    H  N N 306 
TRP H2   H  N N 307 
TRP HA   H  N N 308 
TRP HB2  H  N N 309 
TRP HB3  H  N N 310 
TRP HD1  H  N N 311 
TRP HE1  H  N N 312 
TRP HE3  H  N N 313 
TRP HZ2  H  N N 314 
TRP HZ3  H  N N 315 
TRP HH2  H  N N 316 
TRP HXT  H  N N 317 
TYR N    N  N N 318 
TYR CA   C  N S 319 
TYR C    C  N N 320 
TYR O    O  N N 321 
TYR CB   C  N N 322 
TYR CG   C  Y N 323 
TYR CD1  C  Y N 324 
TYR CD2  C  Y N 325 
TYR CE1  C  Y N 326 
TYR CE2  C  Y N 327 
TYR CZ   C  Y N 328 
TYR OH   O  N N 329 
TYR OXT  O  N N 330 
TYR H    H  N N 331 
TYR H2   H  N N 332 
TYR HA   H  N N 333 
TYR HB2  H  N N 334 
TYR HB3  H  N N 335 
TYR HD1  H  N N 336 
TYR HD2  H  N N 337 
TYR HE1  H  N N 338 
TYR HE2  H  N N 339 
TYR HH   H  N N 340 
TYR HXT  H  N N 341 
VAL N    N  N N 342 
VAL CA   C  N S 343 
VAL C    C  N N 344 
VAL O    O  N N 345 
VAL CB   C  N N 346 
VAL CG1  C  N N 347 
VAL CG2  C  N N 348 
VAL OXT  O  N N 349 
VAL H    H  N N 350 
VAL H2   H  N N 351 
VAL HA   H  N N 352 
VAL HB   H  N N 353 
VAL HG11 H  N N 354 
VAL HG12 H  N N 355 
VAL HG13 H  N N 356 
VAL HG21 H  N N 357 
VAL HG22 H  N N 358 
VAL HG23 H  N N 359 
VAL HXT  H  N N 360 
# 
loop_
_chem_comp_bond.comp_id 
_chem_comp_bond.atom_id_1 
_chem_comp_bond.atom_id_2 
_chem_comp_bond.value_order 
_chem_comp_bond.pdbx_aromatic_flag 
_chem_comp_bond.pdbx_stereo_config 
_chem_comp_bond.pdbx_ordinal 
ALA N   CA   sing N N 1   
ALA N   H    sing N N 2   
ALA N   H2   sing N N 3   
ALA CA  C    sing N N 4   
ALA CA  CB   sing N N 5   
ALA CA  HA   sing N N 6   
ALA C   O    doub N N 7   
ALA C   OXT  sing N N 8   
ALA CB  HB1  sing N N 9   
ALA CB  HB2  sing N N 10  
ALA CB  HB3  sing N N 11  
ALA OXT HXT  sing N N 12  
ARG N   CA   sing N N 13  
ARG N   H    sing N N 14  
ARG N   H2   sing N N 15  
ARG CA  C    sing N N 16  
ARG CA  CB   sing N N 17  
ARG CA  HA   sing N N 18  
ARG C   O    doub N N 19  
ARG C   OXT  sing N N 20  
ARG CB  CG   sing N N 21  
ARG CB  HB2  sing N N 22  
ARG CB  HB3  sing N N 23  
ARG CG  CD   sing N N 24  
ARG CG  HG2  sing N N 25  
ARG CG  HG3  sing N N 26  
ARG CD  NE   sing N N 27  
ARG CD  HD2  sing N N 28  
ARG CD  HD3  sing N N 29  
ARG NE  CZ   sing N N 30  
ARG NE  HE   sing N N 31  
ARG CZ  NH1  sing N N 32  
ARG CZ  NH2  doub N N 33  
ARG NH1 HH11 sing N N 34  
ARG NH1 HH12 sing N N 35  
ARG NH2 HH21 sing N N 36  
ARG NH2 HH22 sing N N 37  
ARG OXT HXT  sing N N 38  
ASN N   CA   sing N N 39  
ASN N   H    sing N N 40  
ASN N   H2   sing N N 41  
ASN CA  C    sing N N 42  
ASN CA  CB   sing N N 43  
ASN CA  HA   sing N N 44  
ASN C   O    doub N N 45  
ASN C   OXT  sing N N 46  
ASN CB  CG   sing N N 47  
ASN CB  HB2  sing N N 48  
ASN CB  HB3  sing N N 49  
ASN CG  OD1  doub N N 50  
ASN CG  ND2  sing N N 51  
ASN ND2 HD21 sing N N 52  
ASN ND2 HD22 sing N N 53  
ASN OXT HXT  sing N N 54  
ASP N   CA   sing N N 55  
ASP N   H    sing N N 56  
ASP N   H2   sing N N 57  
ASP CA  C    sing N N 58  
ASP CA  CB   sing N N 59  
ASP CA  HA   sing N N 60  
ASP C   O    doub N N 61  
ASP C   OXT  sing N N 62  
ASP CB  CG   sing N N 63  
ASP CB  HB2  sing N N 64  
ASP CB  HB3  sing N N 65  
ASP CG  OD1  doub N N 66  
ASP CG  OD2  sing N N 67  
ASP OD2 HD2  sing N N 68  
ASP OXT HXT  sing N N 69  
BDF C1  C2   sing N N 70  
BDF C1  O1   sing N N 71  
BDF C1  H11  sing N N 72  
BDF C1  H12  sing N N 73  
BDF C2  C3   sing N N 74  
BDF C2  O2   sing N N 75  
BDF C2  O6   sing N N 76  
BDF C3  C4   sing N N 77  
BDF C3  O3   sing N N 78  
BDF C3  H3   sing N N 79  
BDF C4  C5   sing N N 80  
BDF C4  O4   sing N N 81  
BDF C4  H4   sing N N 82  
BDF C5  C6   sing N N 83  
BDF C5  O5   sing N N 84  
BDF C5  H5   sing N N 85  
BDF C6  O6   sing N N 86  
BDF C6  H61  sing N N 87  
BDF C6  H62  sing N N 88  
BDF O1  HO1  sing N N 89  
BDF O2  HO2  sing N N 90  
BDF O3  HO3  sing N N 91  
BDF O4  HO4  sing N N 92  
BDF O5  HO5  sing N N 93  
GLN N   CA   sing N N 94  
GLN N   H    sing N N 95  
GLN N   H2   sing N N 96  
GLN CA  C    sing N N 97  
GLN CA  CB   sing N N 98  
GLN CA  HA   sing N N 99  
GLN C   O    doub N N 100 
GLN C   OXT  sing N N 101 
GLN CB  CG   sing N N 102 
GLN CB  HB2  sing N N 103 
GLN CB  HB3  sing N N 104 
GLN CG  CD   sing N N 105 
GLN CG  HG2  sing N N 106 
GLN CG  HG3  sing N N 107 
GLN CD  OE1  doub N N 108 
GLN CD  NE2  sing N N 109 
GLN NE2 HE21 sing N N 110 
GLN NE2 HE22 sing N N 111 
GLN OXT HXT  sing N N 112 
GLU N   CA   sing N N 113 
GLU N   H    sing N N 114 
GLU N   H2   sing N N 115 
GLU CA  C    sing N N 116 
GLU CA  CB   sing N N 117 
GLU CA  HA   sing N N 118 
GLU C   O    doub N N 119 
GLU C   OXT  sing N N 120 
GLU CB  CG   sing N N 121 
GLU CB  HB2  sing N N 122 
GLU CB  HB3  sing N N 123 
GLU CG  CD   sing N N 124 
GLU CG  HG2  sing N N 125 
GLU CG  HG3  sing N N 126 
GLU CD  OE1  doub N N 127 
GLU CD  OE2  sing N N 128 
GLU OE2 HE2  sing N N 129 
GLU OXT HXT  sing N N 130 
GLY N   CA   sing N N 131 
GLY N   H    sing N N 132 
GLY N   H2   sing N N 133 
GLY CA  C    sing N N 134 
GLY CA  HA2  sing N N 135 
GLY CA  HA3  sing N N 136 
GLY C   O    doub N N 137 
GLY C   OXT  sing N N 138 
GLY OXT HXT  sing N N 139 
HOH O   H1   sing N N 140 
HOH O   H2   sing N N 141 
ILE N   CA   sing N N 142 
ILE N   H    sing N N 143 
ILE N   H2   sing N N 144 
ILE CA  C    sing N N 145 
ILE CA  CB   sing N N 146 
ILE CA  HA   sing N N 147 
ILE C   O    doub N N 148 
ILE C   OXT  sing N N 149 
ILE CB  CG1  sing N N 150 
ILE CB  CG2  sing N N 151 
ILE CB  HB   sing N N 152 
ILE CG1 CD1  sing N N 153 
ILE CG1 HG12 sing N N 154 
ILE CG1 HG13 sing N N 155 
ILE CG2 HG21 sing N N 156 
ILE CG2 HG22 sing N N 157 
ILE CG2 HG23 sing N N 158 
ILE CD1 HD11 sing N N 159 
ILE CD1 HD12 sing N N 160 
ILE CD1 HD13 sing N N 161 
ILE OXT HXT  sing N N 162 
LEU N   CA   sing N N 163 
LEU N   H    sing N N 164 
LEU N   H2   sing N N 165 
LEU CA  C    sing N N 166 
LEU CA  CB   sing N N 167 
LEU CA  HA   sing N N 168 
LEU C   O    doub N N 169 
LEU C   OXT  sing N N 170 
LEU CB  CG   sing N N 171 
LEU CB  HB2  sing N N 172 
LEU CB  HB3  sing N N 173 
LEU CG  CD1  sing N N 174 
LEU CG  CD2  sing N N 175 
LEU CG  HG   sing N N 176 
LEU CD1 HD11 sing N N 177 
LEU CD1 HD12 sing N N 178 
LEU CD1 HD13 sing N N 179 
LEU CD2 HD21 sing N N 180 
LEU CD2 HD22 sing N N 181 
LEU CD2 HD23 sing N N 182 
LEU OXT HXT  sing N N 183 
LYS N   CA   sing N N 184 
LYS N   H    sing N N 185 
LYS N   H2   sing N N 186 
LYS CA  C    sing N N 187 
LYS CA  CB   sing N N 188 
LYS CA  HA   sing N N 189 
LYS C   O    doub N N 190 
LYS C   OXT  sing N N 191 
LYS CB  CG   sing N N 192 
LYS CB  HB2  sing N N 193 
LYS CB  HB3  sing N N 194 
LYS CG  CD   sing N N 195 
LYS CG  HG2  sing N N 196 
LYS CG  HG3  sing N N 197 
LYS CD  CE   sing N N 198 
LYS CD  HD2  sing N N 199 
LYS CD  HD3  sing N N 200 
LYS CE  NZ   sing N N 201 
LYS CE  HE2  sing N N 202 
LYS CE  HE3  sing N N 203 
LYS NZ  HZ1  sing N N 204 
LYS NZ  HZ2  sing N N 205 
LYS NZ  HZ3  sing N N 206 
LYS OXT HXT  sing N N 207 
PHE N   CA   sing N N 208 
PHE N   H    sing N N 209 
PHE N   H2   sing N N 210 
PHE CA  C    sing N N 211 
PHE CA  CB   sing N N 212 
PHE CA  HA   sing N N 213 
PHE C   O    doub N N 214 
PHE C   OXT  sing N N 215 
PHE CB  CG   sing N N 216 
PHE CB  HB2  sing N N 217 
PHE CB  HB3  sing N N 218 
PHE CG  CD1  doub Y N 219 
PHE CG  CD2  sing Y N 220 
PHE CD1 CE1  sing Y N 221 
PHE CD1 HD1  sing N N 222 
PHE CD2 CE2  doub Y N 223 
PHE CD2 HD2  sing N N 224 
PHE CE1 CZ   doub Y N 225 
PHE CE1 HE1  sing N N 226 
PHE CE2 CZ   sing Y N 227 
PHE CE2 HE2  sing N N 228 
PHE CZ  HZ   sing N N 229 
PHE OXT HXT  sing N N 230 
PRO N   CA   sing N N 231 
PRO N   CD   sing N N 232 
PRO N   H    sing N N 233 
PRO CA  C    sing N N 234 
PRO CA  CB   sing N N 235 
PRO CA  HA   sing N N 236 
PRO C   O    doub N N 237 
PRO C   OXT  sing N N 238 
PRO CB  CG   sing N N 239 
PRO CB  HB2  sing N N 240 
PRO CB  HB3  sing N N 241 
PRO CG  CD   sing N N 242 
PRO CG  HG2  sing N N 243 
PRO CG  HG3  sing N N 244 
PRO CD  HD2  sing N N 245 
PRO CD  HD3  sing N N 246 
PRO OXT HXT  sing N N 247 
SER N   CA   sing N N 248 
SER N   H    sing N N 249 
SER N   H2   sing N N 250 
SER CA  C    sing N N 251 
SER CA  CB   sing N N 252 
SER CA  HA   sing N N 253 
SER C   O    doub N N 254 
SER C   OXT  sing N N 255 
SER CB  OG   sing N N 256 
SER CB  HB2  sing N N 257 
SER CB  HB3  sing N N 258 
SER OG  HG   sing N N 259 
SER OXT HXT  sing N N 260 
THR N   CA   sing N N 261 
THR N   H    sing N N 262 
THR N   H2   sing N N 263 
THR CA  C    sing N N 264 
THR CA  CB   sing N N 265 
THR CA  HA   sing N N 266 
THR C   O    doub N N 267 
THR C   OXT  sing N N 268 
THR CB  OG1  sing N N 269 
THR CB  CG2  sing N N 270 
THR CB  HB   sing N N 271 
THR OG1 HG1  sing N N 272 
THR CG2 HG21 sing N N 273 
THR CG2 HG22 sing N N 274 
THR CG2 HG23 sing N N 275 
THR OXT HXT  sing N N 276 
TRP N   CA   sing N N 277 
TRP N   H    sing N N 278 
TRP N   H2   sing N N 279 
TRP CA  C    sing N N 280 
TRP CA  CB   sing N N 281 
TRP CA  HA   sing N N 282 
TRP C   O    doub N N 283 
TRP C   OXT  sing N N 284 
TRP CB  CG   sing N N 285 
TRP CB  HB2  sing N N 286 
TRP CB  HB3  sing N N 287 
TRP CG  CD1  doub Y N 288 
TRP CG  CD2  sing Y N 289 
TRP CD1 NE1  sing Y N 290 
TRP CD1 HD1  sing N N 291 
TRP CD2 CE2  doub Y N 292 
TRP CD2 CE3  sing Y N 293 
TRP NE1 CE2  sing Y N 294 
TRP NE1 HE1  sing N N 295 
TRP CE2 CZ2  sing Y N 296 
TRP CE3 CZ3  doub Y N 297 
TRP CE3 HE3  sing N N 298 
TRP CZ2 CH2  doub Y N 299 
TRP CZ2 HZ2  sing N N 300 
TRP CZ3 CH2  sing Y N 301 
TRP CZ3 HZ3  sing N N 302 
TRP CH2 HH2  sing N N 303 
TRP OXT HXT  sing N N 304 
TYR N   CA   sing N N 305 
TYR N   H    sing N N 306 
TYR N   H2   sing N N 307 
TYR CA  C    sing N N 308 
TYR CA  CB   sing N N 309 
TYR CA  HA   sing N N 310 
TYR C   O    doub N N 311 
TYR C   OXT  sing N N 312 
TYR CB  CG   sing N N 313 
TYR CB  HB2  sing N N 314 
TYR CB  HB3  sing N N 315 
TYR CG  CD1  doub Y N 316 
TYR CG  CD2  sing Y N 317 
TYR CD1 CE1  sing Y N 318 
TYR CD1 HD1  sing N N 319 
TYR CD2 CE2  doub Y N 320 
TYR CD2 HD2  sing N N 321 
TYR CE1 CZ   doub Y N 322 
TYR CE1 HE1  sing N N 323 
TYR CE2 CZ   sing Y N 324 
TYR CE2 HE2  sing N N 325 
TYR CZ  OH   sing N N 326 
TYR OH  HH   sing N N 327 
TYR OXT HXT  sing N N 328 
VAL N   CA   sing N N 329 
VAL N   H    sing N N 330 
VAL N   H2   sing N N 331 
VAL CA  C    sing N N 332 
VAL CA  CB   sing N N 333 
VAL CA  HA   sing N N 334 
VAL C   O    doub N N 335 
VAL C   OXT  sing N N 336 
VAL CB  CG1  sing N N 337 
VAL CB  CG2  sing N N 338 
VAL CB  HB   sing N N 339 
VAL CG1 HG11 sing N N 340 
VAL CG1 HG12 sing N N 341 
VAL CG1 HG13 sing N N 342 
VAL CG2 HG21 sing N N 343 
VAL CG2 HG22 sing N N 344 
VAL CG2 HG23 sing N N 345 
VAL OXT HXT  sing N N 346 
# 
_atom_sites.entry_id                    1OVP 
_atom_sites.fract_transf_matrix[1][1]   0.00398412 
_atom_sites.fract_transf_matrix[1][2]   -0.01575929 
_atom_sites.fract_transf_matrix[1][3]   -0.00953839 
_atom_sites.fract_transf_matrix[2][1]   -0.01263953 
_atom_sites.fract_transf_matrix[2][2]   0.00103686 
_atom_sites.fract_transf_matrix[2][3]   -0.00699253 
_atom_sites.fract_transf_matrix[3][1]   0.00593832 
_atom_sites.fract_transf_matrix[3][2]   0.00733936 
_atom_sites.fract_transf_matrix[3][3]   -0.00964568 
_atom_sites.fract_transf_vector[1]      0.412457 
_atom_sites.fract_transf_vector[2]      0.186893 
_atom_sites.fract_transf_vector[3]      0.387221 
# 
loop_
_atom_type.symbol 
C  
CA 
N  
O  
# 
loop_
_atom_site.group_PDB 
_atom_site.id 
_atom_site.type_symbol 
_atom_site.label_atom_id 
_atom_site.label_alt_id 
_atom_site.label_comp_id 
_atom_site.label_asym_id 
_atom_site.label_entity_id 
_atom_site.label_seq_id 
_atom_site.pdbx_PDB_ins_code 
_atom_site.Cartn_x 
_atom_site.Cartn_y 
_atom_site.Cartn_z 
_atom_site.occupancy 
_atom_site.B_iso_or_equiv 
_atom_site.pdbx_formal_charge 
_atom_site.auth_seq_id 
_atom_site.auth_comp_id 
_atom_site.auth_asym_id 
_atom_site.auth_atom_id 
_atom_site.pdbx_PDB_model_num 
ATOM   1    N  N   . ALA A 1 1   ? 9.379   -7.214  12.810  1.00 12.70 ? 1   ALA A N   1 
ATOM   2    C  CA  . ALA A 1 1   ? 9.336   -5.725  12.771  1.00 9.07  ? 1   ALA A CA  1 
ATOM   3    C  C   . ALA A 1 1   ? 8.074   -5.243  12.074  1.00 7.59  ? 1   ALA A C   1 
ATOM   4    O  O   . ALA A 1 1   ? 7.524   -5.931  11.210  1.00 10.03 ? 1   ALA A O   1 
ATOM   5    C  CB  . ALA A 1 1   ? 10.559  -5.186  12.048  1.00 10.34 ? 1   ALA A CB  1 
ATOM   6    N  N   . THR A 1 2   ? 7.612   -4.058  12.454  1.00 8.95  ? 2   THR A N   1 
ATOM   7    C  CA  . THR A 1 2   ? 6.426   -3.492  11.836  1.00 9.68  ? 2   THR A CA  1 
ATOM   8    C  C   . THR A 1 2   ? 6.703   -3.228  10.365  1.00 8.61  ? 2   THR A C   1 
ATOM   9    O  O   . THR A 1 2   ? 7.806   -2.833  9.985   1.00 7.66  ? 2   THR A O   1 
ATOM   10   C  CB  . THR A 1 2   ? 6.010   -2.181  12.527  1.00 9.14  ? 2   THR A CB  1 
ATOM   11   O  OG1 . THR A 1 2   ? 5.658   -2.458  13.888  1.00 13.36 ? 2   THR A OG1 1 
ATOM   12   C  CG2 . THR A 1 2   ? 4.812   -1.555  11.822  1.00 11.57 ? 2   THR A CG2 1 
ATOM   13   N  N   . GLN A 1 3   ? 5.689   -3.461  9.541   1.00 5.64  ? 3   GLN A N   1 
ATOM   14   C  CA  . GLN A 1 3   ? 5.796   -3.267  8.104   1.00 5.90  ? 3   GLN A CA  1 
ATOM   15   C  C   . GLN A 1 3   ? 4.565   -2.510  7.624   1.00 6.96  ? 3   GLN A C   1 
ATOM   16   O  O   . GLN A 1 3   ? 3.521   -2.534  8.278   1.00 7.78  ? 3   GLN A O   1 
ATOM   17   C  CB  . GLN A 1 3   ? 5.860   -4.626  7.400   1.00 7.67  ? 3   GLN A CB  1 
ATOM   18   C  CG  . GLN A 1 3   ? 7.076   -5.488  7.724   1.00 4.59  ? 3   GLN A CG  1 
ATOM   19   C  CD  . GLN A 1 3   ? 8.357   -4.962  7.112   1.00 7.70  ? 3   GLN A CD  1 
ATOM   20   O  OE1 . GLN A 1 3   ? 8.952   -3.988  7.588   1.00 9.60  ? 3   GLN A OE1 1 
ATOM   21   N  NE2 . GLN A 1 3   ? 8.777   -5.592  6.027   1.00 4.78  ? 3   GLN A NE2 1 
ATOM   22   N  N   . GLY A 1 4   ? 4.698   -1.828  6.492   1.00 5.27  ? 4   GLY A N   1 
ATOM   23   C  CA  . GLY A 1 4   ? 3.574   -1.101  5.930   1.00 6.06  ? 4   GLY A CA  1 
ATOM   24   C  C   . GLY A 1 4   ? 3.337   0.292   6.478   1.00 5.16  ? 4   GLY A C   1 
ATOM   25   O  O   . GLY A 1 4   ? 2.334   0.920   6.145   1.00 6.40  ? 4   GLY A O   1 
ATOM   26   N  N   . VAL A 1 5   ? 4.253   0.781   7.310   1.00 5.82  ? 5   VAL A N   1 
ATOM   27   C  CA  . VAL A 1 5   ? 4.136   2.113   7.895   1.00 6.35  ? 5   VAL A CA  1 
ATOM   28   C  C   . VAL A 1 5   ? 5.239   2.999   7.333   1.00 5.64  ? 5   VAL A C   1 
ATOM   29   O  O   . VAL A 1 5   ? 6.410   2.623   7.342   1.00 6.40  ? 5   VAL A O   1 
ATOM   30   C  CB  . VAL A 1 5   ? 4.252   2.051   9.430   1.00 6.81  ? 5   VAL A CB  1 
ATOM   31   C  CG1 . VAL A 1 5   ? 4.177   3.450   10.015  1.00 8.48  ? 5   VAL A CG1 1 
ATOM   32   C  CG2 . VAL A 1 5   ? 3.140   1.174   9.995   1.00 9.11  ? 5   VAL A CG2 1 
ATOM   33   N  N   . PHE A 1 6   ? 4.860   4.179   6.848   1.00 6.87  ? 6   PHE A N   1 
ATOM   34   C  CA  . PHE A 1 6   ? 5.816   5.095   6.241   1.00 5.38  ? 6   PHE A CA  1 
ATOM   35   C  C   . PHE A 1 6   ? 5.609   6.529   6.703   1.00 7.27  ? 6   PHE A C   1 
ATOM   36   O  O   . PHE A 1 6   ? 4.474   6.991   6.843   1.00 8.26  ? 6   PHE A O   1 
ATOM   37   C  CB  . PHE A 1 6   ? 5.653   5.078   4.718   1.00 8.39  ? 6   PHE A CB  1 
ATOM   38   C  CG  . PHE A 1 6   ? 5.652   3.706   4.115   1.00 5.67  ? 6   PHE A CG  1 
ATOM   39   C  CD1 . PHE A 1 6   ? 6.828   2.974   3.992   1.00 6.98  ? 6   PHE A CD1 1 
ATOM   40   C  CD2 . PHE A 1 6   ? 4.463   3.144   3.657   1.00 5.40  ? 6   PHE A CD2 1 
ATOM   41   C  CE1 . PHE A 1 6   ? 6.823   1.700   3.418   1.00 8.09  ? 6   PHE A CE1 1 
ATOM   42   C  CE2 . PHE A 1 6   ? 4.446   1.873   3.085   1.00 6.59  ? 6   PHE A CE2 1 
ATOM   43   C  CZ  . PHE A 1 6   ? 5.627   1.151   2.963   1.00 6.45  ? 6   PHE A CZ  1 
ATOM   44   N  N   . THR A 1 7   ? 6.709   7.237   6.932   1.00 7.15  ? 7   THR A N   1 
ATOM   45   C  CA  . THR A 1 7   ? 6.625   8.638   7.308   1.00 7.71  ? 7   THR A CA  1 
ATOM   46   C  C   . THR A 1 7   ? 6.970   9.470   6.080   1.00 8.38  ? 7   THR A C   1 
ATOM   47   O  O   . THR A 1 7   ? 8.118   9.494   5.637   1.00 9.63  ? 7   THR A O   1 
ATOM   48   C  CB  . THR A 1 7   ? 7.606   9.004   8.435   1.00 7.42  ? 7   THR A CB  1 
ATOM   49   O  OG1 . THR A 1 7   ? 7.297   8.234   9.599   1.00 8.73  ? 7   THR A OG1 1 
ATOM   50   C  CG2 . THR A 1 7   ? 7.484   10.486  8.784   1.00 9.64  ? 7   THR A CG2 1 
ATOM   51   N  N   . LEU A 1 8   ? 5.961   10.124  5.514   1.00 6.94  ? 8   LEU A N   1 
ATOM   52   C  CA  . LEU A 1 8   ? 6.155   10.982  4.354   1.00 6.15  ? 8   LEU A CA  1 
ATOM   53   C  C   . LEU A 1 8   ? 6.296   12.416  4.820   1.00 7.32  ? 8   LEU A C   1 
ATOM   54   O  O   . LEU A 1 8   ? 5.961   12.743  5.959   1.00 9.02  ? 8   LEU A O   1 
ATOM   55   C  CB  . LEU A 1 8   ? 4.947   10.925  3.410   1.00 9.00  ? 8   LEU A CB  1 
ATOM   56   C  CG  . LEU A 1 8   ? 4.765   9.771   2.427   1.00 5.79  ? 8   LEU A CG  1 
ATOM   57   C  CD1 . LEU A 1 8   ? 4.663   8.453   3.160   1.00 6.47  ? 8   LEU A CD1 1 
ATOM   58   C  CD2 . LEU A 1 8   ? 3.516   10.029  1.598   1.00 9.00  ? 8   LEU A CD2 1 
ATOM   59   N  N   . PRO A 1 9   ? 6.835   13.286  3.959   1.00 8.22  ? 9   PRO A N   1 
ATOM   60   C  CA  . PRO A 1 9   ? 6.969   14.684  4.357   1.00 7.88  ? 9   PRO A CA  1 
ATOM   61   C  C   . PRO A 1 9   ? 5.532   15.164  4.575   1.00 8.62  ? 9   PRO A C   1 
ATOM   62   O  O   . PRO A 1 9   ? 4.605   14.696  3.905   1.00 8.97  ? 9   PRO A O   1 
ATOM   63   C  CB  . PRO A 1 9   ? 7.632   15.317  3.134   1.00 9.67  ? 9   PRO A CB  1 
ATOM   64   C  CG  . PRO A 1 9   ? 7.139   14.428  1.996   1.00 12.70 ? 9   PRO A CG  1 
ATOM   65   C  CD  . PRO A 1 9   ? 7.396   13.084  2.614   1.00 7.75  ? 9   PRO A CD  1 
ATOM   66   N  N   . ALA A 1 10  ? 5.340   16.080  5.514   1.00 8.87  ? 10  ALA A N   1 
ATOM   67   C  CA  . ALA A 1 10  ? 4.006   16.578  5.808   1.00 9.86  ? 10  ALA A CA  1 
ATOM   68   C  C   . ALA A 1 10  ? 3.355   17.307  4.640   1.00 7.57  ? 10  ALA A C   1 
ATOM   69   O  O   . ALA A 1 10  ? 4.029   17.836  3.754   1.00 10.28 ? 10  ALA A O   1 
ATOM   70   C  CB  . ALA A 1 10  ? 4.051   17.492  7.029   1.00 9.85  ? 10  ALA A CB  1 
ATOM   71   N  N   . ASN A 1 11  ? 2.026   17.301  4.647   1.00 8.21  ? 11  ASN A N   1 
ATOM   72   C  CA  . ASN A 1 11  ? 1.209   17.977  3.645   1.00 9.90  ? 11  ASN A CA  1 
ATOM   73   C  C   . ASN A 1 11  ? 1.684   17.808  2.204   1.00 11.50 ? 11  ASN A C   1 
ATOM   74   O  O   . ASN A 1 11  ? 1.755   18.773  1.439   1.00 13.67 ? 11  ASN A O   1 
ATOM   75   C  CB  . ASN A 1 11  ? 1.121   19.458  4.012   1.00 12.29 ? 11  ASN A CB  1 
ATOM   76   C  CG  . ASN A 1 11  ? 0.631   19.665  5.430   1.00 11.81 ? 11  ASN A CG  1 
ATOM   77   O  OD1 . ASN A 1 11  ? -0.426  19.164  5.807   1.00 14.28 ? 11  ASN A OD1 1 
ATOM   78   N  ND2 . ASN A 1 11  ? 1.400   20.403  6.227   1.00 13.32 ? 11  ASN A ND2 1 
ATOM   79   N  N   . THR A 1 12  ? 1.971   16.565  1.835   1.00 8.85  ? 12  THR A N   1 
ATOM   80   C  CA  . THR A 1 12  ? 2.457   16.247  0.501   1.00 9.28  ? 12  THR A CA  1 
ATOM   81   C  C   . THR A 1 12  ? 1.526   15.286  -0.232  1.00 6.64  ? 12  THR A C   1 
ATOM   82   O  O   . THR A 1 12  ? 1.084   14.281  0.327   1.00 7.81  ? 12  THR A O   1 
ATOM   83   C  CB  . THR A 1 12  ? 3.866   15.619  0.594   1.00 9.31  ? 12  THR A CB  1 
ATOM   84   O  OG1 . THR A 1 12  ? 4.748   16.534  1.256   1.00 10.99 ? 12  THR A OG1 1 
ATOM   85   C  CG2 . THR A 1 12  ? 4.423   15.315  -0.786  1.00 11.10 ? 12  THR A CG2 1 
ATOM   86   N  N   . ARG A 1 13  ? 1.217   15.610  -1.483  1.00 7.67  ? 13  ARG A N   1 
ATOM   87   C  CA  . ARG A 1 13  ? 0.370   14.752  -2.303  1.00 8.85  ? 13  ARG A CA  1 
ATOM   88   C  C   . ARG A 1 13  ? 1.167   13.505  -2.693  1.00 7.26  ? 13  ARG A C   1 
ATOM   89   O  O   . ARG A 1 13  ? 2.339   13.602  -3.060  1.00 9.22  ? 13  ARG A O   1 
ATOM   90   C  CB  . ARG A 1 13  ? -0.077  15.485  -3.585  1.00 11.00 ? 13  ARG A CB  1 
ATOM   91   C  CG  . ARG A 1 13  ? -1.178  16.517  -3.376  1.00 15.41 ? 13  ARG A CG  1 
ATOM   92   C  CD  . ARG A 1 13  ? -1.608  17.281  -4.670  1.00 24.44 ? 13  ARG A CD  1 
ATOM   93   N  NE  . ARG A 1 13  ? -0.952  16.906  -5.926  1.00 20.53 ? 13  ARG A NE  1 
ATOM   94   C  CZ  . ARG A 1 13  ? -1.588  16.427  -6.995  1.00 22.73 ? 13  ARG A CZ  1 
ATOM   95   N  NH1 . ARG A 1 13  ? -2.904  16.252  -6.955  1.00 23.18 ? 13  ARG A NH1 1 
ATOM   96   N  NH2 . ARG A 1 13  ? -0.918  16.105  -8.096  1.00 24.46 ? 13  ARG A NH2 1 
ATOM   97   N  N   . PHE A 1 14  ? 0.545   12.335  -2.590  1.00 5.95  ? 14  PHE A N   1 
ATOM   98   C  CA  . PHE A 1 14  ? 1.211   11.102  -2.989  1.00 8.41  ? 14  PHE A CA  1 
ATOM   99   C  C   . PHE A 1 14  ? 0.212   10.185  -3.663  1.00 5.10  ? 14  PHE A C   1 
ATOM   100  O  O   . PHE A 1 14  ? -0.996  10.320  -3.481  1.00 6.67  ? 14  PHE A O   1 
ATOM   101  C  CB  . PHE A 1 14  ? 1.851   10.363  -1.799  1.00 7.34  ? 14  PHE A CB  1 
ATOM   102  C  CG  . PHE A 1 14  ? 0.869   9.854   -0.774  1.00 6.03  ? 14  PHE A CG  1 
ATOM   103  C  CD1 . PHE A 1 14  ? 0.384   10.691  0.224   1.00 6.55  ? 14  PHE A CD1 1 
ATOM   104  C  CD2 . PHE A 1 14  ? 0.455   8.526   -0.790  1.00 6.26  ? 14  PHE A CD2 1 
ATOM   105  C  CE1 . PHE A 1 14  ? -0.497  10.215  1.190   1.00 7.56  ? 14  PHE A CE1 1 
ATOM   106  C  CE2 . PHE A 1 14  ? -0.427  8.041   0.172   1.00 6.67  ? 14  PHE A CE2 1 
ATOM   107  C  CZ  . PHE A 1 14  ? -0.900  8.887   1.168   1.00 8.04  ? 14  PHE A CZ  1 
ATOM   108  N  N   . GLY A 1 15  ? 0.723   9.254   -4.456  1.00 5.90  ? 15  GLY A N   1 
ATOM   109  C  CA  . GLY A 1 15  ? -0.152  8.317   -5.124  1.00 6.08  ? 15  GLY A CA  1 
ATOM   110  C  C   . GLY A 1 15  ? -0.069  6.961   -4.457  1.00 6.27  ? 15  GLY A C   1 
ATOM   111  O  O   . GLY A 1 15  ? 0.968   6.594   -3.902  1.00 6.53  ? 15  GLY A O   1 
ATOM   112  N  N   . VAL A 1 16  ? -1.175  6.227   -4.477  1.00 6.70  ? 16  VAL A N   1 
ATOM   113  C  CA  . VAL A 1 16  ? -1.201  4.889   -3.918  1.00 6.39  ? 16  VAL A CA  1 
ATOM   114  C  C   . VAL A 1 16  ? -1.943  4.024   -4.924  1.00 6.49  ? 16  VAL A C   1 
ATOM   115  O  O   . VAL A 1 16  ? -3.040  4.370   -5.374  1.00 8.34  ? 16  VAL A O   1 
ATOM   116  C  CB  . VAL A 1 16  ? -1.882  4.846   -2.519  1.00 7.08  ? 16  VAL A CB  1 
ATOM   117  C  CG1 . VAL A 1 16  ? -3.311  5.354   -2.592  1.00 8.70  ? 16  VAL A CG1 1 
ATOM   118  C  CG2 . VAL A 1 16  ? -1.840  3.428   -1.972  1.00 7.54  ? 16  VAL A CG2 1 
ATOM   119  N  N   . THR A 1 17  ? -1.325  2.909   -5.293  1.00 6.76  ? 17  THR A N   1 
ATOM   120  C  CA  . THR A 1 17  ? -1.890  2.000   -6.279  1.00 7.16  ? 17  THR A CA  1 
ATOM   121  C  C   . THR A 1 17  ? -1.728  0.565   -5.802  1.00 6.97  ? 17  THR A C   1 
ATOM   122  O  O   . THR A 1 17  ? -0.679  0.201   -5.268  1.00 7.97  ? 17  THR A O   1 
ATOM   123  C  CB  . THR A 1 17  ? -1.162  2.173   -7.628  1.00 7.72  ? 17  THR A CB  1 
ATOM   124  O  OG1 . THR A 1 17  ? -1.236  3.544   -8.033  1.00 8.08  ? 17  THR A OG1 1 
ATOM   125  C  CG2 . THR A 1 17  ? -1.792  1.304   -8.696  1.00 8.14  ? 17  THR A CG2 1 
ATOM   126  N  N   . ALA A 1 18  ? -2.759  -0.248  -6.001  1.00 6.57  ? 18  ALA A N   1 
ATOM   127  C  CA  . ALA A 1 18  ? -2.728  -1.641  -5.575  1.00 6.29  ? 18  ALA A CA  1 
ATOM   128  C  C   . ALA A 1 18  ? -2.983  -2.606  -6.725  1.00 6.48  ? 18  ALA A C   1 
ATOM   129  O  O   . ALA A 1 18  ? -3.818  -2.352  -7.599  1.00 7.05  ? 18  ALA A O   1 
ATOM   130  C  CB  . ALA A 1 18  ? -3.750  -1.870  -4.473  1.00 7.09  ? 18  ALA A CB  1 
ATOM   131  N  N   . PHE A 1 19  ? -2.257  -3.720  -6.690  1.00 7.09  ? 19  PHE A N   1 
ATOM   132  C  CA  . PHE A 1 19  ? -2.338  -4.779  -7.691  1.00 6.14  ? 19  PHE A CA  1 
ATOM   133  C  C   . PHE A 1 19  ? -2.709  -6.061  -6.949  1.00 7.88  ? 19  PHE A C   1 
ATOM   134  O  O   . PHE A 1 19  ? -2.322  -6.238  -5.794  1.00 7.97  ? 19  PHE A O   1 
ATOM   135  C  CB  . PHE A 1 19  ? -0.968  -4.988  -8.342  1.00 7.10  ? 19  PHE A CB  1 
ATOM   136  C  CG  . PHE A 1 19  ? -0.390  -3.751  -8.971  1.00 9.00  ? 19  PHE A CG  1 
ATOM   137  C  CD1 . PHE A 1 19  ? -0.660  -3.431  -10.297 1.00 7.70  ? 19  PHE A CD1 1 
ATOM   138  C  CD2 . PHE A 1 19  ? 0.436   -2.906  -8.233  1.00 10.48 ? 19  PHE A CD2 1 
ATOM   139  C  CE1 . PHE A 1 19  ? -0.117  -2.286  -10.880 1.00 10.16 ? 19  PHE A CE1 1 
ATOM   140  C  CE2 . PHE A 1 19  ? 0.980   -1.759  -8.806  1.00 10.38 ? 19  PHE A CE2 1 
ATOM   141  C  CZ  . PHE A 1 19  ? 0.706   -1.450  -10.131 1.00 9.65  ? 19  PHE A CZ  1 
ATOM   142  N  N   . ALA A 1 20  ? -3.441  -6.960  -7.603  1.00 7.63  ? 20  ALA A N   1 
ATOM   143  C  CA  . ALA A 1 20  ? -3.824  -8.218  -6.966  1.00 7.27  ? 20  ALA A CA  1 
ATOM   144  C  C   . ALA A 1 20  ? -3.289  -9.427  -7.726  1.00 6.63  ? 20  ALA A C   1 
ATOM   145  O  O   . ALA A 1 20  ? -3.270  -9.444  -8.957  1.00 6.08  ? 20  ALA A O   1 
ATOM   146  C  CB  . ALA A 1 20  ? -5.339  -8.307  -6.848  1.00 7.37  ? 20  ALA A CB  1 
ATOM   147  N  N   . ASN A 1 21  ? -2.860  -10.435 -6.970  1.00 5.76  ? 21  ASN A N   1 
ATOM   148  C  CA  . ASN A 1 21  ? -2.324  -11.685 -7.511  1.00 6.89  ? 21  ASN A CA  1 
ATOM   149  C  C   . ASN A 1 21  ? -2.680  -12.804 -6.532  1.00 5.56  ? 21  ASN A C   1 
ATOM   150  O  O   . ASN A 1 21  ? -1.814  -13.326 -5.832  1.00 6.38  ? 21  ASN A O   1 
ATOM   151  C  CB  . ASN A 1 21  ? -0.800  -11.608 -7.642  1.00 5.37  ? 21  ASN A CB  1 
ATOM   152  C  CG  . ASN A 1 21  ? -0.352  -10.655 -8.731  1.00 5.15  ? 21  ASN A CG  1 
ATOM   153  O  OD1 . ASN A 1 21  ? -0.426  -10.972 -9.918  1.00 6.69  ? 21  ASN A OD1 1 
ATOM   154  N  ND2 . ASN A 1 21  ? 0.105   -9.472  -8.331  1.00 6.41  ? 21  ASN A ND2 1 
ATOM   155  N  N   . SER A 1 22  ? -3.957  -13.163 -6.493  1.00 7.36  ? 22  SER A N   1 
ATOM   156  C  CA  . SER A 1 22  ? -4.425  -14.192 -5.574  1.00 7.55  ? 22  SER A CA  1 
ATOM   157  C  C   . SER A 1 22  ? -5.851  -14.590 -5.907  1.00 6.01  ? 22  SER A C   1 
ATOM   158  O  O   . SER A 1 22  ? -6.571  -13.849 -6.569  1.00 6.30  ? 22  SER A O   1 
ATOM   159  C  CB  . SER A 1 22  ? -4.372  -13.659 -4.140  1.00 7.81  ? 22  SER A CB  1 
ATOM   160  O  OG  . SER A 1 22  ? -4.973  -14.563 -3.230  1.00 7.66  ? 22  SER A OG  1 
ATOM   161  N  N   . SER A 1 23  ? -6.257  -15.768 -5.445  1.00 6.55  ? 23  SER A N   1 
ATOM   162  C  CA  . SER A 1 23  ? -7.619  -16.224 -5.680  1.00 7.25  ? 23  SER A CA  1 
ATOM   163  C  C   . SER A 1 23  ? -8.556  -15.472 -4.744  1.00 10.60 ? 23  SER A C   1 
ATOM   164  O  O   . SER A 1 23  ? -9.738  -15.312 -5.035  1.00 7.81  ? 23  SER A O   1 
ATOM   165  C  CB  . SER A 1 23  ? -7.741  -17.724 -5.409  1.00 8.02  ? 23  SER A CB  1 
ATOM   166  O  OG  . SER A 1 23  ? -7.485  -18.025 -4.046  1.00 8.18  ? 23  SER A OG  1 
ATOM   167  N  N   . GLY A 1 24  ? -8.017  -15.007 -3.622  1.00 6.46  ? 24  GLY A N   1 
ATOM   168  C  CA  . GLY A 1 24  ? -8.835  -14.298 -2.655  1.00 7.06  ? 24  GLY A CA  1 
ATOM   169  C  C   . GLY A 1 24  ? -9.017  -12.822 -2.943  1.00 8.11  ? 24  GLY A C   1 
ATOM   170  O  O   . GLY A 1 24  ? -8.134  -12.175 -3.507  1.00 7.63  ? 24  GLY A O   1 
ATOM   171  N  N   . THR A 1 25  ? -10.175 -12.293 -2.561  1.00 7.32  ? 25  THR A N   1 
ATOM   172  C  CA  . THR A 1 25  ? -10.477 -10.882 -2.748  1.00 8.92  ? 25  THR A CA  1 
ATOM   173  C  C   . THR A 1 25  ? -9.612  -10.092 -1.778  1.00 6.88  ? 25  THR A C   1 
ATOM   174  O  O   . THR A 1 25  ? -9.626  -10.340 -0.573  1.00 7.83  ? 25  THR A O   1 
ATOM   175  C  CB  . THR A 1 25  ? -11.963 -10.604 -2.474  1.00 7.74  ? 25  THR A CB  1 
ATOM   176  O  OG1 . THR A 1 25  ? -12.755 -11.322 -3.427  1.00 12.30 ? 25  THR A OG1 1 
ATOM   177  C  CG2 . THR A 1 25  ? -12.266 -9.118  -2.583  1.00 8.78  ? 25  THR A CG2 1 
ATOM   178  N  N   . GLN A 1 26  ? -8.850  -9.147  -2.315  1.00 7.20  ? 26  GLN A N   1 
ATOM   179  C  CA  . GLN A 1 26  ? -7.951  -8.332  -1.514  1.00 6.17  ? 26  GLN A CA  1 
ATOM   180  C  C   . GLN A 1 26  ? -8.603  -7.028  -1.090  1.00 6.26  ? 26  GLN A C   1 
ATOM   181  O  O   . GLN A 1 26  ? -9.225  -6.340  -1.902  1.00 8.37  ? 26  GLN A O   1 
ATOM   182  C  CB  . GLN A 1 26  ? -6.690  -8.017  -2.319  1.00 9.14  ? 26  GLN A CB  1 
ATOM   183  C  CG  . GLN A 1 26  ? -6.015  -9.248  -2.906  1.00 6.90  ? 26  GLN A CG  1 
ATOM   184  C  CD  . GLN A 1 26  ? -5.415  -10.163 -1.854  1.00 8.66  ? 26  GLN A CD  1 
ATOM   185  O  OE1 . GLN A 1 26  ? -5.578  -11.384 -1.911  1.00 10.59 ? 26  GLN A OE1 1 
ATOM   186  N  NE2 . GLN A 1 26  ? -4.698  -9.583  -0.903  1.00 4.92  ? 26  GLN A NE2 1 
ATOM   187  N  N   . THR A 1 27  ? -8.466  -6.705  0.190   1.00 7.46  ? 27  THR A N   1 
ATOM   188  C  CA  . THR A 1 27  ? -8.987  -5.458  0.727   1.00 8.90  ? 27  THR A CA  1 
ATOM   189  C  C   . THR A 1 27  ? -7.773  -4.674  1.212   1.00 7.06  ? 27  THR A C   1 
ATOM   190  O  O   . THR A 1 27  ? -7.105  -5.068  2.168   1.00 8.21  ? 27  THR A O   1 
ATOM   191  C  CB  . THR A 1 27  ? -9.941  -5.694  1.909   1.00 9.23  ? 27  THR A CB  1 
ATOM   192  O  OG1 . THR A 1 27  ? -11.076 -6.446  1.461   1.00 16.12 ? 27  THR A OG1 1 
ATOM   193  C  CG2 . THR A 1 27  ? -10.410 -4.361  2.493   1.00 11.63 ? 27  THR A CG2 1 
ATOM   194  N  N   . VAL A 1 28  ? -7.483  -3.577  0.525   1.00 7.24  ? 28  VAL A N   1 
ATOM   195  C  CA  . VAL A 1 28  ? -6.352  -2.725  0.856   1.00 5.24  ? 28  VAL A CA  1 
ATOM   196  C  C   . VAL A 1 28  ? -6.857  -1.441  1.500   1.00 7.43  ? 28  VAL A C   1 
ATOM   197  O  O   . VAL A 1 28  ? -7.645  -0.710  0.905   1.00 8.40  ? 28  VAL A O   1 
ATOM   198  C  CB  . VAL A 1 28  ? -5.543  -2.369  -0.412  1.00 5.69  ? 28  VAL A CB  1 
ATOM   199  C  CG1 . VAL A 1 28  ? -4.394  -1.441  -0.055  1.00 10.21 ? 28  VAL A CG1 1 
ATOM   200  C  CG2 . VAL A 1 28  ? -5.012  -3.637  -1.061  1.00 7.54  ? 28  VAL A CG2 1 
ATOM   201  N  N   . ASN A 1 29  ? -6.407  -1.177  2.719   1.00 7.81  ? 29  ASN A N   1 
ATOM   202  C  CA  . ASN A 1 29  ? -6.818  0.020   3.433   1.00 9.10  ? 29  ASN A CA  1 
ATOM   203  C  C   . ASN A 1 29  ? -5.601  0.908   3.654   1.00 5.98  ? 29  ASN A C   1 
ATOM   204  O  O   . ASN A 1 29  ? -4.530  0.435   4.045   1.00 8.25  ? 29  ASN A O   1 
ATOM   205  C  CB  . ASN A 1 29  ? -7.451  -0.361  4.776   1.00 8.72  ? 29  ASN A CB  1 
ATOM   206  C  CG  . ASN A 1 29  ? -8.073  0.824   5.491   1.00 11.91 ? 29  ASN A CG  1 
ATOM   207  O  OD1 . ASN A 1 29  ? -8.900  1.545   4.931   1.00 15.08 ? 29  ASN A OD1 1 
ATOM   208  N  ND2 . ASN A 1 29  ? -7.688  1.020   6.742   1.00 11.52 ? 29  ASN A ND2 1 
ATOM   209  N  N   . VAL A 1 30  ? -5.766  2.197   3.377   1.00 6.65  ? 30  VAL A N   1 
ATOM   210  C  CA  . VAL A 1 30  ? -4.690  3.158   3.554   1.00 7.32  ? 30  VAL A CA  1 
ATOM   211  C  C   . VAL A 1 30  ? -5.114  4.145   4.630   1.00 6.38  ? 30  VAL A C   1 
ATOM   212  O  O   . VAL A 1 30  ? -6.173  4.767   4.536   1.00 7.77  ? 30  VAL A O   1 
ATOM   213  C  CB  . VAL A 1 30  ? -4.399  3.918   2.238   1.00 8.40  ? 30  VAL A CB  1 
ATOM   214  C  CG1 . VAL A 1 30  ? -3.240  4.889   2.433   1.00 11.48 ? 30  VAL A CG1 1 
ATOM   215  C  CG2 . VAL A 1 30  ? -4.084  2.926   1.127   1.00 10.32 ? 30  VAL A CG2 1 
ATOM   216  N  N   . LEU A 1 31  ? -4.291  4.271   5.662   1.00 6.58  ? 31  LEU A N   1 
ATOM   217  C  CA  . LEU A 1 31  ? -4.574  5.179   6.759   1.00 5.30  ? 31  LEU A CA  1 
ATOM   218  C  C   . LEU A 1 31  ? -3.599  6.341   6.739   1.00 8.61  ? 31  LEU A C   1 
ATOM   219  O  O   . LEU A 1 31  ? -2.408  6.155   6.483   1.00 8.30  ? 31  LEU A O   1 
ATOM   220  C  CB  . LEU A 1 31  ? -4.422  4.470   8.105   1.00 8.30  ? 31  LEU A CB  1 
ATOM   221  C  CG  . LEU A 1 31  ? -5.217  3.200   8.401   1.00 8.55  ? 31  LEU A CG  1 
ATOM   222  C  CD1 . LEU A 1 31  ? -4.816  2.088   7.444   1.00 24.21 ? 31  LEU A CD1 1 
ATOM   223  C  CD2 . LEU A 1 31  ? -4.938  2.777   9.833   1.00 16.57 ? 31  LEU A CD2 1 
ATOM   224  N  N   . VAL A 1 32  ? -4.110  7.538   7.000   1.00 6.39  ? 32  VAL A N   1 
ATOM   225  C  CA  . VAL A 1 32  ? -3.285  8.733   7.082   1.00 6.40  ? 32  VAL A CA  1 
ATOM   226  C  C   . VAL A 1 32  ? -3.561  9.283   8.478   1.00 7.65  ? 32  VAL A C   1 
ATOM   227  O  O   . VAL A 1 32  ? -4.709  9.562   8.832   1.00 7.76  ? 32  VAL A O   1 
ATOM   228  C  CB  . VAL A 1 32  ? -3.667  9.767   6.006   1.00 6.98  ? 32  VAL A CB  1 
ATOM   229  C  CG1 . VAL A 1 32  ? -2.896  11.056  6.233   1.00 9.84  ? 32  VAL A CG1 1 
ATOM   230  C  CG2 . VAL A 1 32  ? -3.344  9.216   4.620   1.00 9.74  ? 32  VAL A CG2 1 
ATOM   231  N  N   . ASN A 1 33  ? -2.510  9.407   9.279   1.00 7.60  ? 33  ASN A N   1 
ATOM   232  C  CA  . ASN A 1 33  ? -2.631  9.883   10.651  1.00 6.80  ? 33  ASN A CA  1 
ATOM   233  C  C   . ASN A 1 33  ? -3.613  8.976   11.402  1.00 8.44  ? 33  ASN A C   1 
ATOM   234  O  O   . ASN A 1 33  ? -4.473  9.431   12.164  1.00 6.91  ? 33  ASN A O   1 
ATOM   235  C  CB  . ASN A 1 33  ? -3.095  11.342  10.676  1.00 6.89  ? 33  ASN A CB  1 
ATOM   236  C  CG  . ASN A 1 33  ? -2.815  12.017  12.004  1.00 7.80  ? 33  ASN A CG  1 
ATOM   237  O  OD1 . ASN A 1 33  ? -2.168  11.447  12.880  1.00 9.39  ? 33  ASN A OD1 1 
ATOM   238  N  ND2 . ASN A 1 33  ? -3.285  13.250  12.150  1.00 11.11 ? 33  ASN A ND2 1 
ATOM   239  N  N   . ASN A 1 34  ? -3.458  7.675   11.157  1.00 7.27  ? 34  ASN A N   1 
ATOM   240  C  CA  . ASN A 1 34  ? -4.260  6.622   11.774  1.00 5.66  ? 34  ASN A CA  1 
ATOM   241  C  C   . ASN A 1 34  ? -5.744  6.616   11.441  1.00 6.46  ? 34  ASN A C   1 
ATOM   242  O  O   . ASN A 1 34  ? -6.524  5.943   12.115  1.00 7.66  ? 34  ASN A O   1 
ATOM   243  C  CB  . ASN A 1 34  ? -4.083  6.651   13.292  1.00 8.55  ? 34  ASN A CB  1 
ATOM   244  C  CG  . ASN A 1 34  ? -2.643  6.459   13.702  1.00 9.42  ? 34  ASN A CG  1 
ATOM   245  O  OD1 . ASN A 1 34  ? -2.006  5.478   13.322  1.00 9.93  ? 34  ASN A OD1 1 
ATOM   246  N  ND2 . ASN A 1 34  ? -2.117  7.399   14.482  1.00 10.60 ? 34  ASN A ND2 1 
ATOM   247  N  N   . GLU A 1 35  ? -6.131  7.353   10.409  1.00 7.13  ? 35  GLU A N   1 
ATOM   248  C  CA  . GLU A 1 35  ? -7.527  7.415   9.994   1.00 5.86  ? 35  GLU A CA  1 
ATOM   249  C  C   . GLU A 1 35  ? -7.625  7.016   8.519   1.00 7.11  ? 35  GLU A C   1 
ATOM   250  O  O   . GLU A 1 35  ? -6.850  7.483   7.693   1.00 7.32  ? 35  GLU A O   1 
ATOM   251  C  CB  . GLU A 1 35  ? -8.075  8.830   10.204  1.00 7.61  ? 35  GLU A CB  1 
ATOM   252  C  CG  . GLU A 1 35  ? -9.488  9.004   9.698   1.00 7.27  ? 35  GLU A CG  1 
ATOM   253  C  CD  . GLU A 1 35  ? -10.502 8.156   10.444  1.00 7.43  ? 35  GLU A CD  1 
ATOM   254  O  OE1 . GLU A 1 35  ? -11.575 7.908   9.859   1.00 8.72  ? 35  GLU A OE1 1 
ATOM   255  O  OE2 . GLU A 1 35  ? -10.250 7.762   11.604  1.00 8.54  ? 35  GLU A OE2 1 
ATOM   256  N  N   . THR A 1 36  ? -8.584  6.154   8.191   1.00 6.68  ? 36  THR A N   1 
ATOM   257  C  CA  . THR A 1 36  ? -8.726  5.692   6.822   1.00 7.43  ? 36  THR A CA  1 
ATOM   258  C  C   . THR A 1 36  ? -8.842  6.852   5.834   1.00 8.08  ? 36  THR A C   1 
ATOM   259  O  O   . THR A 1 36  ? -9.558  7.833   6.075   1.00 7.80  ? 36  THR A O   1 
ATOM   260  C  CB  . THR A 1 36  ? -9.937  4.764   6.671   1.00 10.17 ? 36  THR A CB  1 
ATOM   261  O  OG1 . THR A 1 36  ? -9.920  4.137   5.386   1.00 12.87 ? 36  THR A OG1 1 
ATOM   262  C  CG2 . THR A 1 36  ? -11.226 5.535   6.863   1.00 8.34  ? 36  THR A CG2 1 
ATOM   263  N  N   . ALA A 1 37  ? -8.127  6.710   4.719   1.00 7.59  ? 37  ALA A N   1 
ATOM   264  C  CA  . ALA A 1 37  ? -8.104  7.713   3.671   1.00 6.17  ? 37  ALA A CA  1 
ATOM   265  C  C   . ALA A 1 37  ? -8.444  7.091   2.317   1.00 8.16  ? 37  ALA A C   1 
ATOM   266  O  O   . ALA A 1 37  ? -8.805  7.799   1.379   1.00 9.87  ? 37  ALA A O   1 
ATOM   267  C  CB  . ALA A 1 37  ? -6.734  8.369   3.620   1.00 9.79  ? 37  ALA A CB  1 
ATOM   268  N  N   . ALA A 1 38  ? -8.321  5.772   2.213   1.00 7.07  ? 38  ALA A N   1 
ATOM   269  C  CA  . ALA A 1 38  ? -8.633  5.087   0.966   1.00 6.20  ? 38  ALA A CA  1 
ATOM   270  C  C   . ALA A 1 38  ? -8.794  3.596   1.201   1.00 8.36  ? 38  ALA A C   1 
ATOM   271  O  O   . ALA A 1 38  ? -8.134  3.020   2.065   1.00 8.18  ? 38  ALA A O   1 
ATOM   272  C  CB  . ALA A 1 38  ? -7.533  5.336   -0.063  1.00 10.34 ? 38  ALA A CB  1 
ATOM   273  N  N   . THR A 1 39  ? -9.690  2.977   0.438   1.00 8.28  ? 39  THR A N   1 
ATOM   274  C  CA  . THR A 1 39  ? -9.916  1.546   0.539   1.00 8.67  ? 39  THR A CA  1 
ATOM   275  C  C   . THR A 1 39  ? -10.132 0.996   -0.864  1.00 10.26 ? 39  THR A C   1 
ATOM   276  O  O   . THR A 1 39  ? -10.988 1.486   -1.605  1.00 9.92  ? 39  THR A O   1 
ATOM   277  C  CB  . THR A 1 39  ? -11.162 1.208   1.386   1.00 10.26 ? 39  THR A CB  1 
ATOM   278  O  OG1 . THR A 1 39  ? -11.057 1.829   2.671   1.00 12.45 ? 39  THR A OG1 1 
ATOM   279  C  CG2 . THR A 1 39  ? -11.264 -0.294  1.591   1.00 13.65 ? 39  THR A CG2 1 
ATOM   280  N  N   . PHE A 1 40  ? -9.338  0.000   -1.238  1.00 7.93  ? 40  PHE A N   1 
ATOM   281  C  CA  . PHE A 1 40  ? -9.475  -0.628  -2.544  1.00 8.74  ? 40  PHE A CA  1 
ATOM   282  C  C   . PHE A 1 40  ? -9.844  -2.080  -2.300  1.00 10.32 ? 40  PHE A C   1 
ATOM   283  O  O   . PHE A 1 40  ? -9.382  -2.694  -1.340  1.00 11.18 ? 40  PHE A O   1 
ATOM   284  C  CB  . PHE A 1 40  ? -8.168  -0.609  -3.342  1.00 9.59  ? 40  PHE A CB  1 
ATOM   285  C  CG  . PHE A 1 40  ? -7.535  0.744   -3.475  1.00 7.80  ? 40  PHE A CG  1 
ATOM   286  C  CD1 . PHE A 1 40  ? -8.291  1.868   -3.794  1.00 12.59 ? 40  PHE A CD1 1 
ATOM   287  C  CD2 . PHE A 1 40  ? -6.158  0.880   -3.339  1.00 15.05 ? 40  PHE A CD2 1 
ATOM   288  C  CE1 . PHE A 1 40  ? -7.678  3.104   -3.980  1.00 10.49 ? 40  PHE A CE1 1 
ATOM   289  C  CE2 . PHE A 1 40  ? -5.537  2.108   -3.525  1.00 15.87 ? 40  PHE A CE2 1 
ATOM   290  C  CZ  . PHE A 1 40  ? -6.297  3.223   -3.844  1.00 10.55 ? 40  PHE A CZ  1 
ATOM   291  N  N   . SER A 1 41  ? -10.672 -2.635  -3.170  1.00 10.32 ? 41  SER A N   1 
ATOM   292  C  CA  . SER A 1 41  ? -11.067 -4.027  -3.035  1.00 11.73 ? 41  SER A CA  1 
ATOM   293  C  C   . SER A 1 41  ? -11.167 -4.620  -4.432  1.00 10.96 ? 41  SER A C   1 
ATOM   294  O  O   . SER A 1 41  ? -11.735 -4.004  -5.336  1.00 12.97 ? 41  SER A O   1 
ATOM   295  C  CB  . SER A 1 41  ? -12.411 -4.125  -2.313  1.00 13.76 ? 41  SER A CB  1 
ATOM   296  O  OG  . SER A 1 41  ? -12.731 -5.473  -2.016  1.00 23.98 ? 41  SER A OG  1 
ATOM   297  N  N   . GLY A 1 42  ? -10.605 -5.809  -4.616  1.00 7.68  ? 42  GLY A N   1 
ATOM   298  C  CA  . GLY A 1 42  ? -10.657 -6.437  -5.920  1.00 8.08  ? 42  GLY A CA  1 
ATOM   299  C  C   . GLY A 1 42  ? -10.023 -7.810  -5.923  1.00 7.89  ? 42  GLY A C   1 
ATOM   300  O  O   . GLY A 1 42  ? -9.385  -8.221  -4.950  1.00 9.13  ? 42  GLY A O   1 
ATOM   301  N  N   . GLN A 1 43  ? -10.197 -8.524  -7.028  1.00 7.96  ? 43  GLN A N   1 
ATOM   302  C  CA  . GLN A 1 43  ? -9.643  -9.861  -7.159  1.00 7.84  ? 43  GLN A CA  1 
ATOM   303  C  C   . GLN A 1 43  ? -9.043  -10.038 -8.541  1.00 8.73  ? 43  GLN A C   1 
ATOM   304  O  O   . GLN A 1 43  ? -9.630  -9.640  -9.548  1.00 10.20 ? 43  GLN A O   1 
ATOM   305  C  CB  . GLN A 1 43  ? -10.739 -10.906 -6.919  1.00 10.29 ? 43  GLN A CB  1 
ATOM   306  C  CG  . GLN A 1 43  ? -10.293 -12.373 -6.928  1.00 10.38 ? 43  GLN A CG  1 
ATOM   307  C  CD  . GLN A 1 43  ? -9.922  -12.897 -8.308  1.00 8.79  ? 43  GLN A CD  1 
ATOM   308  O  OE1 . GLN A 1 43  ? -10.653 -12.693 -9.277  1.00 12.35 ? 43  GLN A OE1 1 
ATOM   309  N  NE2 . GLN A 1 43  ? -8.804  -13.608 -8.392  1.00 8.52  ? 43  GLN A NE2 1 
ATOM   310  N  N   . SER A 1 44  ? -7.859  -10.636 -8.574  1.00 7.68  ? 44  SER A N   1 
ATOM   311  C  CA  . SER A 1 44  ? -7.160  -10.899 -9.819  1.00 6.83  ? 44  SER A CA  1 
ATOM   312  C  C   . SER A 1 44  ? -5.974  -11.804 -9.561  1.00 7.75  ? 44  SER A C   1 
ATOM   313  O  O   . SER A 1 44  ? -5.393  -11.789 -8.476  1.00 7.76  ? 44  SER A O   1 
ATOM   314  C  CB  . SER A 1 44  ? -6.652  -9.593  -10.447 1.00 6.81  ? 44  SER A CB  1 
ATOM   315  O  OG  . SER A 1 44  ? -5.853  -9.856  -11.594 1.00 8.84  ? 44  SER A OG  1 
ATOM   316  N  N   . THR A 1 45  ? -5.638  -12.615 -10.556 1.00 8.24  ? 45  THR A N   1 
ATOM   317  C  CA  . THR A 1 45  ? -4.469  -13.471 -10.471 1.00 7.82  ? 45  THR A CA  1 
ATOM   318  C  C   . THR A 1 45  ? -3.538  -13.063 -11.610 1.00 8.54  ? 45  THR A C   1 
ATOM   319  O  O   . THR A 1 45  ? -2.568  -13.757 -11.915 1.00 11.12 ? 45  THR A O   1 
ATOM   320  C  CB  . THR A 1 45  ? -4.823  -14.978 -10.572 1.00 9.79  ? 45  THR A CB  1 
ATOM   321  O  OG1 . THR A 1 45  ? -5.731  -15.199 -11.657 1.00 11.19 ? 45  THR A OG1 1 
ATOM   322  C  CG2 . THR A 1 45  ? -5.439  -15.467 -9.270  1.00 10.83 ? 45  THR A CG2 1 
ATOM   323  N  N   . ASN A 1 46  ? -3.838  -11.916 -12.218 1.00 8.20  ? 46  ASN A N   1 
ATOM   324  C  CA  . ASN A 1 46  ? -3.039  -11.385 -13.320 1.00 10.36 ? 46  ASN A CA  1 
ATOM   325  C  C   . ASN A 1 46  ? -2.541  -9.957  -13.096 1.00 7.28  ? 46  ASN A C   1 
ATOM   326  O  O   . ASN A 1 46  ? -2.407  -9.183  -14.042 1.00 9.05  ? 46  ASN A O   1 
ATOM   327  C  CB  . ASN A 1 46  ? -3.811  -11.449 -14.643 1.00 10.45 ? 46  ASN A CB  1 
ATOM   328  C  CG  . ASN A 1 46  ? -4.023  -12.870 -15.131 1.00 15.06 ? 46  ASN A CG  1 
ATOM   329  O  OD1 . ASN A 1 46  ? -3.089  -13.671 -15.170 1.00 18.09 ? 46  ASN A OD1 1 
ATOM   330  N  ND2 . ASN A 1 46  ? -5.252  -13.184 -15.531 1.00 22.56 ? 46  ASN A ND2 1 
ATOM   331  N  N   . ASN A 1 47  ? -2.286  -9.605  -11.838 1.00 6.54  ? 47  ASN A N   1 
ATOM   332  C  CA  . ASN A 1 47  ? -1.745  -8.297  -11.483 1.00 8.83  ? 47  ASN A CA  1 
ATOM   333  C  C   . ASN A 1 47  ? -2.614  -7.099  -11.864 1.00 7.40  ? 47  ASN A C   1 
ATOM   334  O  O   . ASN A 1 47  ? -2.100  -6.006  -12.101 1.00 8.53  ? 47  ASN A O   1 
ATOM   335  C  CB  . ASN A 1 47  ? -0.351  -8.152  -12.112 1.00 6.63  ? 47  ASN A CB  1 
ATOM   336  C  CG  . ASN A 1 47  ? 0.530   -7.167  -11.370 1.00 6.17  ? 47  ASN A CG  1 
ATOM   337  O  OD1 . ASN A 1 47  ? 0.722   -7.291  -10.163 1.00 7.13  ? 47  ASN A OD1 1 
ATOM   338  N  ND2 . ASN A 1 47  ? 1.091   -6.201  -12.092 1.00 7.13  ? 47  ASN A ND2 1 
ATOM   339  N  N   . ALA A 1 48  ? -3.927  -7.285  -11.906 1.00 7.77  ? 48  ALA A N   1 
ATOM   340  C  CA  . ALA A 1 48  ? -4.814  -6.182  -12.252 1.00 6.18  ? 48  ALA A CA  1 
ATOM   341  C  C   . ALA A 1 48  ? -4.762  -5.087  -11.196 1.00 6.40  ? 48  ALA A C   1 
ATOM   342  O  O   . ALA A 1 48  ? -4.563  -5.359  -10.011 1.00 7.56  ? 48  ALA A O   1 
ATOM   343  C  CB  . ALA A 1 48  ? -6.245  -6.689  -12.406 1.00 9.06  ? 48  ALA A CB  1 
ATOM   344  N  N   . VAL A 1 49  ? -4.930  -3.847  -11.636 1.00 7.27  ? 49  VAL A N   1 
ATOM   345  C  CA  . VAL A 1 49  ? -4.954  -2.717  -10.721 1.00 6.76  ? 49  VAL A CA  1 
ATOM   346  C  C   . VAL A 1 49  ? -6.334  -2.726  -10.078 1.00 11.52 ? 49  VAL A C   1 
ATOM   347  O  O   . VAL A 1 49  ? -7.344  -2.594  -10.771 1.00 14.17 ? 49  VAL A O   1 
ATOM   348  C  CB  . VAL A 1 49  ? -4.768  -1.379  -11.465 1.00 8.99  ? 49  VAL A CB  1 
ATOM   349  C  CG1 . VAL A 1 49  ? -4.906  -0.217  -10.492 1.00 12.79 ? 49  VAL A CG1 1 
ATOM   350  C  CG2 . VAL A 1 49  ? -3.407  -1.346  -12.137 1.00 11.29 ? 49  VAL A CG2 1 
ATOM   351  N  N   . ILE A 1 50  ? -6.388  -2.904  -8.762  1.00 7.10  ? 50  ILE A N   1 
ATOM   352  C  CA  . ILE A 1 50  ? -7.675  -2.920  -8.082  1.00 7.51  ? 50  ILE A CA  1 
ATOM   353  C  C   . ILE A 1 50  ? -8.005  -1.558  -7.495  1.00 10.04 ? 50  ILE A C   1 
ATOM   354  O  O   . ILE A 1 50  ? -9.063  -1.364  -6.895  1.00 10.47 ? 50  ILE A O   1 
ATOM   355  C  CB  . ILE A 1 50  ? -7.727  -3.994  -6.970  1.00 8.44  ? 50  ILE A CB  1 
ATOM   356  C  CG1 . ILE A 1 50  ? -6.643  -3.742  -5.922  1.00 8.37  ? 50  ILE A CG1 1 
ATOM   357  C  CG2 . ILE A 1 50  ? -7.567  -5.370  -7.592  1.00 10.43 ? 50  ILE A CG2 1 
ATOM   358  C  CD1 . ILE A 1 50  ? -6.719  -4.698  -4.744  1.00 12.35 ? 50  ILE A CD1 1 
ATOM   359  N  N   . GLY A 1 51  ? -7.093  -0.609  -7.683  1.00 7.57  ? 51  GLY A N   1 
ATOM   360  C  CA  . GLY A 1 51  ? -7.315  0.733   -7.188  1.00 8.28  ? 51  GLY A CA  1 
ATOM   361  C  C   . GLY A 1 51  ? -6.097  1.619   -7.302  1.00 7.89  ? 51  GLY A C   1 
ATOM   362  O  O   . GLY A 1 51  ? -4.960  1.153   -7.275  1.00 8.22  ? 51  GLY A O   1 
ATOM   363  N  N   . THR A 1 52  ? -6.346  2.912   -7.461  1.00 8.32  ? 52  THR A N   1 
ATOM   364  C  CA  . THR A 1 52  ? -5.286  3.906   -7.538  1.00 7.98  ? 52  THR A CA  1 
ATOM   365  C  C   . THR A 1 52  ? -5.942  5.215   -7.126  1.00 6.41  ? 52  THR A C   1 
ATOM   366  O  O   . THR A 1 52  ? -7.086  5.487   -7.496  1.00 9.68  ? 52  THR A O   1 
ATOM   367  C  CB  . THR A 1 52  ? -4.691  4.015   -8.959  1.00 8.79  ? 52  THR A CB  1 
ATOM   368  O  OG1 . THR A 1 52  ? -3.537  4.863   -8.921  1.00 10.61 ? 52  THR A OG1 1 
ATOM   369  C  CG2 . THR A 1 52  ? -5.713  4.590   -9.935  1.00 15.00 ? 52  THR A CG2 1 
ATOM   370  N  N   . GLN A 1 53  ? -5.231  6.026   -6.351  1.00 7.99  ? 53  GLN A N   1 
ATOM   371  C  CA  . GLN A 1 53  ? -5.814  7.269   -5.876  1.00 8.35  ? 53  GLN A CA  1 
ATOM   372  C  C   . GLN A 1 53  ? -4.727  8.232   -5.425  1.00 8.48  ? 53  GLN A C   1 
ATOM   373  O  O   . GLN A 1 53  ? -3.615  7.817   -5.094  1.00 9.01  ? 53  GLN A O   1 
ATOM   374  C  CB  . GLN A 1 53  ? -6.744  6.947   -4.702  1.00 11.74 ? 53  GLN A CB  1 
ATOM   375  C  CG  . GLN A 1 53  ? -7.729  8.035   -4.312  1.00 13.21 ? 53  GLN A CG  1 
ATOM   376  C  CD  . GLN A 1 53  ? -8.692  7.568   -3.229  1.00 16.21 ? 53  GLN A CD  1 
ATOM   377  O  OE1 . GLN A 1 53  ? -9.215  6.454   -3.290  1.00 16.28 ? 53  GLN A OE1 1 
ATOM   378  N  NE2 . GLN A 1 53  ? -8.948  8.425   -2.247  1.00 17.55 ? 53  GLN A NE2 1 
ATOM   379  N  N   . VAL A 1 54  ? -5.054  9.520   -5.427  1.00 8.02  ? 54  VAL A N   1 
ATOM   380  C  CA  . VAL A 1 54  ? -4.127  10.546  -4.976  1.00 7.11  ? 54  VAL A CA  1 
ATOM   381  C  C   . VAL A 1 54  ? -4.592  10.992  -3.594  1.00 8.31  ? 54  VAL A C   1 
ATOM   382  O  O   . VAL A 1 54  ? -5.757  11.354  -3.412  1.00 9.41  ? 54  VAL A O   1 
ATOM   383  C  CB  . VAL A 1 54  ? -4.115  11.764  -5.925  1.00 8.19  ? 54  VAL A CB  1 
ATOM   384  C  CG1 . VAL A 1 54  ? -3.210  12.853  -5.366  1.00 10.38 ? 54  VAL A CG1 1 
ATOM   385  C  CG2 . VAL A 1 54  ? -3.637  11.339  -7.304  1.00 11.85 ? 54  VAL A CG2 1 
ATOM   386  N  N   . LEU A 1 55  ? -3.684  10.950  -2.625  1.00 7.90  ? 55  LEU A N   1 
ATOM   387  C  CA  . LEU A 1 55  ? -3.983  11.344  -1.253  1.00 7.20  ? 55  LEU A CA  1 
ATOM   388  C  C   . LEU A 1 55  ? -2.997  12.402  -0.784  1.00 8.38  ? 55  LEU A C   1 
ATOM   389  O  O   . LEU A 1 55  ? -2.034  12.708  -1.481  1.00 8.56  ? 55  LEU A O   1 
ATOM   390  C  CB  . LEU A 1 55  ? -3.887  10.133  -0.322  1.00 8.50  ? 55  LEU A CB  1 
ATOM   391  C  CG  . LEU A 1 55  ? -4.868  8.987   -0.563  1.00 9.57  ? 55  LEU A CG  1 
ATOM   392  C  CD1 . LEU A 1 55  ? -4.572  7.853   0.406   1.00 10.08 ? 55  LEU A CD1 1 
ATOM   393  C  CD2 . LEU A 1 55  ? -6.289  9.493   -0.384  1.00 12.74 ? 55  LEU A CD2 1 
ATOM   394  N  N   . ASN A 1 56  ? -3.241  12.952  0.400   1.00 9.85  ? 56  ASN A N   1 
ATOM   395  C  CA  . ASN A 1 56  ? -2.354  13.956  0.971   1.00 8.76  ? 56  ASN A CA  1 
ATOM   396  C  C   . ASN A 1 56  ? -1.876  13.424  2.317   1.00 8.77  ? 56  ASN A C   1 
ATOM   397  O  O   . ASN A 1 56  ? -2.677  12.966  3.130   1.00 9.87  ? 56  ASN A O   1 
ATOM   398  C  CB  . ASN A 1 56  ? -3.092  15.287  1.150   1.00 11.24 ? 56  ASN A CB  1 
ATOM   399  C  CG  . ASN A 1 56  ? -2.162  16.426  1.531   1.00 14.50 ? 56  ASN A CG  1 
ATOM   400  O  OD1 . ASN A 1 56  ? -1.535  16.406  2.589   1.00 12.55 ? 56  ASN A OD1 1 
ATOM   401  N  ND2 . ASN A 1 56  ? -2.067  17.429  0.662   1.00 15.82 ? 56  ASN A ND2 1 
ATOM   402  N  N   . SER A 1 57  ? -0.569  13.481  2.547   1.00 8.41  ? 57  SER A N   1 
ATOM   403  C  CA  . SER A 1 57  ? 0.018   12.975  3.782   1.00 8.60  ? 57  SER A CA  1 
ATOM   404  C  C   . SER A 1 57  ? -0.434  13.733  5.025   1.00 8.01  ? 57  SER A C   1 
ATOM   405  O  O   . SER A 1 57  ? -0.307  13.235  6.139   1.00 7.45  ? 57  SER A O   1 
ATOM   406  C  CB  . SER A 1 57  ? 1.542   13.007  3.692   1.00 9.48  ? 57  SER A CB  1 
ATOM   407  O  OG  . SER A 1 57  ? 2.000   14.338  3.579   1.00 9.50  ? 57  SER A OG  1 
ATOM   408  N  N   . GLY A 1 58  ? -0.946  14.944  4.838   1.00 8.10  ? 58  GLY A N   1 
ATOM   409  C  CA  . GLY A 1 58  ? -1.424  15.714  5.971   1.00 9.22  ? 58  GLY A CA  1 
ATOM   410  C  C   . GLY A 1 58  ? -0.368  16.212  6.941   1.00 11.05 ? 58  GLY A C   1 
ATOM   411  O  O   . GLY A 1 58  ? 0.831   16.132  6.682   1.00 11.50 ? 58  GLY A O   1 
ATOM   412  N  N   . SER A 1 59  ? -0.830  16.712  8.081   1.00 9.26  ? 59  SER A N   1 
ATOM   413  C  CA  . SER A 1 59  ? 0.054   17.266  9.098   1.00 9.43  ? 59  SER A CA  1 
ATOM   414  C  C   . SER A 1 59  ? 1.027   16.284  9.742   1.00 9.62  ? 59  SER A C   1 
ATOM   415  O  O   . SER A 1 59  ? 2.137   16.669  10.110  1.00 11.41 ? 59  SER A O   1 
ATOM   416  C  CB  . SER A 1 59  ? -0.779  17.935  10.197  1.00 13.09 ? 59  SER A CB  1 
ATOM   417  O  OG  . SER A 1 59  ? -1.638  17.002  10.831  1.00 14.65 ? 59  SER A OG  1 
ATOM   418  N  N   . SER A 1 60  ? 0.621   15.024  9.876   1.00 7.91  ? 60  SER A N   1 
ATOM   419  C  CA  . SER A 1 60  ? 1.476   14.023  10.516  1.00 8.85  ? 60  SER A CA  1 
ATOM   420  C  C   . SER A 1 60  ? 2.448   13.328  9.572   1.00 9.47  ? 60  SER A C   1 
ATOM   421  O  O   . SER A 1 60  ? 3.517   12.887  9.994   1.00 12.48 ? 60  SER A O   1 
ATOM   422  C  CB  . SER A 1 60  ? 0.626   12.943  11.187  1.00 11.54 ? 60  SER A CB  1 
ATOM   423  O  OG  . SER A 1 60  ? 0.024   12.096  10.222  1.00 9.18  ? 60  SER A OG  1 
ATOM   424  N  N   . GLY A 1 61  ? 2.064   13.212  8.308   1.00 8.46  ? 61  GLY A N   1 
ATOM   425  C  CA  . GLY A 1 61  ? 2.903   12.528  7.343   1.00 8.79  ? 61  GLY A CA  1 
ATOM   426  C  C   . GLY A 1 61  ? 2.861   11.020  7.536   1.00 6.59  ? 61  GLY A C   1 
ATOM   427  O  O   . GLY A 1 61  ? 3.506   10.286  6.789   1.00 7.72  ? 61  GLY A O   1 
ATOM   428  N  N   . LYS A 1 62  ? 2.102   10.543  8.520   1.00 7.67  ? 62  LYS A N   1 
ATOM   429  C  CA  . LYS A 1 62  ? 2.033   9.104   8.759   1.00 6.88  ? 62  LYS A CA  1 
ATOM   430  C  C   . LYS A 1 62  ? 1.068   8.385   7.830   1.00 7.18  ? 62  LYS A C   1 
ATOM   431  O  O   . LYS A 1 62  ? -0.128  8.680   7.806   1.00 7.67  ? 62  LYS A O   1 
ATOM   432  C  CB  . LYS A 1 62  ? 1.637   8.800   10.205  1.00 8.10  ? 62  LYS A CB  1 
ATOM   433  C  CG  . LYS A 1 62  ? 1.622   7.303   10.486  1.00 9.14  ? 62  LYS A CG  1 
ATOM   434  C  CD  . LYS A 1 62  ? 1.179   6.975   11.900  1.00 10.50 ? 62  LYS A CD  1 
ATOM   435  C  CE  . LYS A 1 62  ? 1.170   5.468   12.118  1.00 10.61 ? 62  LYS A CE  1 
ATOM   436  N  NZ  . LYS A 1 62  ? 0.713   5.090   13.483  1.00 13.33 ? 62  LYS A NZ  1 
ATOM   437  N  N   . VAL A 1 63  ? 1.598   7.432   7.073   1.00 7.25  ? 63  VAL A N   1 
ATOM   438  C  CA  . VAL A 1 63  ? 0.801   6.646   6.145   1.00 6.91  ? 63  VAL A CA  1 
ATOM   439  C  C   . VAL A 1 63  ? 1.008   5.171   6.451   1.00 8.72  ? 63  VAL A C   1 
ATOM   440  O  O   . VAL A 1 63  ? 2.140   4.706   6.588   1.00 8.80  ? 63  VAL A O   1 
ATOM   441  C  CB  . VAL A 1 63  ? 1.212   6.920   4.684   1.00 5.72  ? 63  VAL A CB  1 
ATOM   442  C  CG1 . VAL A 1 63  ? 0.356   6.097   3.736   1.00 9.88  ? 63  VAL A CG1 1 
ATOM   443  C  CG2 . VAL A 1 63  ? 1.070   8.399   4.378   1.00 7.30  ? 63  VAL A CG2 1 
ATOM   444  N  N   . GLN A 1 64  ? -0.092  4.437   6.584   1.00 5.86  ? 64  GLN A N   1 
ATOM   445  C  CA  . GLN A 1 64  ? -0.010  3.013   6.861   1.00 5.00  ? 64  GLN A CA  1 
ATOM   446  C  C   . GLN A 1 64  ? -0.911  2.224   5.931   1.00 5.96  ? 64  GLN A C   1 
ATOM   447  O  O   . GLN A 1 64  ? -2.077  2.569   5.721   1.00 7.84  ? 64  GLN A O   1 
ATOM   448  C  CB  . GLN A 1 64  ? -0.369  2.719   8.324   1.00 4.96  ? 64  GLN A CB  1 
ATOM   449  C  CG  . GLN A 1 64  ? -0.527  1.235   8.639   1.00 8.09  ? 64  GLN A CG  1 
ATOM   450  C  CD  . GLN A 1 64  ? -0.514  0.946   10.132  1.00 9.34  ? 64  GLN A CD  1 
ATOM   451  O  OE1 . GLN A 1 64  ? -0.876  1.796   10.948  1.00 12.07 ? 64  GLN A OE1 1 
ATOM   452  N  NE2 . GLN A 1 64  ? -0.120  -0.268  10.496  1.00 9.99  ? 64  GLN A NE2 1 
ATOM   453  N  N   . VAL A 1 65  ? -0.345  1.173   5.356   1.00 6.39  ? 65  VAL A N   1 
ATOM   454  C  CA  . VAL A 1 65  ? -1.066  0.300   4.444   1.00 5.61  ? 65  VAL A CA  1 
ATOM   455  C  C   . VAL A 1 65  ? -1.414  -0.995  5.161   1.00 7.04  ? 65  VAL A C   1 
ATOM   456  O  O   . VAL A 1 65  ? -0.556  -1.620  5.792   1.00 8.50  ? 65  VAL A O   1 
ATOM   457  C  CB  . VAL A 1 65  ? -0.205  -0.026  3.201   1.00 5.64  ? 65  VAL A CB  1 
ATOM   458  C  CG1 . VAL A 1 65  ? -0.920  -1.037  2.306   1.00 7.13  ? 65  VAL A CG1 1 
ATOM   459  C  CG2 . VAL A 1 65  ? 0.085   1.248   2.431   1.00 9.08  ? 65  VAL A CG2 1 
ATOM   460  N  N   . GLN A 1 66  ? -2.682  -1.383  5.059   1.00 7.19  ? 66  GLN A N   1 
ATOM   461  C  CA  . GLN A 1 66  ? -3.194  -2.608  5.666   1.00 8.13  ? 66  GLN A CA  1 
ATOM   462  C  C   . GLN A 1 66  ? -3.773  -3.467  4.545   1.00 8.03  ? 66  GLN A C   1 
ATOM   463  O  O   . GLN A 1 66  ? -4.371  -2.942  3.607   1.00 8.26  ? 66  GLN A O   1 
ATOM   464  C  CB  . GLN A 1 66  ? -4.319  -2.286  6.654   1.00 11.94 ? 66  GLN A CB  1 
ATOM   465  C  CG  . GLN A 1 66  ? -3.959  -1.316  7.761   1.00 19.74 ? 66  GLN A CG  1 
ATOM   466  C  CD  . GLN A 1 66  ? -5.131  -1.051  8.690   1.00 18.66 ? 66  GLN A CD  1 
ATOM   467  O  OE1 . GLN A 1 66  ? -6.135  -0.452  8.298   1.00 20.95 ? 66  GLN A OE1 1 
ATOM   468  N  NE2 . GLN A 1 66  ? -5.013  -1.514  9.926   1.00 17.75 ? 66  GLN A NE2 1 
ATOM   469  N  N   . VAL A 1 67  ? -3.602  -4.780  4.633   1.00 6.36  ? 67  VAL A N   1 
ATOM   470  C  CA  . VAL A 1 67  ? -4.146  -5.675  3.622   1.00 6.40  ? 67  VAL A CA  1 
ATOM   471  C  C   . VAL A 1 67  ? -4.788  -6.864  4.311   1.00 6.01  ? 67  VAL A C   1 
ATOM   472  O  O   . VAL A 1 67  ? -4.196  -7.463  5.210   1.00 7.48  ? 67  VAL A O   1 
ATOM   473  C  CB  . VAL A 1 67  ? -3.057  -6.204  2.665   1.00 6.05  ? 67  VAL A CB  1 
ATOM   474  C  CG1 . VAL A 1 67  ? -3.676  -7.147  1.645   1.00 9.20  ? 67  VAL A CG1 1 
ATOM   475  C  CG2 . VAL A 1 67  ? -2.371  -5.048  1.962   1.00 8.94  ? 67  VAL A CG2 1 
ATOM   476  N  N   . SER A 1 68  ? -6.001  -7.199  3.891   1.00 6.91  ? 68  SER A N   1 
ATOM   477  C  CA  . SER A 1 68  ? -6.709  -8.328  4.470   1.00 8.20  ? 68  SER A CA  1 
ATOM   478  C  C   . SER A 1 68  ? -7.515  -9.062  3.410   1.00 7.52  ? 68  SER A C   1 
ATOM   479  O  O   . SER A 1 68  ? -7.846  -8.506  2.365   1.00 8.06  ? 68  SER A O   1 
ATOM   480  C  CB  . SER A 1 68  ? -7.646  -7.856  5.583   1.00 11.09 ? 68  SER A CB  1 
ATOM   481  O  OG  . SER A 1 68  ? -8.629  -6.966  5.079   1.00 17.40 ? 68  SER A OG  1 
ATOM   482  N  N   . VAL A 1 69  ? -7.805  -10.327 3.692   1.00 6.51  ? 69  VAL A N   1 
ATOM   483  C  CA  . VAL A 1 69  ? -8.606  -11.154 2.807   1.00 6.82  ? 69  VAL A CA  1 
ATOM   484  C  C   . VAL A 1 69  ? -9.689  -11.760 3.685   1.00 6.29  ? 69  VAL A C   1 
ATOM   485  O  O   . VAL A 1 69  ? -9.405  -12.464 4.652   1.00 7.96  ? 69  VAL A O   1 
ATOM   486  C  CB  . VAL A 1 69  ? -7.771  -12.279 2.152   1.00 7.33  ? 69  VAL A CB  1 
ATOM   487  C  CG1 . VAL A 1 69  ? -8.674  -13.162 1.298   1.00 9.55  ? 69  VAL A CG1 1 
ATOM   488  C  CG2 . VAL A 1 69  ? -6.660  -11.673 1.298   1.00 9.12  ? 69  VAL A CG2 1 
ATOM   489  N  N   . ASN A 1 70  ? -10.942 -11.452 3.349   1.00 8.34  ? 70  ASN A N   1 
ATOM   490  C  CA  . ASN A 1 70  ? -12.084 -11.945 4.108   1.00 8.70  ? 70  ASN A CA  1 
ATOM   491  C  C   . ASN A 1 70  ? -11.956 -11.585 5.584   1.00 10.87 ? 70  ASN A C   1 
ATOM   492  O  O   . ASN A 1 70  ? -12.322 -12.365 6.461   1.00 11.59 ? 70  ASN A O   1 
ATOM   493  C  CB  . ASN A 1 70  ? -12.237 -13.451 3.931   1.00 8.46  ? 70  ASN A CB  1 
ATOM   494  C  CG  . ASN A 1 70  ? -12.304 -13.875 2.470   1.00 7.13  ? 70  ASN A CG  1 
ATOM   495  O  OD1 . ASN A 1 70  ? -12.804 -13.128 1.630   1.00 10.56 ? 70  ASN A OD1 1 
ATOM   496  N  ND2 . ASN A 1 70  ? -11.833 -15.078 2.180   1.00 8.46  ? 70  ASN A ND2 1 
ATOM   497  N  N   . GLY A 1 71  ? -11.423 -10.393 5.857   1.00 9.32  ? 71  GLY A N   1 
ATOM   498  C  CA  . GLY A 1 71  ? -11.269 -9.949  7.222   1.00 8.74  ? 71  GLY A CA  1 
ATOM   499  C  C   . GLY A 1 71  ? -10.022 -10.373 7.990   1.00 11.62 ? 71  GLY A C   1 
ATOM   500  O  O   . GLY A 1 71  ? -9.791  -9.875  9.084   1.00 14.73 ? 71  GLY A O   1 
ATOM   501  N  N   . ARG A 1 72  ? -9.229  -11.290 7.431   1.00 8.89  ? 72  ARG A N   1 
ATOM   502  C  CA  . ARG A 1 72  ? -7.997  -11.781 8.086   1.00 9.91  ? 72  ARG A CA  1 
ATOM   503  C  C   . ARG A 1 72  ? -6.822  -10.986 7.531   1.00 8.51  ? 72  ARG A C   1 
ATOM   504  O  O   . ARG A 1 72  ? -6.547  -11.002 6.328   1.00 9.11  ? 72  ARG A O   1 
ATOM   505  C  CB  . ARG A 1 72  ? -7.799  -13.279 7.782   1.00 11.74 ? 72  ARG A CB  1 
ATOM   506  C  CG  . ARG A 1 72  ? -6.505  -13.964 8.273   1.00 22.34 ? 72  ARG A CG  1 
ATOM   507  C  CD  . ARG A 1 72  ? -6.305  -15.347 7.587   1.00 21.79 ? 72  ARG A CD  1 
ATOM   508  N  NE  . ARG A 1 72  ? -7.577  -16.112 7.507   1.00 28.14 ? 72  ARG A NE  1 
ATOM   509  C  CZ  . ARG A 1 72  ? -7.777  -17.197 6.822   1.00 26.80 ? 72  ARG A CZ  1 
ATOM   510  N  NH1 . ARG A 1 72  ? -6.805  -17.757 6.086   1.00 23.62 ? 72  ARG A NH1 1 
ATOM   511  N  NH2 . ARG A 1 72  ? -8.977  -17.783 6.822   1.00 29.97 ? 72  ARG A NH2 1 
ATOM   512  N  N   . PRO A 1 73  ? -6.073  -10.298 8.412   1.00 10.06 ? 73  PRO A N   1 
ATOM   513  C  CA  . PRO A 1 73  ? -4.909  -9.508  8.002   1.00 10.25 ? 73  PRO A CA  1 
ATOM   514  C  C   . PRO A 1 73  ? -3.851  -10.399 7.355   1.00 9.62  ? 73  PRO A C   1 
ATOM   515  O  O   . PRO A 1 73  ? -3.547  -11.493 7.850   1.00 10.01 ? 73  PRO A O   1 
ATOM   516  C  CB  . PRO A 1 73  ? -4.380  -8.947  9.321   1.00 9.62  ? 73  PRO A CB  1 
ATOM   517  C  CG  . PRO A 1 73  ? -5.604  -8.933  10.229  1.00 14.62 ? 73  PRO A CG  1 
ATOM   518  C  CD  . PRO A 1 73  ? -6.254  -10.255 9.880   1.00 11.66 ? 73  PRO A CD  1 
ATOM   519  N  N   . SER A 1 74  ? -3.280  -9.927  6.249   1.00 6.72  ? 74  SER A N   1 
ATOM   520  C  CA  . SER A 1 74  ? -2.224  -10.639 5.556   1.00 6.62  ? 74  SER A CA  1 
ATOM   521  C  C   . SER A 1 74  ? -0.897  -10.223 6.173   1.00 7.05  ? 74  SER A C   1 
ATOM   522  O  O   . SER A 1 74  ? -0.809  -9.176  6.815   1.00 11.05 ? 74  SER A O   1 
ATOM   523  C  CB  . SER A 1 74  ? -2.207  -10.259 4.078   1.00 7.58  ? 74  SER A CB  1 
ATOM   524  O  OG  . SER A 1 74  ? -3.368  -10.713 3.424   1.00 7.88  ? 74  SER A OG  1 
ATOM   525  N  N   . ASP A 1 75  ? 0.134   -11.036 5.981   1.00 7.31  ? 75  ASP A N   1 
ATOM   526  C  CA  . ASP A 1 75  ? 1.447   -10.705 6.507   1.00 8.39  ? 75  ASP A CA  1 
ATOM   527  C  C   . ASP A 1 75  ? 2.099   -9.760  5.506   1.00 5.26  ? 75  ASP A C   1 
ATOM   528  O  O   . ASP A 1 75  ? 2.122   -10.032 4.308   1.00 8.86  ? 75  ASP A O   1 
ATOM   529  C  CB  . ASP A 1 75  ? 2.287   -11.963 6.678   1.00 7.77  ? 75  ASP A CB  1 
ATOM   530  C  CG  . ASP A 1 75  ? 3.615   -11.676 7.334   1.00 10.27 ? 75  ASP A CG  1 
ATOM   531  O  OD1 . ASP A 1 75  ? 3.608   -11.070 8.426   1.00 11.06 ? 75  ASP A OD1 1 
ATOM   532  O  OD2 . ASP A 1 75  ? 4.659   -12.057 6.767   1.00 10.06 ? 75  ASP A OD2 1 
ATOM   533  N  N   . LEU A 1 76  ? 2.641   -8.657  6.005   1.00 5.85  ? 76  LEU A N   1 
ATOM   534  C  CA  . LEU A 1 76  ? 3.233   -7.651  5.137   1.00 6.45  ? 76  LEU A CA  1 
ATOM   535  C  C   . LEU A 1 76  ? 4.747   -7.576  5.113   1.00 4.94  ? 76  LEU A C   1 
ATOM   536  O  O   . LEU A 1 76  ? 5.421   -7.924  6.076   1.00 7.13  ? 76  LEU A O   1 
ATOM   537  C  CB  . LEU A 1 76  ? 2.720   -6.270  5.542   1.00 6.22  ? 76  LEU A CB  1 
ATOM   538  C  CG  . LEU A 1 76  ? 1.214   -6.072  5.692   1.00 6.66  ? 76  LEU A CG  1 
ATOM   539  C  CD1 . LEU A 1 76  ? 0.944   -4.652  6.166   1.00 8.81  ? 76  LEU A CD1 1 
ATOM   540  C  CD2 . LEU A 1 76  ? 0.521   -6.347  4.370   1.00 9.83  ? 76  LEU A CD2 1 
ATOM   541  N  N   . VAL A 1 77  ? 5.265   -7.118  3.978   1.00 5.66  ? 77  VAL A N   1 
ATOM   542  C  CA  . VAL A 1 77  ? 6.691   -6.857  3.805   1.00 5.23  ? 77  VAL A CA  1 
ATOM   543  C  C   . VAL A 1 77  ? 6.721   -5.476  3.162   1.00 5.27  ? 77  VAL A C   1 
ATOM   544  O  O   . VAL A 1 77  ? 5.854   -5.155  2.348   1.00 6.13  ? 77  VAL A O   1 
ATOM   545  C  CB  . VAL A 1 77  ? 7.410   -7.887  2.888   1.00 5.33  ? 77  VAL A CB  1 
ATOM   546  C  CG1 . VAL A 1 77  ? 7.408   -9.245  3.543   1.00 12.40 ? 77  VAL A CG1 1 
ATOM   547  C  CG2 . VAL A 1 77  ? 6.749   -7.960  1.532   1.00 7.66  ? 77  VAL A CG2 1 
ATOM   548  N  N   . SER A 1 78  ? 7.693   -4.649  3.527   1.00 5.10  ? 78  SER A N   1 
ATOM   549  C  CA  . SER A 1 78  ? 7.747   -3.302  2.982   1.00 6.47  ? 78  SER A CA  1 
ATOM   550  C  C   . SER A 1 78  ? 9.121   -2.675  3.073   1.00 5.33  ? 78  SER A C   1 
ATOM   551  O  O   . SER A 1 78  ? 10.009  -3.176  3.763   1.00 5.16  ? 78  SER A O   1 
ATOM   552  C  CB  . SER A 1 78  ? 6.755   -2.406  3.732   1.00 6.93  ? 78  SER A CB  1 
ATOM   553  O  OG  . SER A 1 78  ? 7.077   -2.335  5.116   1.00 6.54  ? 78  SER A OG  1 
ATOM   554  N  N   . ALA A 1 79  ? 9.279   -1.567  2.359   1.00 5.48  ? 79  ALA A N   1 
ATOM   555  C  CA  . ALA A 1 79  ? 10.515  -0.799  2.365   1.00 5.19  ? 79  ALA A CA  1 
ATOM   556  C  C   . ALA A 1 79  ? 10.278  0.485   1.588   1.00 7.10  ? 79  ALA A C   1 
ATOM   557  O  O   . ALA A 1 79  ? 9.320   0.585   0.819   1.00 6.72  ? 79  ALA A O   1 
ATOM   558  C  CB  . ALA A 1 79  ? 11.654  -1.596  1.731   1.00 7.43  ? 79  ALA A CB  1 
ATOM   559  N  N   . GLN A 1 80  ? 11.135  1.475   1.816   1.00 6.50  ? 80  GLN A N   1 
ATOM   560  C  CA  . GLN A 1 80  ? 11.052  2.737   1.098   1.00 4.52  ? 80  GLN A CA  1 
ATOM   561  C  C   . GLN A 1 80  ? 12.381  2.907   0.378   1.00 5.20  ? 80  GLN A C   1 
ATOM   562  O  O   . GLN A 1 80  ? 13.434  2.637   0.951   1.00 5.79  ? 80  GLN A O   1 
ATOM   563  C  CB  . GLN A 1 80  ? 10.855  3.908   2.053   1.00 5.37  ? 80  GLN A CB  1 
ATOM   564  C  CG  . GLN A 1 80  ? 10.679  5.246   1.347   1.00 5.66  ? 80  GLN A CG  1 
ATOM   565  C  CD  . GLN A 1 80  ? 10.549  6.392   2.322   1.00 5.37  ? 80  GLN A CD  1 
ATOM   566  O  OE1 . GLN A 1 80  ? 10.127  6.199   3.460   1.00 7.16  ? 80  GLN A OE1 1 
ATOM   567  N  NE2 . GLN A 1 80  ? 10.878  7.599   1.876   1.00 6.84  ? 80  GLN A NE2 1 
ATOM   568  N  N   . VAL A 1 81  ? 12.325  3.334   -0.877  1.00 5.66  ? 81  VAL A N   1 
ATOM   569  C  CA  . VAL A 1 81  ? 13.523  3.558   -1.674  1.00 4.93  ? 81  VAL A CA  1 
ATOM   570  C  C   . VAL A 1 81  ? 13.443  4.973   -2.230  1.00 4.76  ? 81  VAL A C   1 
ATOM   571  O  O   . VAL A 1 81  ? 12.379  5.414   -2.679  1.00 6.67  ? 81  VAL A O   1 
ATOM   572  C  CB  . VAL A 1 81  ? 13.619  2.563   -2.857  1.00 6.72  ? 81  VAL A CB  1 
ATOM   573  C  CG1 . VAL A 1 81  ? 14.891  2.815   -3.654  1.00 9.31  ? 81  VAL A CG1 1 
ATOM   574  C  CG2 . VAL A 1 81  ? 13.587  1.134   -2.349  1.00 16.08 ? 81  VAL A CG2 1 
ATOM   575  N  N   . ILE A 1 82  ? 14.564  5.686   -2.182  1.00 5.35  ? 82  ILE A N   1 
ATOM   576  C  CA  . ILE A 1 82  ? 14.622  7.050   -2.685  1.00 4.23  ? 82  ILE A CA  1 
ATOM   577  C  C   . ILE A 1 82  ? 15.698  7.132   -3.756  1.00 4.23  ? 82  ILE A C   1 
ATOM   578  O  O   . ILE A 1 82  ? 16.851  6.751   -3.523  1.00 5.18  ? 82  ILE A O   1 
ATOM   579  C  CB  . ILE A 1 82  ? 14.972  8.054   -1.567  1.00 5.50  ? 82  ILE A CB  1 
ATOM   580  C  CG1 . ILE A 1 82  ? 14.023  7.872   -0.381  1.00 6.65  ? 82  ILE A CG1 1 
ATOM   581  C  CG2 . ILE A 1 82  ? 14.887  9.478   -2.104  1.00 7.20  ? 82  ILE A CG2 1 
ATOM   582  C  CD1 . ILE A 1 82  ? 14.328  8.791   0.783   1.00 8.51  ? 82  ILE A CD1 1 
ATOM   583  N  N   . LEU A 1 83  ? 15.310  7.623   -4.929  1.00 5.51  ? 83  LEU A N   1 
ATOM   584  C  CA  . LEU A 1 83  ? 16.227  7.773   -6.048  1.00 5.18  ? 83  LEU A CA  1 
ATOM   585  C  C   . LEU A 1 83  ? 16.558  9.250   -6.248  1.00 5.67  ? 83  LEU A C   1 
ATOM   586  O  O   . LEU A 1 83  ? 15.690  10.118  -6.125  1.00 6.27  ? 83  LEU A O   1 
ATOM   587  C  CB  . LEU A 1 83  ? 15.609  7.190   -7.322  1.00 5.73  ? 83  LEU A CB  1 
ATOM   588  C  CG  . LEU A 1 83  ? 15.182  5.722   -7.221  1.00 5.50  ? 83  LEU A CG  1 
ATOM   589  C  CD1 . LEU A 1 83  ? 14.699  5.249   -8.583  1.00 6.13  ? 83  LEU A CD1 1 
ATOM   590  C  CD2 . LEU A 1 83  ? 16.342  4.855   -6.749  1.00 8.84  ? 83  LEU A CD2 1 
ATOM   591  N  N   . THR A 1 84  ? 17.827  9.511   -6.559  1.00 5.16  ? 84  THR A N   1 
ATOM   592  C  CA  . THR A 1 84  ? 18.382  10.850  -6.756  1.00 5.85  ? 84  THR A CA  1 
ATOM   593  C  C   . THR A 1 84  ? 17.908  11.850  -5.691  1.00 4.18  ? 84  THR A C   1 
ATOM   594  O  O   . THR A 1 84  ? 17.675  13.030  -5.958  1.00 5.63  ? 84  THR A O   1 
ATOM   595  C  CB  . THR A 1 84  ? 18.131  11.377  -8.208  1.00 6.58  ? 84  THR A CB  1 
ATOM   596  O  OG1 . THR A 1 84  ? 18.935  12.539  -8.434  1.00 7.57  ? 84  THR A OG1 1 
ATOM   597  C  CG2 . THR A 1 84  ? 16.675  11.734  -8.433  1.00 8.74  ? 84  THR A CG2 1 
ATOM   598  N  N   . ASN A 1 85  ? 17.786  11.338  -4.466  1.00 5.04  ? 85  ASN A N   1 
ATOM   599  C  CA  . ASN A 1 85  ? 17.401  12.118  -3.293  1.00 5.72  ? 85  ASN A CA  1 
ATOM   600  C  C   . ASN A 1 85  ? 16.131  12.935  -3.506  1.00 6.83  ? 85  ASN A C   1 
ATOM   601  O  O   . ASN A 1 85  ? 15.940  13.973  -2.873  1.00 10.41 ? 85  ASN A O   1 
ATOM   602  C  CB  . ASN A 1 85  ? 18.569  13.042  -2.910  1.00 6.02  ? 85  ASN A CB  1 
ATOM   603  C  CG  . ASN A 1 85  ? 18.459  13.578  -1.498  1.00 5.56  ? 85  ASN A CG  1 
ATOM   604  O  OD1 . ASN A 1 85  ? 18.158  12.831  -0.570  1.00 6.36  ? 85  ASN A OD1 1 
ATOM   605  N  ND2 . ASN A 1 85  ? 18.741  14.865  -1.319  1.00 6.55  ? 85  ASN A ND2 1 
ATOM   606  N  N   . GLU A 1 86  ? 15.243  12.441  -4.363  1.00 6.08  ? 86  GLU A N   1 
ATOM   607  C  CA  . GLU A 1 86  ? 14.018  13.163  -4.699  1.00 10.23 ? 86  GLU A CA  1 
ATOM   608  C  C   . GLU A 1 86  ? 12.782  12.297  -4.936  1.00 8.00  ? 86  GLU A C   1 
ATOM   609  O  O   . GLU A 1 86  ? 11.697  12.592  -4.430  1.00 7.18  ? 86  GLU A O   1 
ATOM   610  C  CB  . GLU A 1 86  ? 14.266  14.007  -5.961  1.00 10.47 ? 86  GLU A CB  1 
ATOM   611  C  CG  . GLU A 1 86  ? 13.009  14.531  -6.657  1.00 16.83 ? 86  GLU A CG  1 
ATOM   612  C  CD  . GLU A 1 86  ? 12.289  15.601  -5.868  1.00 24.12 ? 86  GLU A CD  1 
ATOM   613  O  OE1 . GLU A 1 86  ? 11.138  15.930  -6.224  1.00 21.41 ? 86  GLU A OE1 1 
ATOM   614  O  OE2 . GLU A 1 86  ? 12.880  16.125  -4.900  1.00 25.73 ? 86  GLU A OE2 1 
ATOM   615  N  N   . LEU A 1 87  ? 12.954  11.243  -5.725  1.00 6.18  ? 87  LEU A N   1 
ATOM   616  C  CA  . LEU A 1 87  ? 11.863  10.354  -6.091  1.00 5.15  ? 87  LEU A CA  1 
ATOM   617  C  C   . LEU A 1 87  ? 11.687  9.245   -5.064  1.00 4.01  ? 87  LEU A C   1 
ATOM   618  O  O   . LEU A 1 87  ? 12.591  8.439   -4.857  1.00 5.42  ? 87  LEU A O   1 
ATOM   619  C  CB  . LEU A 1 87  ? 12.155  9.753   -7.462  1.00 7.03  ? 87  LEU A CB  1 
ATOM   620  C  CG  . LEU A 1 87  ? 11.016  8.961   -8.096  1.00 8.97  ? 87  LEU A CG  1 
ATOM   621  C  CD1 . LEU A 1 87  ? 9.873   9.911   -8.432  1.00 14.87 ? 87  LEU A CD1 1 
ATOM   622  C  CD2 . LEU A 1 87  ? 11.512  8.281   -9.362  1.00 9.99  ? 87  LEU A CD2 1 
ATOM   623  N  N   . ASN A 1 88  ? 10.514  9.195   -4.442  1.00 5.05  ? 88  ASN A N   1 
ATOM   624  C  CA  . ASN A 1 88  ? 10.231  8.212   -3.407  1.00 4.22  ? 88  ASN A CA  1 
ATOM   625  C  C   . ASN A 1 88  ? 9.241   7.124   -3.762  1.00 4.24  ? 88  ASN A C   1 
ATOM   626  O  O   . ASN A 1 88  ? 8.212   7.376   -4.391  1.00 6.05  ? 88  ASN A O   1 
ATOM   627  C  CB  . ASN A 1 88  ? 9.705   8.908   -2.159  1.00 5.50  ? 88  ASN A CB  1 
ATOM   628  C  CG  . ASN A 1 88  ? 10.723  9.818   -1.528  1.00 5.74  ? 88  ASN A CG  1 
ATOM   629  O  OD1 . ASN A 1 88  ? 11.085  10.865  -2.079  1.00 8.59  ? 88  ASN A OD1 1 
ATOM   630  N  ND2 . ASN A 1 88  ? 11.206  9.420   -0.365  1.00 4.31  ? 88  ASN A ND2 1 
ATOM   631  N  N   . PHE A 1 89  ? 9.554   5.916   -3.307  1.00 4.91  ? 89  PHE A N   1 
ATOM   632  C  CA  . PHE A 1 89  ? 8.708   4.748   -3.499  1.00 5.24  ? 89  PHE A CA  1 
ATOM   633  C  C   . PHE A 1 89  ? 8.554   4.050   -2.151  1.00 5.57  ? 89  PHE A C   1 
ATOM   634  O  O   . PHE A 1 89  ? 9.549   3.674   -1.527  1.00 7.42  ? 89  PHE A O   1 
ATOM   635  C  CB  . PHE A 1 89  ? 9.357   3.755   -4.464  1.00 7.91  ? 89  PHE A CB  1 
ATOM   636  C  CG  . PHE A 1 89  ? 9.466   4.244   -5.874  1.00 7.36  ? 89  PHE A CG  1 
ATOM   637  C  CD1 . PHE A 1 89  ? 8.435   4.035   -6.786  1.00 7.74  ? 89  PHE A CD1 1 
ATOM   638  C  CD2 . PHE A 1 89  ? 10.616  4.894   -6.303  1.00 9.86  ? 89  PHE A CD2 1 
ATOM   639  C  CE1 . PHE A 1 89  ? 8.551   4.468   -8.104  1.00 9.14  ? 89  PHE A CE1 1 
ATOM   640  C  CE2 . PHE A 1 89  ? 10.743  5.332   -7.617  1.00 8.33  ? 89  PHE A CE2 1 
ATOM   641  C  CZ  . PHE A 1 89  ? 9.708   5.115   -8.520  1.00 8.04  ? 89  PHE A CZ  1 
ATOM   642  N  N   . ALA A 1 90  ? 7.315   3.906   -1.692  1.00 6.01  ? 90  ALA A N   1 
ATOM   643  C  CA  . ALA A 1 90  ? 7.031   3.182   -0.456  1.00 6.01  ? 90  ALA A CA  1 
ATOM   644  C  C   . ALA A 1 90  ? 6.365   1.919   -1.004  1.00 5.33  ? 90  ALA A C   1 
ATOM   645  O  O   . ALA A 1 90  ? 5.301   1.986   -1.627  1.00 6.90  ? 90  ALA A O   1 
ATOM   646  C  CB  . ALA A 1 90  ? 6.082   3.967   0.426   1.00 8.84  ? 90  ALA A CB  1 
ATOM   647  N  N   . LEU A 1 91  ? 7.002   0.776   -0.777  1.00 5.78  ? 91  LEU A N   1 
ATOM   648  C  CA  . LEU A 1 91  ? 6.543   -0.490  -1.330  1.00 6.54  ? 91  LEU A CA  1 
ATOM   649  C  C   . LEU A 1 91  ? 6.023   -1.478  -0.307  1.00 5.72  ? 91  LEU A C   1 
ATOM   650  O  O   . LEU A 1 91  ? 6.604   -1.641  0.765   1.00 5.99  ? 91  LEU A O   1 
ATOM   651  C  CB  . LEU A 1 91  ? 7.700   -1.123  -2.105  1.00 7.62  ? 91  LEU A CB  1 
ATOM   652  C  CG  . LEU A 1 91  ? 8.395   -0.199  -3.113  1.00 7.88  ? 91  LEU A CG  1 
ATOM   653  C  CD1 . LEU A 1 91  ? 9.661   -0.862  -3.625  1.00 15.98 ? 91  LEU A CD1 1 
ATOM   654  C  CD2 . LEU A 1 91  ? 7.453   0.137   -4.255  1.00 11.60 ? 91  LEU A CD2 1 
ATOM   655  N  N   . VAL A 1 92  ? 4.933   -2.151  -0.662  1.00 5.45  ? 92  VAL A N   1 
ATOM   656  C  CA  . VAL A 1 92  ? 4.331   -3.136  0.215   1.00 5.84  ? 92  VAL A CA  1 
ATOM   657  C  C   . VAL A 1 92  ? 3.940   -4.401  -0.537  1.00 5.68  ? 92  VAL A C   1 
ATOM   658  O  O   . VAL A 1 92  ? 3.378   -4.345  -1.634  1.00 6.45  ? 92  VAL A O   1 
ATOM   659  C  CB  . VAL A 1 92  ? 3.055   -2.595  0.899   1.00 5.38  ? 92  VAL A CB  1 
ATOM   660  C  CG1 . VAL A 1 92  ? 2.475   -3.653  1.829   1.00 8.08  ? 92  VAL A CG1 1 
ATOM   661  C  CG2 . VAL A 1 92  ? 3.368   -1.323  1.673   1.00 6.93  ? 92  VAL A CG2 1 
ATOM   662  N  N   . GLY A 1 93  ? 4.271   -5.537  0.065   1.00 6.06  ? 93  GLY A N   1 
ATOM   663  C  CA  . GLY A 1 93  ? 3.905   -6.829  -0.477  1.00 6.94  ? 93  GLY A CA  1 
ATOM   664  C  C   . GLY A 1 93  ? 3.099   -7.493  0.624   1.00 7.10  ? 93  GLY A C   1 
ATOM   665  O  O   . GLY A 1 93  ? 3.212   -7.114  1.791   1.00 6.66  ? 93  GLY A O   1 
ATOM   666  N  N   . SER A 1 94  ? 2.284   -8.480  0.276   1.00 6.59  ? 94  SER A N   1 
ATOM   667  C  CA  . SER A 1 94  ? 1.481   -9.148  1.288   1.00 7.72  ? 94  SER A CA  1 
ATOM   668  C  C   . SER A 1 94  ? 1.235   -10.607 0.944   1.00 5.20  ? 94  SER A C   1 
ATOM   669  O  O   . SER A 1 94  ? 1.153   -10.978 -0.228  1.00 6.78  ? 94  SER A O   1 
ATOM   670  C  CB  . SER A 1 94  ? 0.148   -8.418  1.462   1.00 8.56  ? 94  SER A CB  1 
ATOM   671  O  OG  . SER A 1 94  ? -0.614  -8.455  0.272   1.00 8.03  ? 94  SER A OG  1 
ATOM   672  N  N   . GLU A 1 95  ? 1.132   -11.436 1.976   1.00 6.87  ? 95  GLU A N   1 
ATOM   673  C  CA  . GLU A 1 95  ? 0.891   -12.857 1.793   1.00 5.24  ? 95  GLU A CA  1 
ATOM   674  C  C   . GLU A 1 95  ? -0.352  -13.257 2.566   1.00 6.85  ? 95  GLU A C   1 
ATOM   675  O  O   . GLU A 1 95  ? -0.437  -13.059 3.782   1.00 7.01  ? 95  GLU A O   1 
ATOM   676  C  CB  . GLU A 1 95  ? 2.099   -13.660 2.274   1.00 5.21  ? 95  GLU A CB  1 
ATOM   677  C  CG  . GLU A 1 95  ? 1.934   -15.168 2.164   1.00 6.73  ? 95  GLU A CG  1 
ATOM   678  C  CD  . GLU A 1 95  ? 1.580   -15.616 0.764   1.00 6.62  ? 95  GLU A CD  1 
ATOM   679  O  OE1 . GLU A 1 95  ? 2.300   -15.229 -0.181  1.00 6.99  ? 95  GLU A OE1 1 
ATOM   680  O  OE2 . GLU A 1 95  ? 0.592   -16.367 0.607   1.00 6.19  ? 95  GLU A OE2 1 
ATOM   681  N  N   . ASP A 1 96  ? -1.317  -13.823 1.846   1.00 6.66  ? 96  ASP A N   1 
ATOM   682  C  CA  . ASP A 1 96  ? -2.575  -14.249 2.442   1.00 6.14  ? 96  ASP A CA  1 
ATOM   683  C  C   . ASP A 1 96  ? -2.635  -15.752 2.673   1.00 9.19  ? 96  ASP A C   1 
ATOM   684  O  O   . ASP A 1 96  ? -3.569  -16.249 3.305   1.00 8.52  ? 96  ASP A O   1 
ATOM   685  C  CB  . ASP A 1 96  ? -3.764  -13.841 1.559   1.00 6.87  ? 96  ASP A CB  1 
ATOM   686  C  CG  . ASP A 1 96  ? -3.731  -14.484 0.173   1.00 6.92  ? 96  ASP A CG  1 
ATOM   687  O  OD1 . ASP A 1 96  ? -3.381  -15.681 0.066   1.00 8.55  ? 96  ASP A OD1 1 
ATOM   688  O  OD2 . ASP A 1 96  ? -4.089  -13.800 -0.808  1.00 8.59  ? 96  ASP A OD2 1 
ATOM   689  N  N   . GLY A 1 97  ? -1.633  -16.471 2.178   1.00 7.82  ? 97  GLY A N   1 
ATOM   690  C  CA  . GLY A 1 97  ? -1.645  -17.913 2.314   1.00 10.20 ? 97  GLY A CA  1 
ATOM   691  C  C   . GLY A 1 97  ? -0.368  -18.601 2.743   1.00 7.33  ? 97  GLY A C   1 
ATOM   692  O  O   . GLY A 1 97  ? 0.305   -18.175 3.680   1.00 9.42  ? 97  GLY A O   1 
ATOM   693  N  N   . THR A 1 98  ? -0.031  -19.674 2.035   1.00 8.67  ? 98  THR A N   1 
ATOM   694  C  CA  . THR A 1 98  ? 1.133   -20.479 2.373   1.00 10.07 ? 98  THR A CA  1 
ATOM   695  C  C   . THR A 1 98  ? 2.253   -20.567 1.342   1.00 9.59  ? 98  THR A C   1 
ATOM   696  O  O   . THR A 1 98  ? 3.324   -21.087 1.650   1.00 11.44 ? 98  THR A O   1 
ATOM   697  C  CB  . THR A 1 98  ? 0.696   -21.919 2.692   1.00 10.58 ? 98  THR A CB  1 
ATOM   698  O  OG1 . THR A 1 98  ? 0.023   -22.469 1.551   1.00 13.45 ? 98  THR A OG1 1 
ATOM   699  C  CG2 . THR A 1 98  ? -0.249  -21.942 3.888   1.00 11.89 ? 98  THR A CG2 1 
ATOM   700  N  N   . ASP A 1 99  ? 2.036   -20.072 0.129   1.00 8.75  ? 99  ASP A N   1 
ATOM   701  C  CA  . ASP A 1 99  ? 3.077   -20.185 -0.888  1.00 8.85  ? 99  ASP A CA  1 
ATOM   702  C  C   . ASP A 1 99  ? 4.191   -19.143 -0.775  1.00 10.88 ? 99  ASP A C   1 
ATOM   703  O  O   . ASP A 1 99  ? 5.246   -19.280 -1.393  1.00 11.23 ? 99  ASP A O   1 
ATOM   704  C  CB  . ASP A 1 99  ? 2.447   -20.167 -2.287  1.00 8.34  ? 99  ASP A CB  1 
ATOM   705  C  CG  . ASP A 1 99  ? 1.889   -18.819 -2.667  1.00 6.06  ? 99  ASP A CG  1 
ATOM   706  O  OD1 . ASP A 1 99  ? 1.695   -17.969 -1.774  1.00 10.20 ? 99  ASP A OD1 1 
ATOM   707  O  OD2 . ASP A 1 99  ? 1.629   -18.624 -3.872  1.00 9.23  ? 99  ASP A OD2 1 
ATOM   708  N  N   . ASN A 1 100 ? 3.955   -18.113 0.027   1.00 11.38 ? 100 ASN A N   1 
ATOM   709  C  CA  . ASN A 1 100 ? 4.936   -17.057 0.253   1.00 8.87  ? 100 ASN A CA  1 
ATOM   710  C  C   . ASN A 1 100 ? 5.451   -16.309 -0.964  1.00 9.54  ? 100 ASN A C   1 
ATOM   711  O  O   . ASN A 1 100 ? 6.647   -16.016 -1.056  1.00 9.70  ? 100 ASN A O   1 
ATOM   712  C  CB  . ASN A 1 100 ? 6.125   -17.598 1.048   1.00 10.74 ? 100 ASN A CB  1 
ATOM   713  C  CG  . ASN A 1 100 ? 5.717   -18.121 2.403   1.00 14.15 ? 100 ASN A CG  1 
ATOM   714  O  OD1 . ASN A 1 100 ? 4.959   -17.469 3.121   1.00 13.78 ? 100 ASN A OD1 1 
ATOM   715  N  ND2 . ASN A 1 100 ? 6.224   -19.292 2.769   1.00 19.28 ? 100 ASN A ND2 1 
ATOM   716  N  N   . ASP A 1 101 ? 4.567   -16.002 -1.906  1.00 6.87  ? 101 ASP A N   1 
ATOM   717  C  CA  . ASP A 1 101 ? 5.010   -15.230 -3.049  1.00 7.34  ? 101 ASP A CA  1 
ATOM   718  C  C   . ASP A 1 101 ? 4.904   -13.741 -2.709  1.00 6.97  ? 101 ASP A C   1 
ATOM   719  O  O   . ASP A 1 101 ? 5.488   -12.906 -3.392  1.00 8.63  ? 101 ASP A O   1 
ATOM   720  C  CB  . ASP A 1 101 ? 4.247   -15.605 -4.338  1.00 8.03  ? 101 ASP A CB  1 
ATOM   721  C  CG  . ASP A 1 101 ? 2.739   -15.450 -4.232  1.00 7.08  ? 101 ASP A CG  1 
ATOM   722  O  OD1 . ASP A 1 101 ? 2.200   -15.140 -3.152  1.00 7.80  ? 101 ASP A OD1 1 
ATOM   723  O  OD2 . ASP A 1 101 ? 2.090   -15.663 -5.280  1.00 7.88  ? 101 ASP A OD2 1 
ATOM   724  N  N   . TYR A 1 102 ? 4.200   -13.432 -1.614  1.00 6.57  ? 102 TYR A N   1 
ATOM   725  C  CA  . TYR A 1 102 ? 4.036   -12.061 -1.121  1.00 7.03  ? 102 TYR A CA  1 
ATOM   726  C  C   . TYR A 1 102 ? 3.589   -11.026 -2.141  1.00 7.53  ? 102 TYR A C   1 
ATOM   727  O  O   . TYR A 1 102 ? 3.895   -9.838  -2.019  1.00 8.41  ? 102 TYR A O   1 
ATOM   728  C  CB  . TYR A 1 102 ? 5.334   -11.612 -0.432  1.00 8.38  ? 102 TYR A CB  1 
ATOM   729  C  CG  . TYR A 1 102 ? 5.427   -12.121 0.987   1.00 9.05  ? 102 TYR A CG  1 
ATOM   730  C  CD1 . TYR A 1 102 ? 4.903   -11.376 2.044   1.00 7.42  ? 102 TYR A CD1 1 
ATOM   731  C  CD2 . TYR A 1 102 ? 5.932   -13.391 1.264   1.00 6.99  ? 102 TYR A CD2 1 
ATOM   732  C  CE1 . TYR A 1 102 ? 4.869   -11.885 3.336   1.00 8.88  ? 102 TYR A CE1 1 
ATOM   733  C  CE2 . TYR A 1 102 ? 5.902   -13.911 2.555   1.00 8.82  ? 102 TYR A CE2 1 
ATOM   734  C  CZ  . TYR A 1 102 ? 5.365   -13.152 3.584   1.00 7.56  ? 102 TYR A CZ  1 
ATOM   735  O  OH  . TYR A 1 102 ? 5.298   -13.671 4.855   1.00 12.22 ? 102 TYR A OH  1 
ATOM   736  N  N   . ASN A 1 103 ? 2.828   -11.477 -3.129  1.00 6.53  ? 103 ASN A N   1 
ATOM   737  C  CA  . ASN A 1 103 ? 2.339   -10.594 -4.180  1.00 6.06  ? 103 ASN A CA  1 
ATOM   738  C  C   . ASN A 1 103 ? 0.816   -10.598 -4.207  1.00 5.92  ? 103 ASN A C   1 
ATOM   739  O  O   . ASN A 1 103 ? 0.208   -10.007 -5.096  1.00 5.80  ? 103 ASN A O   1 
ATOM   740  C  CB  . ASN A 1 103 ? 2.835   -11.087 -5.537  1.00 7.14  ? 103 ASN A CB  1 
ATOM   741  C  CG  . ASN A 1 103 ? 2.136   -12.367 -5.974  1.00 5.19  ? 103 ASN A CG  1 
ATOM   742  O  OD1 . ASN A 1 103 ? 1.359   -12.949 -5.214  1.00 6.52  ? 103 ASN A OD1 1 
ATOM   743  N  ND2 . ASN A 1 103 ? 2.405   -12.807 -7.196  1.00 6.29  ? 103 ASN A ND2 1 
ATOM   744  N  N   . ASP A 1 104 ? 0.201   -11.252 -3.229  1.00 7.37  ? 104 ASP A N   1 
ATOM   745  C  CA  . ASP A 1 104 ? -1.248  -11.377 -3.229  1.00 6.13  ? 104 ASP A CA  1 
ATOM   746  C  C   . ASP A 1 104 ? -1.931  -10.035 -3.383  1.00 6.95  ? 104 ASP A C   1 
ATOM   747  O  O   . ASP A 1 104 ? -2.943  -9.911  -4.071  1.00 6.38  ? 104 ASP A O   1 
ATOM   748  C  CB  . ASP A 1 104 ? -1.685  -12.161 -2.001  1.00 8.03  ? 104 ASP A CB  1 
ATOM   749  C  CG  . ASP A 1 104 ? -1.005  -13.526 -1.943  1.00 5.96  ? 104 ASP A CG  1 
ATOM   750  O  OD1 . ASP A 1 104 ? -0.845  -14.149 -3.014  1.00 6.31  ? 104 ASP A OD1 1 
ATOM   751  O  OD2 . ASP A 1 104 ? -0.633  -13.982 -0.844  1.00 6.27  ? 104 ASP A OD2 1 
ATOM   752  N  N   . ALA A 1 105 ? -1.343  -9.030  -2.748  1.00 9.06  ? 105 ALA A N   1 
ATOM   753  C  CA  . ALA A 1 105 ? -1.777  -7.649  -2.864  1.00 8.40  ? 105 ALA A CA  1 
ATOM   754  C  C   . ALA A 1 105 ? -0.441  -6.907  -2.837  1.00 5.89  ? 105 ALA A C   1 
ATOM   755  O  O   . ALA A 1 105 ? 0.347   -7.072  -1.903  1.00 7.82  ? 105 ALA A O   1 
ATOM   756  C  CB  . ALA A 1 105 ? -2.640  -7.235  -1.684  1.00 12.48 ? 105 ALA A CB  1 
ATOM   757  N  N   . VAL A 1 106 ? -0.162  -6.147  -3.890  1.00 6.49  ? 106 VAL A N   1 
ATOM   758  C  CA  . VAL A 1 106 ? 1.071   -5.373  -3.980  1.00 7.22  ? 106 VAL A CA  1 
ATOM   759  C  C   . VAL A 1 106 ? 0.647   -3.914  -3.999  1.00 5.46  ? 106 VAL A C   1 
ATOM   760  O  O   . VAL A 1 106 ? -0.209  -3.522  -4.793  1.00 5.71  ? 106 VAL A O   1 
ATOM   761  C  CB  . VAL A 1 106 ? 1.864   -5.712  -5.264  1.00 7.13  ? 106 VAL A CB  1 
ATOM   762  C  CG1 . VAL A 1 106 ? 3.060   -4.780  -5.404  1.00 9.50  ? 106 VAL A CG1 1 
ATOM   763  C  CG2 . VAL A 1 106 ? 2.350   -7.156  -5.211  1.00 7.81  ? 106 VAL A CG2 1 
ATOM   764  N  N   . VAL A 1 107 ? 1.233   -3.111  -3.119  1.00 6.49  ? 107 VAL A N   1 
ATOM   765  C  CA  . VAL A 1 107 ? 0.871   -1.710  -3.040  1.00 7.53  ? 107 VAL A CA  1 
ATOM   766  C  C   . VAL A 1 107 ? 2.085   -0.825  -3.264  1.00 5.83  ? 107 VAL A C   1 
ATOM   767  O  O   . VAL A 1 107 ? 3.148   -1.036  -2.671  1.00 7.25  ? 107 VAL A O   1 
ATOM   768  C  CB  . VAL A 1 107 ? 0.241   -1.378  -1.668  1.00 5.26  ? 107 VAL A CB  1 
ATOM   769  C  CG1 . VAL A 1 107 ? -0.214  0.073   -1.634  1.00 8.85  ? 107 VAL A CG1 1 
ATOM   770  C  CG2 . VAL A 1 107 ? -0.931  -2.310  -1.396  1.00 7.15  ? 107 VAL A CG2 1 
ATOM   771  N  N   . VAL A 1 108 ? 1.918   0.159   -4.136  1.00 6.22  ? 108 VAL A N   1 
ATOM   772  C  CA  . VAL A 1 108 ? 2.977   1.098   -4.459  1.00 6.56  ? 108 VAL A CA  1 
ATOM   773  C  C   . VAL A 1 108 ? 2.536   2.523   -4.159  1.00 6.52  ? 108 VAL A C   1 
ATOM   774  O  O   . VAL A 1 108 ? 1.511   2.986   -4.659  1.00 6.87  ? 108 VAL A O   1 
ATOM   775  C  CB  . VAL A 1 108 ? 3.357   1.024   -5.952  1.00 6.39  ? 108 VAL A CB  1 
ATOM   776  C  CG1 . VAL A 1 108 ? 4.409   2.080   -6.273  1.00 11.56 ? 108 VAL A CG1 1 
ATOM   777  C  CG2 . VAL A 1 108 ? 3.872   -0.364  -6.291  1.00 11.56 ? 108 VAL A CG2 1 
ATOM   778  N  N   . ILE A 1 109 ? 3.314   3.205   -3.327  1.00 5.77  ? 109 ILE A N   1 
ATOM   779  C  CA  . ILE A 1 109 ? 3.057   4.590   -2.971  1.00 5.81  ? 109 ILE A CA  1 
ATOM   780  C  C   . ILE A 1 109 ? 4.203   5.384   -3.580  1.00 5.06  ? 109 ILE A C   1 
ATOM   781  O  O   . ILE A 1 109 ? 5.371   5.016   -3.418  1.00 6.45  ? 109 ILE A O   1 
ATOM   782  C  CB  . ILE A 1 109 ? 3.052   4.771   -1.440  1.00 7.16  ? 109 ILE A CB  1 
ATOM   783  C  CG1 . ILE A 1 109 ? 1.771   4.171   -0.855  1.00 7.88  ? 109 ILE A CG1 1 
ATOM   784  C  CG2 . ILE A 1 109 ? 3.196   6.244   -1.079  1.00 8.75  ? 109 ILE A CG2 1 
ATOM   785  C  CD1 . ILE A 1 109 ? 1.730   4.179   0.665   1.00 9.10  ? 109 ILE A CD1 1 
ATOM   786  N  N   . ASN A 1 110 ? 3.886   6.452   -4.304  1.00 5.48  ? 110 ASN A N   1 
ATOM   787  C  CA  . ASN A 1 110 ? 4.934   7.256   -4.912  1.00 6.00  ? 110 ASN A CA  1 
ATOM   788  C  C   . ASN A 1 110 ? 4.711   8.753   -4.734  1.00 5.53  ? 110 ASN A C   1 
ATOM   789  O  O   . ASN A 1 110 ? 3.575   9.222   -4.675  1.00 5.27  ? 110 ASN A O   1 
ATOM   790  C  CB  . ASN A 1 110 ? 5.092   6.929   -6.414  1.00 6.05  ? 110 ASN A CB  1 
ATOM   791  C  CG  . ASN A 1 110 ? 3.889   7.348   -7.257  1.00 6.57  ? 110 ASN A CG  1 
ATOM   792  O  OD1 . ASN A 1 110 ? 2.792   6.794   -7.130  1.00 7.64  ? 110 ASN A OD1 1 
ATOM   793  N  ND2 . ASN A 1 110 ? 4.098   8.329   -8.129  1.00 7.21  ? 110 ASN A ND2 1 
ATOM   794  N  N   . TRP A 1 111 ? 5.806   9.495   -4.621  1.00 6.17  ? 111 TRP A N   1 
ATOM   795  C  CA  . TRP A 1 111 ? 5.755   10.943  -4.501  1.00 5.26  ? 111 TRP A CA  1 
ATOM   796  C  C   . TRP A 1 111 ? 7.152   11.453  -4.829  1.00 6.49  ? 111 TRP A C   1 
ATOM   797  O  O   . TRP A 1 111 ? 8.121   10.688  -4.775  1.00 7.03  ? 111 TRP A O   1 
ATOM   798  C  CB  . TRP A 1 111 ? 5.331   11.367  -3.074  1.00 6.96  ? 111 TRP A CB  1 
ATOM   799  C  CG  . TRP A 1 111 ? 6.377   11.270  -1.989  1.00 5.80  ? 111 TRP A CG  1 
ATOM   800  C  CD1 . TRP A 1 111 ? 7.265   12.241  -1.609  1.00 5.80  ? 111 TRP A CD1 1 
ATOM   801  C  CD2 . TRP A 1 111 ? 6.615   10.152  -1.125  1.00 5.17  ? 111 TRP A CD2 1 
ATOM   802  N  NE1 . TRP A 1 111 ? 8.038   11.794  -0.562  1.00 7.23  ? 111 TRP A NE1 1 
ATOM   803  C  CE2 . TRP A 1 111 ? 7.662   10.516  -0.247  1.00 6.50  ? 111 TRP A CE2 1 
ATOM   804  C  CE3 . TRP A 1 111 ? 6.052   8.877   -1.013  1.00 5.53  ? 111 TRP A CE3 1 
ATOM   805  C  CZ2 . TRP A 1 111 ? 8.151   9.651   0.737   1.00 6.20  ? 111 TRP A CZ2 1 
ATOM   806  C  CZ3 . TRP A 1 111 ? 6.536   8.014   -0.035  1.00 7.32  ? 111 TRP A CZ3 1 
ATOM   807  C  CH2 . TRP A 1 111 ? 7.579   8.406   0.825   1.00 5.14  ? 111 TRP A CH2 1 
ATOM   808  N  N   . PRO A 1 112 ? 7.278   12.718  -5.244  1.00 6.50  ? 112 PRO A N   1 
ATOM   809  C  CA  . PRO A 1 112 ? 6.233   13.731  -5.390  1.00 6.71  ? 112 PRO A CA  1 
ATOM   810  C  C   . PRO A 1 112 ? 5.399   13.507  -6.652  1.00 7.97  ? 112 PRO A C   1 
ATOM   811  O  O   . PRO A 1 112 ? 5.767   12.716  -7.523  1.00 7.10  ? 112 PRO A O   1 
ATOM   812  C  CB  . PRO A 1 112 ? 7.030   15.018  -5.487  1.00 10.35 ? 112 PRO A CB  1 
ATOM   813  C  CG  . PRO A 1 112 ? 8.207   14.558  -6.320  1.00 11.90 ? 112 PRO A CG  1 
ATOM   814  C  CD  . PRO A 1 112 ? 8.596   13.322  -5.529  1.00 8.30  ? 112 PRO A CD  1 
ATOM   815  N  N   . LEU A 1 113 ? 4.284   14.226  -6.737  1.00 7.17  ? 113 LEU A N   1 
ATOM   816  C  CA  . LEU A 1 113 ? 3.400   14.161  -7.894  1.00 6.25  ? 113 LEU A CA  1 
ATOM   817  C  C   . LEU A 1 113 ? 3.426   15.512  -8.604  1.00 8.96  ? 113 LEU A C   1 
ATOM   818  O  O   . LEU A 1 113 ? 4.028   16.465  -8.113  1.00 9.25  ? 113 LEU A O   1 
ATOM   819  C  CB  . LEU A 1 113 ? 1.960   13.863  -7.462  1.00 7.34  ? 113 LEU A CB  1 
ATOM   820  C  CG  . LEU A 1 113 ? 1.710   12.603  -6.631  1.00 6.48  ? 113 LEU A CG  1 
ATOM   821  C  CD1 . LEU A 1 113 ? 0.213   12.446  -6.413  1.00 9.16  ? 113 LEU A CD1 1 
ATOM   822  C  CD2 . LEU A 1 113 ? 2.268   11.378  -7.341  1.00 9.03  ? 113 LEU A CD2 1 
ATOM   823  N  N   . GLY A 1 114 ? 2.783   15.573  -9.765  1.00 7.21  ? 114 GLY A N   1 
ATOM   824  C  CA  . GLY A 1 114 ? 2.684   16.809  -10.523 1.00 8.32  ? 114 GLY A CA  1 
ATOM   825  C  C   . GLY A 1 114 ? 3.800   17.125  -11.495 1.00 9.92  ? 114 GLY A C   1 
ATOM   826  O  O   . GLY A 1 114 ? 4.883   16.508  -11.413 1.00 7.14  ? 114 GLY A O   1 
ATOM   827  O  OXT . GLY A 1 114 ? 3.593   18.027  -12.333 1.00 10.65 ? 114 GLY A OXT 1 
HETATM 828  C  C1  . BDF B 2 .   ? -4.949  -17.760 -2.094  1.00 13.52 ? 115 BDF A C1  1 
HETATM 829  C  C2  . BDF B 2 .   ? -3.564  -18.050 -2.973  1.00 6.94  ? 115 BDF A C2  1 
HETATM 830  C  C3  . BDF B 2 .   ? -2.366  -17.116 -2.874  1.00 10.64 ? 115 BDF A C3  1 
HETATM 831  C  C4  . BDF B 2 .   ? -1.347  -17.584 -4.006  1.00 6.61  ? 115 BDF A C4  1 
HETATM 832  C  C5  . BDF B 2 .   ? -1.866  -17.620 -5.425  1.00 8.06  ? 115 BDF A C5  1 
HETATM 833  C  C6  . BDF B 2 .   ? -3.195  -18.412 -5.415  1.00 8.00  ? 115 BDF A C6  1 
HETATM 834  O  O1  . BDF B 2 .   ? -5.928  -18.869 -2.165  1.00 9.62  ? 115 BDF A O1  1 
HETATM 835  O  O2  . BDF B 2 .   ? -3.090  -19.310 -2.816  1.00 9.82  ? 115 BDF A O2  1 
HETATM 836  O  O3  . BDF B 2 .   ? -1.728  -17.220 -1.543  1.00 9.63  ? 115 BDF A O3  1 
HETATM 837  O  O4  . BDF B 2 .   ? -0.116  -16.924 -3.969  1.00 6.89  ? 115 BDF A O4  1 
HETATM 838  O  O5  . BDF B 2 .   ? -1.925  -16.203 -5.857  1.00 8.56  ? 115 BDF A O5  1 
HETATM 839  O  O6  . BDF B 2 .   ? -4.022  -17.896 -4.346  1.00 8.65  ? 115 BDF A O6  1 
HETATM 840  CA CA  . CA  C 3 .   ? 0.521   -15.929 -1.709  1.00 6.37  ? 116 CA  A CA  1 
HETATM 841  CA CA  . CA  D 3 .   ? -0.092  -14.779 -5.173  1.00 6.98  ? 117 CA  A CA  1 
HETATM 842  O  O   . HOH E 4 .   ? 8.909   -0.684  6.210   1.00 6.35  ? 201 HOH A O   1 
HETATM 843  O  O   . HOH E 4 .   ? 18.594  8.836   -3.109  1.00 5.71  ? 202 HOH A O   1 
HETATM 844  O  O   . HOH E 4 .   ? 7.085   0.121   8.162   1.00 6.07  ? 203 HOH A O   1 
HETATM 845  O  O   . HOH E 4 .   ? -2.708  -10.406 0.846   1.00 7.63  ? 204 HOH A O   1 
HETATM 846  O  O   . HOH E 4 .   ? 9.885   4.264   5.371   1.00 6.76  ? 205 HOH A O   1 
HETATM 847  O  O   . HOH E 4 .   ? 6.477   10.073  -7.949  1.00 7.95  ? 206 HOH A O   1 
HETATM 848  O  O   . HOH E 4 .   ? 11.308  -2.961  6.135   1.00 7.47  ? 207 HOH A O   1 
HETATM 849  O  O   . HOH E 4 .   ? -6.899  -11.228 -5.816  1.00 7.63  ? 208 HOH A O   1 
HETATM 850  O  O   . HOH E 4 .   ? -1.547  6.392   9.431   1.00 7.64  ? 209 HOH A O   1 
HETATM 851  O  O   . HOH E 4 .   ? 0.945   4.701   -6.772  1.00 7.82  ? 210 HOH A O   1 
HETATM 852  O  O   . HOH E 4 .   ? 7.535   0.406   10.889  1.00 8.06  ? 211 HOH A O   1 
HETATM 853  O  O   . HOH E 4 .   ? 3.521   15.612  -4.247  1.00 9.94  ? 212 HOH A O   1 
HETATM 854  O  O   . HOH E 4 .   ? -6.680  11.006  7.683   1.00 10.11 ? 213 HOH A O   1 
HETATM 855  O  O   . HOH E 4 .   ? -0.803  -19.754 -0.866  1.00 9.10  ? 214 HOH A O   1 
HETATM 856  O  O   . HOH E 4 .   ? -12.149 -14.091 -4.629  1.00 10.05 ? 215 HOH A O   1 
HETATM 857  O  O   . HOH E 4 .   ? -4.948  -12.603 4.695   1.00 12.15 ? 216 HOH A O   1 
HETATM 858  O  O   . HOH E 4 .   ? 0.800   -1.942  8.199   1.00 11.46 ? 217 HOH A O   1 
HETATM 859  O  O   . HOH E 4 .   ? -8.585  -15.117 4.618   1.00 11.18 ? 218 HOH A O   1 
HETATM 860  O  O   . HOH E 4 .   ? 10.408  8.024   5.467   1.00 12.11 ? 219 HOH A O   1 
HETATM 861  O  O   . HOH E 4 .   ? -1.454  13.426  8.546   1.00 10.24 ? 220 HOH A O   1 
HETATM 862  O  O   . HOH E 4 .   ? -11.858 -13.791 -1.005  1.00 10.95 ? 221 HOH A O   1 
HETATM 863  O  O   . HOH E 4 .   ? -5.010  -18.652 3.761   1.00 11.37 ? 222 HOH A O   1 
HETATM 864  O  O   . HOH E 4 .   ? 13.811  7.140   8.987   1.00 12.42 ? 223 HOH A O   1 
HETATM 865  O  O   . HOH E 4 .   ? -4.531  -21.482 -3.865  1.00 12.86 ? 224 HOH A O   1 
HETATM 866  O  O   . HOH E 4 .   ? -11.235 -9.259  1.260   1.00 12.94 ? 225 HOH A O   1 
HETATM 867  O  O   . HOH E 4 .   ? -7.290  12.635  9.775   1.00 11.74 ? 226 HOH A O   1 
HETATM 868  O  O   . HOH E 4 .   ? -5.782  -14.992 4.170   1.00 13.08 ? 227 HOH A O   1 
HETATM 869  O  O   . HOH E 4 .   ? -8.732  10.479  6.130   1.00 12.53 ? 228 HOH A O   1 
HETATM 870  O  O   . HOH E 4 .   ? -8.268  -15.507 -10.676 1.00 11.76 ? 229 HOH A O   1 
HETATM 871  O  O   . HOH E 4 .   ? -7.458  -12.726 -12.805 1.00 13.48 ? 230 HOH A O   1 
HETATM 872  O  O   . HOH E 4 .   ? -2.047  4.156   10.977  1.00 13.74 ? 231 HOH A O   1 
HETATM 873  O  O   . HOH E 4 .   ? 11.230  7.195   7.970   1.00 13.84 ? 232 HOH A O   1 
HETATM 874  O  O   . HOH E 4 .   ? 5.359   -9.148  8.685   1.00 14.37 ? 233 HOH A O   1 
HETATM 875  O  O   . HOH E 4 .   ? -14.668 -14.631 -1.426  1.00 15.47 ? 234 HOH A O   1 
HETATM 876  O  O   . HOH E 4 .   ? -7.454  -9.844  -13.545 1.00 13.75 ? 235 HOH A O   1 
HETATM 877  O  O   . HOH E 4 .   ? -10.946 -8.094  4.211   1.00 15.60 ? 236 HOH A O   1 
HETATM 878  O  O   . HOH E 4 .   ? 8.099   7.865   -7.125  1.00 16.65 ? 237 HOH A O   1 
HETATM 879  O  O   . HOH E 4 .   ? -3.302  7.100   -10.242 1.00 15.21 ? 238 HOH A O   1 
HETATM 880  O  O   . HOH E 4 .   ? 12.619  9.737   5.685   1.00 17.49 ? 239 HOH A O   1 
HETATM 881  O  O   . HOH E 4 .   ? 4.996   8.594   10.837  1.00 16.48 ? 240 HOH A O   1 
HETATM 882  O  O   . HOH E 4 .   ? -2.324  8.001   -7.814  1.00 13.46 ? 241 HOH A O   1 
HETATM 883  O  O   . HOH E 4 .   ? -7.530  10.426  -6.756  1.00 15.81 ? 242 HOH A O   1 
HETATM 884  O  O   . HOH E 4 .   ? 9.868   -0.675  13.817  1.00 13.80 ? 243 HOH A O   1 
HETATM 885  O  O   . HOH E 4 .   ? -3.656  17.288  8.104   1.00 15.99 ? 244 HOH A O   1 
HETATM 886  O  O   . HOH E 4 .   ? -9.360  3.295   -7.566  1.00 16.54 ? 245 HOH A O   1 
HETATM 887  O  O   . HOH E 4 .   ? -10.742 4.932   -1.465  1.00 17.30 ? 246 HOH A O   1 
HETATM 888  O  O   . HOH E 4 .   ? 9.855   9.962   3.653   1.00 20.06 ? 247 HOH A O   1 
HETATM 889  O  O   . HOH E 4 .   ? 0.416   2.260   13.207  1.00 16.96 ? 248 HOH A O   1 
HETATM 890  O  O   . HOH E 4 .   ? 4.007   21.480  5.587   1.00 16.82 ? 249 HOH A O   1 
HETATM 891  O  O   . HOH E 4 .   ? -2.137  -6.238  6.869   1.00 16.84 ? 250 HOH A O   1 
HETATM 892  O  O   . HOH E 4 .   ? -3.825  -8.186  -16.102 1.00 16.05 ? 251 HOH A O   1 
HETATM 893  O  O   . HOH E 4 .   ? 7.179   4.424   12.249  1.00 17.05 ? 252 HOH A O   1 
HETATM 894  O  O   . HOH E 4 .   ? 2.189   -7.661  8.695   1.00 16.47 ? 253 HOH A O   1 
HETATM 895  O  O   . HOH E 4 .   ? 10.326  13.220  0.559   1.00 16.44 ? 254 HOH A O   1 
HETATM 896  O  O   . HOH E 4 .   ? 0.846   21.082  9.050   1.00 17.04 ? 255 HOH A O   1 
HETATM 897  O  O   . HOH E 4 .   ? 2.744   19.236  10.276  1.00 15.92 ? 256 HOH A O   1 
HETATM 898  O  O   . HOH E 4 .   ? 8.837   -2.686  14.898  1.00 17.19 ? 257 HOH A O   1 
HETATM 899  O  O   . HOH E 4 .   ? -5.158  14.196  10.362  1.00 22.57 ? 258 HOH A O   1 
HETATM 900  O  O   . HOH E 4 .   ? 21.707  4.389   -8.901  1.00 18.29 ? 259 HOH A O   1 
HETATM 901  O  O   . HOH E 4 .   ? 6.346   1.905   12.614  1.00 17.37 ? 260 HOH A O   1 
HETATM 902  O  O   . HOH E 4 .   ? 2.306   18.146  -2.587  1.00 18.20 ? 261 HOH A O   1 
HETATM 903  O  O   . HOH E 4 .   ? 6.420   17.662  -8.625  1.00 16.48 ? 262 HOH A O   1 
HETATM 904  O  O   . HOH E 4 .   ? 4.472   11.062  11.787  1.00 18.85 ? 263 HOH A O   1 
HETATM 905  O  O   . HOH E 4 .   ? 9.516   -8.522  10.721  1.00 19.21 ? 264 HOH A O   1 
HETATM 906  O  O   . HOH E 4 .   ? -5.756  13.267  6.325   1.00 17.81 ? 265 HOH A O   1 
HETATM 907  O  O   . HOH E 4 .   ? 5.135   -7.156  10.574  1.00 18.46 ? 266 HOH A O   1 
HETATM 908  O  O   . HOH E 4 .   ? -3.534  -20.624 4.908   1.00 23.26 ? 267 HOH A O   1 
HETATM 909  O  O   . HOH E 4 .   ? -8.260  11.156  -2.661  1.00 19.25 ? 268 HOH A O   1 
HETATM 910  O  O   . HOH E 4 .   ? 3.410   -5.026  10.647  1.00 18.47 ? 269 HOH A O   1 
HETATM 911  O  O   . HOH E 4 .   ? -5.355  -3.559  -14.413 1.00 18.03 ? 270 HOH A O   1 
HETATM 912  O  O   . HOH E 4 .   ? -0.484  -24.310 -2.209  1.00 22.02 ? 271 HOH A O   1 
HETATM 913  O  O   . HOH E 4 .   ? 0.118   -20.909 -4.841  1.00 21.52 ? 272 HOH A O   1 
HETATM 914  O  O   . HOH E 4 .   ? 1.652   -23.513 -0.542  1.00 20.91 ? 273 HOH A O   1 
HETATM 915  O  O   . HOH E 4 .   ? -5.304  -21.144 -6.366  1.00 19.55 ? 274 HOH A O   1 
HETATM 916  O  O   . HOH E 4 .   ? -7.146  -4.075  5.037   1.00 19.79 ? 275 HOH A O   1 
HETATM 917  O  O   . HOH E 4 .   ? 16.060  16.705  -7.366  1.00 20.75 ? 276 HOH A O   1 
HETATM 918  O  O   . HOH E 4 .   ? 3.631   1.939   13.756  1.00 19.62 ? 277 HOH A O   1 
HETATM 919  O  O   . HOH E 4 .   ? -4.063  14.557  8.010   1.00 20.96 ? 278 HOH A O   1 
HETATM 920  O  O   . HOH E 4 .   ? 5.188   17.587  -3.512  1.00 21.87 ? 279 HOH A O   1 
HETATM 921  O  O   . HOH E 4 .   ? -2.242  -24.002 1.350   1.00 21.39 ? 280 HOH A O   1 
HETATM 922  O  O   . HOH E 4 .   ? -9.321  10.394  1.473   1.00 21.86 ? 281 HOH A O   1 
HETATM 923  O  O   . HOH E 4 .   ? -8.183  -17.550 -8.828  1.00 20.19 ? 282 HOH A O   1 
HETATM 924  O  O   . HOH E 4 .   ? 9.398   8.756   11.442  1.00 21.64 ? 283 HOH A O   1 
HETATM 925  O  O   . HOH E 4 .   ? 2.810   -18.276 4.903   1.00 19.81 ? 284 HOH A O   1 
HETATM 926  O  O   . HOH E 4 .   ? 7.610   17.256  6.870   1.00 20.90 ? 285 HOH A O   1 
HETATM 927  O  O   . HOH E 4 .   ? -10.100 5.403   -5.714  1.00 22.58 ? 286 HOH A O   1 
HETATM 928  O  O   . HOH E 4 .   ? -4.053  -5.120  -15.920 1.00 22.62 ? 287 HOH A O   1 
HETATM 929  O  O   . HOH E 4 .   ? -14.299 -14.078 -6.120  1.00 21.57 ? 288 HOH A O   1 
HETATM 930  O  O   . HOH E 4 .   ? -6.603  -8.533  -16.018 1.00 21.42 ? 289 HOH A O   1 
HETATM 931  O  O   . HOH E 4 .   ? 11.993  11.441  7.441   1.00 23.38 ? 290 HOH A O   1 
HETATM 932  O  O   . HOH E 4 .   ? -5.878  -19.036 -8.084  1.00 21.56 ? 291 HOH A O   1 
HETATM 933  O  O   . HOH E 4 .   ? -10.141 -12.918 -11.874 1.00 21.74 ? 292 HOH A O   1 
HETATM 934  O  O   . HOH E 4 .   ? -13.317 -5.533  0.770   1.00 22.75 ? 293 HOH A O   1 
HETATM 935  O  O   . HOH E 4 .   ? 11.391  9.946   9.358   1.00 22.63 ? 294 HOH A O   1 
HETATM 936  O  O   . HOH E 4 .   ? -5.629  -5.473  7.231   1.00 23.65 ? 295 HOH A O   1 
HETATM 937  O  O   . HOH E 4 .   ? -3.909  17.553  -1.557  1.00 22.20 ? 296 HOH A O   1 
HETATM 938  O  O   . HOH E 4 .   ? 7.131   17.527  0.167   1.00 22.30 ? 297 HOH A O   1 
HETATM 939  O  O   . HOH E 4 .   ? -1.437  -21.962 -2.625  1.00 23.52 ? 298 HOH A O   1 
HETATM 940  O  O   . HOH E 4 .   ? 4.954   6.436   12.828  1.00 22.59 ? 299 HOH A O   1 
HETATM 941  O  O   . HOH E 4 .   ? -0.461  4.642   16.538  1.00 24.35 ? 300 HOH A O   1 
HETATM 942  O  O   . HOH E 4 .   ? 8.161   15.642  -1.906  1.00 24.31 ? 301 HOH A O   1 
HETATM 943  O  O   . HOH E 4 .   ? -6.105  12.913  1.133   1.00 23.83 ? 302 HOH A O   1 
HETATM 944  O  O   . HOH E 4 .   ? -0.506  -6.218  9.172   1.00 24.61 ? 303 HOH A O   1 
HETATM 945  O  O   . HOH E 4 .   ? 0.016   16.251  13.089  1.00 22.93 ? 304 HOH A O   1 
HETATM 946  O  O   . HOH E 4 .   ? -11.955 -7.069  -8.907  1.00 22.99 ? 305 HOH A O   1 
HETATM 947  O  O   . HOH E 4 .   ? 11.525  10.989  1.861   1.00 23.45 ? 306 HOH A O   1 
HETATM 948  O  O   . HOH E 4 .   ? 11.148  14.478  -2.490  1.00 23.47 ? 307 HOH A O   1 
HETATM 949  O  O   . HOH E 4 .   ? -5.935  -1.321  -15.521 1.00 24.04 ? 308 HOH A O   1 
HETATM 950  O  O   . HOH E 4 .   ? -12.339 -15.049 6.959   1.00 24.07 ? 309 HOH A O   1 
HETATM 951  O  O   . HOH E 4 .   ? 1.770   19.844  -12.113 1.00 22.86 ? 310 HOH A O   1 
HETATM 952  O  O   . HOH E 4 .   ? 9.794   -7.900  7.907   0.50 24.55 ? 311 HOH A O   1 
HETATM 953  O  O   . HOH E 4 .   ? 1.868   17.703  -5.405  1.00 24.50 ? 312 HOH A O   1 
HETATM 954  O  O   . HOH E 4 .   ? -0.224  -3.642  9.999   1.00 24.22 ? 313 HOH A O   1 
HETATM 955  O  O   . HOH E 4 .   ? -11.245 -3.039  -7.822  1.00 22.30 ? 314 HOH A O   1 
HETATM 956  O  O   . HOH E 4 .   ? 6.222   -16.440 5.519   1.00 25.21 ? 315 HOH A O   1 
HETATM 957  O  O   . HOH E 4 .   ? 3.973   -21.864 3.974   1.00 23.78 ? 316 HOH A O   1 
HETATM 958  O  O   . HOH E 4 .   ? 7.603   18.596  -6.520  1.00 26.08 ? 317 HOH A O   1 
HETATM 959  O  O   . HOH E 4 .   ? -8.288  11.538  3.703   1.00 24.69 ? 318 HOH A O   1 
HETATM 960  O  O   . HOH E 4 .   ? -13.789 -9.272  0.976   1.00 24.17 ? 319 HOH A O   1 
HETATM 961  O  O   . HOH E 4 .   ? 7.114   14.101  8.351   1.00 24.99 ? 320 HOH A O   1 
HETATM 962  O  O   . HOH E 4 .   ? -11.241 7.813   -0.228  1.00 25.71 ? 321 HOH A O   1 
HETATM 963  O  O   . HOH E 4 .   ? -17.572 -16.723 -4.194  1.00 24.87 ? 322 HOH A O   1 
HETATM 964  O  O   . HOH E 4 .   ? -9.672  -8.940  -12.212 1.00 24.56 ? 323 HOH A O   1 
HETATM 965  O  O   . HOH E 4 .   ? -10.828 -0.144  -5.515  1.00 26.33 ? 324 HOH A O   1 
HETATM 966  O  O   . HOH E 4 .   ? 2.860   11.114  13.828  1.00 26.05 ? 325 HOH A O   1 
HETATM 967  O  O   . HOH E 4 .   ? 11.110  15.327  2.050   1.00 26.11 ? 326 HOH A O   1 
HETATM 968  O  O   . HOH E 4 .   ? -12.509 -11.068 -9.973  1.00 26.62 ? 327 HOH A O   1 
HETATM 969  O  O   . HOH E 4 .   ? -3.918  2.702   15.355  1.00 26.43 ? 328 HOH A O   1 
HETATM 970  O  O   . HOH E 4 .   ? -0.342  -14.469 6.223   1.00 26.81 ? 329 HOH A O   1 
HETATM 971  O  O   . HOH E 4 .   ? 0.893   -25.465 -4.406  1.00 25.38 ? 330 HOH A O   1 
HETATM 972  O  O   . HOH E 4 .   ? -0.134  1.814   15.641  1.00 26.73 ? 331 HOH A O   1 
HETATM 973  O  O   . HOH E 4 .   ? 5.403   20.174  9.913   1.00 24.72 ? 332 HOH A O   1 
HETATM 974  O  O   . HOH E 4 .   ? -0.306  -0.808  13.745  1.00 26.65 ? 333 HOH A O   1 
HETATM 975  O  O   . HOH E 4 .   ? -8.780  12.303  -0.220  1.00 25.29 ? 334 HOH A O   1 
HETATM 976  O  O   . HOH E 4 .   ? -15.141 -11.595 -2.240  1.00 27.64 ? 335 HOH A O   1 
HETATM 977  O  O   . HOH E 4 .   ? -14.104 -10.868 -5.502  1.00 26.19 ? 336 HOH A O   1 
HETATM 978  O  O   . HOH E 4 .   ? 6.874   11.803  12.565  1.00 28.34 ? 337 HOH A O   1 
HETATM 979  O  O   . HOH E 4 .   ? -0.788  -17.567 6.003   1.00 27.56 ? 338 HOH A O   1 
HETATM 980  O  O   . HOH E 4 .   ? -16.581 -13.673 -4.379  1.00 27.40 ? 339 HOH A O   1 
HETATM 981  O  O   . HOH E 4 .   ? 7.430   0.654   14.721  1.00 24.16 ? 340 HOH A O   1 
HETATM 982  O  O   . HOH E 4 .   ? 9.847   13.501  9.086   1.00 28.14 ? 341 HOH A O   1 
HETATM 983  O  O   . HOH E 4 .   ? 6.115   -22.536 1.071   1.00 28.36 ? 342 HOH A O   1 
HETATM 984  O  O   . HOH E 4 .   ? 6.406   -19.603 -4.459  1.00 28.73 ? 343 HOH A O   1 
HETATM 985  O  O   . HOH E 4 .   ? -4.035  -12.644 10.324  1.00 25.30 ? 344 HOH A O   1 
HETATM 986  O  O   . HOH E 4 .   ? -2.875  -14.516 6.761   1.00 28.55 ? 345 HOH A O   1 
HETATM 987  O  O   . HOH E 4 .   ? -3.269  -9.084  -18.532 1.00 24.55 ? 346 HOH A O   1 
HETATM 988  O  O   . HOH E 4 .   ? -3.386  0.182   12.896  1.00 27.91 ? 347 HOH A O   1 
HETATM 989  O  O   . HOH E 4 .   ? -18.983 -13.877 -6.823  1.00 29.30 ? 348 HOH A O   1 
HETATM 990  O  O   . HOH E 4 .   ? -5.449  18.544  -7.304  1.00 28.83 ? 349 HOH A O   1 
HETATM 991  O  O   . HOH E 4 .   ? -13.549 -10.971 9.667   1.00 29.00 ? 350 HOH A O   1 
HETATM 992  O  O   . HOH E 4 .   ? 1.873   -9.814  10.325  1.00 25.52 ? 351 HOH A O   1 
HETATM 993  O  O   . HOH E 4 .   ? -18.961 -12.812 -2.721  1.00 29.28 ? 352 HOH A O   1 
HETATM 994  O  O   . HOH E 4 .   ? 10.727  6.553   12.309  1.00 25.97 ? 353 HOH A O   1 
HETATM 995  O  O   . HOH E 4 .   ? -3.596  -23.431 3.849   1.00 26.71 ? 354 HOH A O   1 
HETATM 996  O  O   . HOH E 4 .   ? -2.715  18.910  4.257   1.00 25.88 ? 355 HOH A O   1 
HETATM 997  O  O   . HOH E 4 .   ? 9.913   18.041  -5.033  1.00 26.67 ? 356 HOH A O   1 
HETATM 998  O  O   . HOH E 4 .   ? 14.314  13.351  7.494   1.00 26.53 ? 357 HOH A O   1 
HETATM 999  O  O   . HOH E 4 .   ? -4.136  -15.982 -13.791 1.00 26.71 ? 358 HOH A O   1 
HETATM 1000 O  O   . HOH E 4 .   ? 0.167   9.993   13.400  1.00 27.49 ? 359 HOH A O   1 
HETATM 1001 O  O   . HOH E 4 .   ? -2.111  -7.066  11.405  1.00 26.85 ? 360 HOH A O   1 
HETATM 1002 O  O   . HOH E 4 .   ? -2.755  -2.886  10.618  1.00 27.71 ? 361 HOH A O   1 
HETATM 1003 O  O   . HOH E 4 .   ? -2.547  14.936  14.520  1.00 27.88 ? 362 HOH A O   1 
HETATM 1004 O  O   . HOH E 4 .   ? 5.843   20.037  4.079   1.00 27.40 ? 363 HOH A O   1 
HETATM 1005 O  O   . HOH E 4 .   ? -5.301  17.085  6.048   1.00 28.36 ? 364 HOH A O   1 
HETATM 1006 O  O   . HOH E 4 .   ? 6.574   -7.190  14.306  1.00 29.18 ? 365 HOH A O   1 
HETATM 1007 O  O   . HOH E 4 .   ? -2.803  19.967  6.975   1.00 28.75 ? 366 HOH A O   1 
HETATM 1008 O  O   . HOH E 4 .   ? -14.382 -6.407  -4.222  1.00 29.12 ? 367 HOH A O   1 
HETATM 1009 O  O   . HOH E 4 .   ? 12.234  16.934  -2.132  1.00 29.60 ? 368 HOH A O   1 
HETATM 1010 O  O   . HOH E 4 .   ? 5.440   -12.183 10.152  1.00 29.32 ? 369 HOH A O   1 
HETATM 1011 O  O   . HOH E 4 .   ? -9.502  -3.563  6.315   1.00 30.18 ? 370 HOH A O   1 
HETATM 1012 O  O   . HOH E 4 .   ? 1.863   -25.859 0.898   1.00 31.02 ? 371 HOH A O   1 
HETATM 1013 O  O   . HOH E 4 .   ? 3.624   -23.202 -2.319  1.00 30.83 ? 372 HOH A O   1 
HETATM 1014 O  O   . HOH E 4 .   ? -14.995 -11.695 0.574   1.00 31.18 ? 373 HOH A O   1 
HETATM 1015 O  O   . HOH E 4 .   ? -11.642 3.715   -3.860  1.00 31.25 ? 374 HOH A O   1 
HETATM 1016 O  O   . HOH E 4 .   ? 5.675   20.492  -9.578  1.00 32.03 ? 375 HOH A O   1 
HETATM 1017 O  O   . HOH E 4 .   ? 9.640   17.482  1.429   1.00 32.14 ? 376 HOH A O   1 
HETATM 1018 O  O   . HOH E 4 .   ? -5.348  13.184  3.742   1.00 32.36 ? 377 HOH A O   1 
HETATM 1019 O  O   . HOH E 4 .   ? -1.811  -25.179 -4.567  1.00 33.28 ? 378 HOH A O   1 
HETATM 1020 O  O   . HOH E 4 .   ? 3.096   6.269   14.843  1.00 27.32 ? 379 HOH A O   1 
HETATM 1021 O  O   . HOH E 4 .   ? 17.491  19.112  -7.139  1.00 28.45 ? 380 HOH A O   1 
HETATM 1022 O  O   . HOH E 4 .   ? 8.213   -20.865 1.636   1.00 27.45 ? 381 HOH A O   1 
HETATM 1023 O  O   . HOH E 4 .   ? -11.994 10.900  2.615   1.00 28.17 ? 382 HOH A O   1 
HETATM 1024 O  O   . HOH E 4 .   ? -9.338  -2.719  8.823   1.00 29.69 ? 383 HOH A O   1 
HETATM 1025 O  O   . HOH E 4 .   ? 1.315   -4.231  12.106  1.00 28.99 ? 384 HOH A O   1 
# 
